data_5TGE
# 
_entry.id   5TGE 
# 
_audit_conform.dict_name       mmcif_pdbx.dic 
_audit_conform.dict_version    5.387 
_audit_conform.dict_location   http://mmcif.pdb.org/dictionaries/ascii/mmcif_pdbx.dic 
# 
loop_
_database_2.database_id 
_database_2.database_code 
_database_2.pdbx_database_accession 
_database_2.pdbx_DOI 
PDB   5TGE         pdb_00005tge 10.2210/pdb5tge/pdb 
WWPDB D_1000224162 ?            ?                   
# 
loop_
_pdbx_audit_revision_history.ordinal 
_pdbx_audit_revision_history.data_content_type 
_pdbx_audit_revision_history.major_revision 
_pdbx_audit_revision_history.minor_revision 
_pdbx_audit_revision_history.revision_date 
1 'Structure model' 1 0 2017-01-25 
2 'Structure model' 1 1 2017-05-03 
3 'Structure model' 1 2 2024-03-06 
# 
_pdbx_audit_revision_details.ordinal             1 
_pdbx_audit_revision_details.revision_ordinal    1 
_pdbx_audit_revision_details.data_content_type   'Structure model' 
_pdbx_audit_revision_details.provider            repository 
_pdbx_audit_revision_details.type                'Initial release' 
_pdbx_audit_revision_details.description         ? 
_pdbx_audit_revision_details.details             ? 
# 
loop_
_pdbx_audit_revision_group.ordinal 
_pdbx_audit_revision_group.revision_ordinal 
_pdbx_audit_revision_group.data_content_type 
_pdbx_audit_revision_group.group 
1 2 'Structure model' 'Database references' 
2 3 'Structure model' 'Data collection'     
3 3 'Structure model' 'Database references' 
# 
loop_
_pdbx_audit_revision_category.ordinal 
_pdbx_audit_revision_category.revision_ordinal 
_pdbx_audit_revision_category.data_content_type 
_pdbx_audit_revision_category.category 
1 3 'Structure model' chem_comp_atom 
2 3 'Structure model' chem_comp_bond 
3 3 'Structure model' database_2     
# 
loop_
_pdbx_audit_revision_item.ordinal 
_pdbx_audit_revision_item.revision_ordinal 
_pdbx_audit_revision_item.data_content_type 
_pdbx_audit_revision_item.item 
1 3 'Structure model' '_database_2.pdbx_DOI'                
2 3 'Structure model' '_database_2.pdbx_database_accession' 
# 
_pdbx_database_status.status_code                     REL 
_pdbx_database_status.status_code_sf                  REL 
_pdbx_database_status.status_code_mr                  ? 
_pdbx_database_status.entry_id                        5TGE 
_pdbx_database_status.recvd_initial_deposition_date   2016-09-27 
_pdbx_database_status.SG_entry                        N 
_pdbx_database_status.deposit_site                    RCSB 
_pdbx_database_status.process_site                    RCSB 
_pdbx_database_status.status_code_cs                  ? 
_pdbx_database_status.methods_development_category    ? 
_pdbx_database_status.pdb_format_compatible           Y 
_pdbx_database_status.status_code_nmr_data            ? 
# 
loop_
_audit_author.name 
_audit_author.pdbx_ordinal 
'Hilbert, B.J.' 1 
'Hayes, J.A.'   2 
'Stone, N.P.'   3 
'Kelch, B.A.'   4 
# 
_citation.abstract                  ? 
_citation.abstract_id_CAS           ? 
_citation.book_id_ISBN              ? 
_citation.book_publisher            ? 
_citation.book_publisher_city       ? 
_citation.book_title                ? 
_citation.coordinate_linkage        ? 
_citation.country                   UK 
_citation.database_id_Medline       ? 
_citation.details                   ? 
_citation.id                        primary 
_citation.journal_abbrev            'Nucleic Acids Res.' 
_citation.journal_id_ASTM           NARHAD 
_citation.journal_id_CSD            0389 
_citation.journal_id_ISSN           1362-4962 
_citation.journal_full              ? 
_citation.journal_issue             ? 
_citation.journal_volume            45 
_citation.language                  ? 
_citation.page_first                3591 
_citation.page_last                 3605 
_citation.title                     
'The large terminase DNA packaging motor grips DNA with its ATPase domain for cleavage by the flexible nuclease domain.' 
_citation.year                      2017 
_citation.database_id_CSD           ? 
_citation.pdbx_database_id_DOI      10.1093/nar/gkw1356 
_citation.pdbx_database_id_PubMed   28082398 
_citation.unpublished_flag          ? 
# 
loop_
_citation_author.citation_id 
_citation_author.name 
_citation_author.ordinal 
_citation_author.identifier_ORCID 
primary 'Hilbert, B.J.' 1 ? 
primary 'Hayes, J.A.'   2 ? 
primary 'Stone, N.P.'   3 ? 
primary 'Xu, R.G.'      4 ? 
primary 'Kelch, B.A.'   5 ? 
# 
loop_
_entity.id 
_entity.type 
_entity.src_method 
_entity.pdbx_description 
_entity.formula_weight 
_entity.pdbx_number_of_molecules 
_entity.pdbx_ec 
_entity.pdbx_mutation 
_entity.pdbx_fragment 
_entity.details 
1 polymer man 'Phage terminase large subunit' 27849.109 1  ? ? 'residues 257-485' ? 
2 water   nat water                           18.015    97 ? ? ?                  ? 
# 
_entity_poly.entity_id                      1 
_entity_poly.type                           'polypeptide(L)' 
_entity_poly.nstd_linkage                   no 
_entity_poly.nstd_monomer                   no 
_entity_poly.pdbx_seq_one_letter_code       
;GPGGSMNSVFSGLDMLILLPYERRGTRLVVEDYRPDHIYCIGADFGKNQDYSVFSVLDLDTGAIVCLERMNGATWSDQVA
RLKALSEDYGHAYVVADTWGVGDAIAEELDAQGINYTPLPVKSSSVKEQLISNLALLMEKGQVAVPNDKTILDELRNFRY
YRTASGNQVMRAYGRGHDDIVMSLALAYSQYEGKDGYKFELAEERPSKLKHEESVMSLVEDDFTDLELANRAFSAGLEHH
HHHHHHHH
;
_entity_poly.pdbx_seq_one_letter_code_can   
;GPGGSMNSVFSGLDMLILLPYERRGTRLVVEDYRPDHIYCIGADFGKNQDYSVFSVLDLDTGAIVCLERMNGATWSDQVA
RLKALSEDYGHAYVVADTWGVGDAIAEELDAQGINYTPLPVKSSSVKEQLISNLALLMEKGQVAVPNDKTILDELRNFRY
YRTASGNQVMRAYGRGHDDIVMSLALAYSQYEGKDGYKFELAEERPSKLKHEESVMSLVEDDFTDLELANRAFSAGLEHH
HHHHHHHH
;
_entity_poly.pdbx_strand_id                 A 
_entity_poly.pdbx_target_identifier         ? 
# 
_pdbx_entity_nonpoly.entity_id   2 
_pdbx_entity_nonpoly.name        water 
_pdbx_entity_nonpoly.comp_id     HOH 
# 
loop_
_entity_poly_seq.entity_id 
_entity_poly_seq.num 
_entity_poly_seq.mon_id 
_entity_poly_seq.hetero 
1 1   GLY n 
1 2   PRO n 
1 3   GLY n 
1 4   GLY n 
1 5   SER n 
1 6   MET n 
1 7   ASN n 
1 8   SER n 
1 9   VAL n 
1 10  PHE n 
1 11  SER n 
1 12  GLY n 
1 13  LEU n 
1 14  ASP n 
1 15  MET n 
1 16  LEU n 
1 17  ILE n 
1 18  LEU n 
1 19  LEU n 
1 20  PRO n 
1 21  TYR n 
1 22  GLU n 
1 23  ARG n 
1 24  ARG n 
1 25  GLY n 
1 26  THR n 
1 27  ARG n 
1 28  LEU n 
1 29  VAL n 
1 30  VAL n 
1 31  GLU n 
1 32  ASP n 
1 33  TYR n 
1 34  ARG n 
1 35  PRO n 
1 36  ASP n 
1 37  HIS n 
1 38  ILE n 
1 39  TYR n 
1 40  CYS n 
1 41  ILE n 
1 42  GLY n 
1 43  ALA n 
1 44  ASP n 
1 45  PHE n 
1 46  GLY n 
1 47  LYS n 
1 48  ASN n 
1 49  GLN n 
1 50  ASP n 
1 51  TYR n 
1 52  SER n 
1 53  VAL n 
1 54  PHE n 
1 55  SER n 
1 56  VAL n 
1 57  LEU n 
1 58  ASP n 
1 59  LEU n 
1 60  ASP n 
1 61  THR n 
1 62  GLY n 
1 63  ALA n 
1 64  ILE n 
1 65  VAL n 
1 66  CYS n 
1 67  LEU n 
1 68  GLU n 
1 69  ARG n 
1 70  MET n 
1 71  ASN n 
1 72  GLY n 
1 73  ALA n 
1 74  THR n 
1 75  TRP n 
1 76  SER n 
1 77  ASP n 
1 78  GLN n 
1 79  VAL n 
1 80  ALA n 
1 81  ARG n 
1 82  LEU n 
1 83  LYS n 
1 84  ALA n 
1 85  LEU n 
1 86  SER n 
1 87  GLU n 
1 88  ASP n 
1 89  TYR n 
1 90  GLY n 
1 91  HIS n 
1 92  ALA n 
1 93  TYR n 
1 94  VAL n 
1 95  VAL n 
1 96  ALA n 
1 97  ASP n 
1 98  THR n 
1 99  TRP n 
1 100 GLY n 
1 101 VAL n 
1 102 GLY n 
1 103 ASP n 
1 104 ALA n 
1 105 ILE n 
1 106 ALA n 
1 107 GLU n 
1 108 GLU n 
1 109 LEU n 
1 110 ASP n 
1 111 ALA n 
1 112 GLN n 
1 113 GLY n 
1 114 ILE n 
1 115 ASN n 
1 116 TYR n 
1 117 THR n 
1 118 PRO n 
1 119 LEU n 
1 120 PRO n 
1 121 VAL n 
1 122 LYS n 
1 123 SER n 
1 124 SER n 
1 125 SER n 
1 126 VAL n 
1 127 LYS n 
1 128 GLU n 
1 129 GLN n 
1 130 LEU n 
1 131 ILE n 
1 132 SER n 
1 133 ASN n 
1 134 LEU n 
1 135 ALA n 
1 136 LEU n 
1 137 LEU n 
1 138 MET n 
1 139 GLU n 
1 140 LYS n 
1 141 GLY n 
1 142 GLN n 
1 143 VAL n 
1 144 ALA n 
1 145 VAL n 
1 146 PRO n 
1 147 ASN n 
1 148 ASP n 
1 149 LYS n 
1 150 THR n 
1 151 ILE n 
1 152 LEU n 
1 153 ASP n 
1 154 GLU n 
1 155 LEU n 
1 156 ARG n 
1 157 ASN n 
1 158 PHE n 
1 159 ARG n 
1 160 TYR n 
1 161 TYR n 
1 162 ARG n 
1 163 THR n 
1 164 ALA n 
1 165 SER n 
1 166 GLY n 
1 167 ASN n 
1 168 GLN n 
1 169 VAL n 
1 170 MET n 
1 171 ARG n 
1 172 ALA n 
1 173 TYR n 
1 174 GLY n 
1 175 ARG n 
1 176 GLY n 
1 177 HIS n 
1 178 ASP n 
1 179 ASP n 
1 180 ILE n 
1 181 VAL n 
1 182 MET n 
1 183 SER n 
1 184 LEU n 
1 185 ALA n 
1 186 LEU n 
1 187 ALA n 
1 188 TYR n 
1 189 SER n 
1 190 GLN n 
1 191 TYR n 
1 192 GLU n 
1 193 GLY n 
1 194 LYS n 
1 195 ASP n 
1 196 GLY n 
1 197 TYR n 
1 198 LYS n 
1 199 PHE n 
1 200 GLU n 
1 201 LEU n 
1 202 ALA n 
1 203 GLU n 
1 204 GLU n 
1 205 ARG n 
1 206 PRO n 
1 207 SER n 
1 208 LYS n 
1 209 LEU n 
1 210 LYS n 
1 211 HIS n 
1 212 GLU n 
1 213 GLU n 
1 214 SER n 
1 215 VAL n 
1 216 MET n 
1 217 SER n 
1 218 LEU n 
1 219 VAL n 
1 220 GLU n 
1 221 ASP n 
1 222 ASP n 
1 223 PHE n 
1 224 THR n 
1 225 ASP n 
1 226 LEU n 
1 227 GLU n 
1 228 LEU n 
1 229 ALA n 
1 230 ASN n 
1 231 ARG n 
1 232 ALA n 
1 233 PHE n 
1 234 SER n 
1 235 ALA n 
1 236 GLY n 
1 237 LEU n 
1 238 GLU n 
1 239 HIS n 
1 240 HIS n 
1 241 HIS n 
1 242 HIS n 
1 243 HIS n 
1 244 HIS n 
1 245 HIS n 
1 246 HIS n 
1 247 HIS n 
1 248 HIS n 
# 
_entity_src_gen.entity_id                          1 
_entity_src_gen.pdbx_src_id                        1 
_entity_src_gen.pdbx_alt_source_flag               sample 
_entity_src_gen.pdbx_seq_type                      'Biological sequence' 
_entity_src_gen.pdbx_beg_seq_num                   1 
_entity_src_gen.pdbx_end_seq_num                   248 
_entity_src_gen.gene_src_common_name               ? 
_entity_src_gen.gene_src_genus                     ? 
_entity_src_gen.pdbx_gene_src_gene                 P74p84 
_entity_src_gen.gene_src_species                   ? 
_entity_src_gen.gene_src_strain                    ? 
_entity_src_gen.gene_src_tissue                    ? 
_entity_src_gen.gene_src_tissue_fraction           ? 
_entity_src_gen.gene_src_details                   'synthetic construct' 
_entity_src_gen.pdbx_gene_src_fragment             ? 
_entity_src_gen.pdbx_gene_src_scientific_name      'Thermus phage P7426' 
_entity_src_gen.pdbx_gene_src_ncbi_taxonomy_id     466052 
_entity_src_gen.pdbx_gene_src_variant              ? 
_entity_src_gen.pdbx_gene_src_cell_line            ? 
_entity_src_gen.pdbx_gene_src_atcc                 ? 
_entity_src_gen.pdbx_gene_src_organ                ? 
_entity_src_gen.pdbx_gene_src_organelle            ? 
_entity_src_gen.pdbx_gene_src_cell                 ? 
_entity_src_gen.pdbx_gene_src_cellular_location    ? 
_entity_src_gen.host_org_common_name               ? 
_entity_src_gen.pdbx_host_org_scientific_name      'Escherichia coli' 
_entity_src_gen.pdbx_host_org_ncbi_taxonomy_id     562 
_entity_src_gen.host_org_genus                     ? 
_entity_src_gen.pdbx_host_org_gene                 ? 
_entity_src_gen.pdbx_host_org_organ                ? 
_entity_src_gen.host_org_species                   ? 
_entity_src_gen.pdbx_host_org_tissue               ? 
_entity_src_gen.pdbx_host_org_tissue_fraction      ? 
_entity_src_gen.pdbx_host_org_strain               BLR-DE3 
_entity_src_gen.pdbx_host_org_variant              ? 
_entity_src_gen.pdbx_host_org_cell_line            ? 
_entity_src_gen.pdbx_host_org_atcc                 ? 
_entity_src_gen.pdbx_host_org_culture_collection   ? 
_entity_src_gen.pdbx_host_org_cell                 ? 
_entity_src_gen.pdbx_host_org_organelle            ? 
_entity_src_gen.pdbx_host_org_cellular_location    ? 
_entity_src_gen.pdbx_host_org_vector_type          plasmid 
_entity_src_gen.pdbx_host_org_vector               ? 
_entity_src_gen.host_org_details                   'Thrombin site replaced by prescission protease site' 
_entity_src_gen.expression_system_id               ? 
_entity_src_gen.plasmid_name                       pET28 
_entity_src_gen.plasmid_details                    ? 
_entity_src_gen.pdbx_description                   ? 
# 
loop_
_chem_comp.id 
_chem_comp.type 
_chem_comp.mon_nstd_flag 
_chem_comp.name 
_chem_comp.pdbx_synonyms 
_chem_comp.formula 
_chem_comp.formula_weight 
ALA 'L-peptide linking' y ALANINE         ? 'C3 H7 N O2'     89.093  
ARG 'L-peptide linking' y ARGININE        ? 'C6 H15 N4 O2 1' 175.209 
ASN 'L-peptide linking' y ASPARAGINE      ? 'C4 H8 N2 O3'    132.118 
ASP 'L-peptide linking' y 'ASPARTIC ACID' ? 'C4 H7 N O4'     133.103 
CYS 'L-peptide linking' y CYSTEINE        ? 'C3 H7 N O2 S'   121.158 
GLN 'L-peptide linking' y GLUTAMINE       ? 'C5 H10 N2 O3'   146.144 
GLU 'L-peptide linking' y 'GLUTAMIC ACID' ? 'C5 H9 N O4'     147.129 
GLY 'peptide linking'   y GLYCINE         ? 'C2 H5 N O2'     75.067  
HIS 'L-peptide linking' y HISTIDINE       ? 'C6 H10 N3 O2 1' 156.162 
HOH non-polymer         . WATER           ? 'H2 O'           18.015  
ILE 'L-peptide linking' y ISOLEUCINE      ? 'C6 H13 N O2'    131.173 
LEU 'L-peptide linking' y LEUCINE         ? 'C6 H13 N O2'    131.173 
LYS 'L-peptide linking' y LYSINE          ? 'C6 H15 N2 O2 1' 147.195 
MET 'L-peptide linking' y METHIONINE      ? 'C5 H11 N O2 S'  149.211 
PHE 'L-peptide linking' y PHENYLALANINE   ? 'C9 H11 N O2'    165.189 
PRO 'L-peptide linking' y PROLINE         ? 'C5 H9 N O2'     115.130 
SER 'L-peptide linking' y SERINE          ? 'C3 H7 N O3'     105.093 
THR 'L-peptide linking' y THREONINE       ? 'C4 H9 N O3'     119.119 
TRP 'L-peptide linking' y TRYPTOPHAN      ? 'C11 H12 N2 O2'  204.225 
TYR 'L-peptide linking' y TYROSINE        ? 'C9 H11 N O3'    181.189 
VAL 'L-peptide linking' y VALINE          ? 'C5 H11 N O2'    117.146 
# 
loop_
_pdbx_poly_seq_scheme.asym_id 
_pdbx_poly_seq_scheme.entity_id 
_pdbx_poly_seq_scheme.seq_id 
_pdbx_poly_seq_scheme.mon_id 
_pdbx_poly_seq_scheme.ndb_seq_num 
_pdbx_poly_seq_scheme.pdb_seq_num 
_pdbx_poly_seq_scheme.auth_seq_num 
_pdbx_poly_seq_scheme.pdb_mon_id 
_pdbx_poly_seq_scheme.auth_mon_id 
_pdbx_poly_seq_scheme.pdb_strand_id 
_pdbx_poly_seq_scheme.pdb_ins_code 
_pdbx_poly_seq_scheme.hetero 
A 1 1   GLY 1   251 ?   ?   ?   A . n 
A 1 2   PRO 2   252 ?   ?   ?   A . n 
A 1 3   GLY 3   253 ?   ?   ?   A . n 
A 1 4   GLY 4   254 ?   ?   ?   A . n 
A 1 5   SER 5   255 ?   ?   ?   A . n 
A 1 6   MET 6   256 ?   ?   ?   A . n 
A 1 7   ASN 7   257 257 ASN ASN A . n 
A 1 8   SER 8   258 258 SER SER A . n 
A 1 9   VAL 9   259 259 VAL VAL A . n 
A 1 10  PHE 10  260 260 PHE PHE A . n 
A 1 11  SER 11  261 261 SER SER A . n 
A 1 12  GLY 12  262 262 GLY GLY A . n 
A 1 13  LEU 13  263 263 LEU LEU A . n 
A 1 14  ASP 14  264 264 ASP ASP A . n 
A 1 15  MET 15  265 265 MET MET A . n 
A 1 16  LEU 16  266 266 LEU LEU A . n 
A 1 17  ILE 17  267 267 ILE ILE A . n 
A 1 18  LEU 18  268 268 LEU LEU A . n 
A 1 19  LEU 19  269 269 LEU LEU A . n 
A 1 20  PRO 20  270 270 PRO PRO A . n 
A 1 21  TYR 21  271 271 TYR TYR A . n 
A 1 22  GLU 22  272 272 GLU GLU A . n 
A 1 23  ARG 23  273 273 ARG ARG A . n 
A 1 24  ARG 24  274 274 ARG ARG A . n 
A 1 25  GLY 25  275 275 GLY GLY A . n 
A 1 26  THR 26  276 276 THR THR A . n 
A 1 27  ARG 27  277 277 ARG ARG A . n 
A 1 28  LEU 28  278 278 LEU LEU A . n 
A 1 29  VAL 29  279 279 VAL VAL A . n 
A 1 30  VAL 30  280 280 VAL VAL A . n 
A 1 31  GLU 31  281 281 GLU GLU A . n 
A 1 32  ASP 32  282 282 ASP ASP A . n 
A 1 33  TYR 33  283 283 TYR TYR A . n 
A 1 34  ARG 34  284 284 ARG ARG A . n 
A 1 35  PRO 35  285 285 PRO PRO A . n 
A 1 36  ASP 36  286 286 ASP ASP A . n 
A 1 37  HIS 37  287 287 HIS HIS A . n 
A 1 38  ILE 38  288 288 ILE ILE A . n 
A 1 39  TYR 39  289 289 TYR TYR A . n 
A 1 40  CYS 40  290 290 CYS CYS A . n 
A 1 41  ILE 41  291 291 ILE ILE A . n 
A 1 42  GLY 42  292 292 GLY GLY A . n 
A 1 43  ALA 43  293 293 ALA ALA A . n 
A 1 44  ASP 44  294 294 ASP ASP A . n 
A 1 45  PHE 45  295 295 PHE PHE A . n 
A 1 46  GLY 46  296 296 GLY GLY A . n 
A 1 47  LYS 47  297 297 LYS LYS A . n 
A 1 48  ASN 48  298 298 ASN ASN A . n 
A 1 49  GLN 49  299 299 GLN GLN A . n 
A 1 50  ASP 50  300 300 ASP ASP A . n 
A 1 51  TYR 51  301 301 TYR TYR A . n 
A 1 52  SER 52  302 302 SER SER A . n 
A 1 53  VAL 53  303 303 VAL VAL A . n 
A 1 54  PHE 54  304 304 PHE PHE A . n 
A 1 55  SER 55  305 305 SER SER A . n 
A 1 56  VAL 56  306 306 VAL VAL A . n 
A 1 57  LEU 57  307 307 LEU LEU A . n 
A 1 58  ASP 58  308 308 ASP ASP A . n 
A 1 59  LEU 59  309 309 LEU LEU A . n 
A 1 60  ASP 60  310 310 ASP ASP A . n 
A 1 61  THR 61  311 311 THR THR A . n 
A 1 62  GLY 62  312 312 GLY GLY A . n 
A 1 63  ALA 63  313 313 ALA ALA A . n 
A 1 64  ILE 64  314 314 ILE ILE A . n 
A 1 65  VAL 65  315 315 VAL VAL A . n 
A 1 66  CYS 66  316 316 CYS CYS A . n 
A 1 67  LEU 67  317 317 LEU LEU A . n 
A 1 68  GLU 68  318 318 GLU GLU A . n 
A 1 69  ARG 69  319 319 ARG ARG A . n 
A 1 70  MET 70  320 320 MET MET A . n 
A 1 71  ASN 71  321 321 ASN ASN A . n 
A 1 72  GLY 72  322 322 GLY GLY A . n 
A 1 73  ALA 73  323 323 ALA ALA A . n 
A 1 74  THR 74  324 324 THR THR A . n 
A 1 75  TRP 75  325 325 TRP TRP A . n 
A 1 76  SER 76  326 326 SER SER A . n 
A 1 77  ASP 77  327 327 ASP ASP A . n 
A 1 78  GLN 78  328 328 GLN GLN A . n 
A 1 79  VAL 79  329 329 VAL VAL A . n 
A 1 80  ALA 80  330 330 ALA ALA A . n 
A 1 81  ARG 81  331 331 ARG ARG A . n 
A 1 82  LEU 82  332 332 LEU LEU A . n 
A 1 83  LYS 83  333 333 LYS LYS A . n 
A 1 84  ALA 84  334 334 ALA ALA A . n 
A 1 85  LEU 85  335 335 LEU LEU A . n 
A 1 86  SER 86  336 336 SER SER A . n 
A 1 87  GLU 87  337 337 GLU GLU A . n 
A 1 88  ASP 88  338 338 ASP ASP A . n 
A 1 89  TYR 89  339 339 TYR TYR A . n 
A 1 90  GLY 90  340 340 GLY GLY A . n 
A 1 91  HIS 91  341 341 HIS HIS A . n 
A 1 92  ALA 92  342 342 ALA ALA A . n 
A 1 93  TYR 93  343 343 TYR TYR A . n 
A 1 94  VAL 94  344 344 VAL VAL A . n 
A 1 95  VAL 95  345 345 VAL VAL A . n 
A 1 96  ALA 96  346 346 ALA ALA A . n 
A 1 97  ASP 97  347 347 ASP ASP A . n 
A 1 98  THR 98  348 348 THR THR A . n 
A 1 99  TRP 99  349 349 TRP TRP A . n 
A 1 100 GLY 100 350 ?   ?   ?   A . n 
A 1 101 VAL 101 351 ?   ?   ?   A . n 
A 1 102 GLY 102 352 ?   ?   ?   A . n 
A 1 103 ASP 103 353 353 ASP ASP A . n 
A 1 104 ALA 104 354 354 ALA ALA A . n 
A 1 105 ILE 105 355 355 ILE ILE A . n 
A 1 106 ALA 106 356 356 ALA ALA A . n 
A 1 107 GLU 107 357 357 GLU GLU A . n 
A 1 108 GLU 108 358 358 GLU GLU A . n 
A 1 109 LEU 109 359 359 LEU LEU A . n 
A 1 110 ASP 110 360 360 ASP ASP A . n 
A 1 111 ALA 111 361 361 ALA ALA A . n 
A 1 112 GLN 112 362 362 GLN GLN A . n 
A 1 113 GLY 113 363 363 GLY GLY A . n 
A 1 114 ILE 114 364 364 ILE ILE A . n 
A 1 115 ASN 115 365 365 ASN ASN A . n 
A 1 116 TYR 116 366 366 TYR TYR A . n 
A 1 117 THR 117 367 367 THR THR A . n 
A 1 118 PRO 118 368 368 PRO PRO A . n 
A 1 119 LEU 119 369 369 LEU LEU A . n 
A 1 120 PRO 120 370 370 PRO PRO A . n 
A 1 121 VAL 121 371 371 VAL VAL A . n 
A 1 122 LYS 122 372 372 LYS LYS A . n 
A 1 123 SER 123 373 373 SER SER A . n 
A 1 124 SER 124 374 374 SER SER A . n 
A 1 125 SER 125 375 375 SER SER A . n 
A 1 126 VAL 126 376 376 VAL VAL A . n 
A 1 127 LYS 127 377 377 LYS LYS A . n 
A 1 128 GLU 128 378 378 GLU GLU A . n 
A 1 129 GLN 129 379 379 GLN GLN A . n 
A 1 130 LEU 130 380 380 LEU LEU A . n 
A 1 131 ILE 131 381 381 ILE ILE A . n 
A 1 132 SER 132 382 382 SER SER A . n 
A 1 133 ASN 133 383 383 ASN ASN A . n 
A 1 134 LEU 134 384 384 LEU LEU A . n 
A 1 135 ALA 135 385 385 ALA ALA A . n 
A 1 136 LEU 136 386 386 LEU LEU A . n 
A 1 137 LEU 137 387 387 LEU LEU A . n 
A 1 138 MET 138 388 388 MET MET A . n 
A 1 139 GLU 139 389 389 GLU GLU A . n 
A 1 140 LYS 140 390 390 LYS LYS A . n 
A 1 141 GLY 141 391 391 GLY GLY A . n 
A 1 142 GLN 142 392 392 GLN GLN A . n 
A 1 143 VAL 143 393 393 VAL VAL A . n 
A 1 144 ALA 144 394 394 ALA ALA A . n 
A 1 145 VAL 145 395 395 VAL VAL A . n 
A 1 146 PRO 146 396 396 PRO PRO A . n 
A 1 147 ASN 147 397 397 ASN ASN A . n 
A 1 148 ASP 148 398 398 ASP ASP A . n 
A 1 149 LYS 149 399 399 LYS LYS A . n 
A 1 150 THR 150 400 400 THR THR A . n 
A 1 151 ILE 151 401 401 ILE ILE A . n 
A 1 152 LEU 152 402 402 LEU LEU A . n 
A 1 153 ASP 153 403 403 ASP ASP A . n 
A 1 154 GLU 154 404 404 GLU GLU A . n 
A 1 155 LEU 155 405 405 LEU LEU A . n 
A 1 156 ARG 156 406 406 ARG ARG A . n 
A 1 157 ASN 157 407 407 ASN ASN A . n 
A 1 158 PHE 158 408 408 PHE PHE A . n 
A 1 159 ARG 159 409 409 ARG ARG A . n 
A 1 160 TYR 160 410 410 TYR TYR A . n 
A 1 161 TYR 161 411 411 TYR TYR A . n 
A 1 162 ARG 162 412 412 ARG ARG A . n 
A 1 163 THR 163 413 413 THR THR A . n 
A 1 164 ALA 164 414 414 ALA ALA A . n 
A 1 165 SER 165 415 415 SER SER A . n 
A 1 166 GLY 166 416 416 GLY GLY A . n 
A 1 167 ASN 167 417 417 ASN ASN A . n 
A 1 168 GLN 168 418 418 GLN GLN A . n 
A 1 169 VAL 169 419 419 VAL VAL A . n 
A 1 170 MET 170 420 420 MET MET A . n 
A 1 171 ARG 171 421 421 ARG ARG A . n 
A 1 172 ALA 172 422 422 ALA ALA A . n 
A 1 173 TYR 173 423 423 TYR TYR A . n 
A 1 174 GLY 174 424 424 GLY GLY A . n 
A 1 175 ARG 175 425 425 ARG ARG A . n 
A 1 176 GLY 176 426 426 GLY GLY A . n 
A 1 177 HIS 177 427 427 HIS HIS A . n 
A 1 178 ASP 178 428 428 ASP ASP A . n 
A 1 179 ASP 179 429 429 ASP ASP A . n 
A 1 180 ILE 180 430 430 ILE ILE A . n 
A 1 181 VAL 181 431 431 VAL VAL A . n 
A 1 182 MET 182 432 432 MET MET A . n 
A 1 183 SER 183 433 433 SER SER A . n 
A 1 184 LEU 184 434 434 LEU LEU A . n 
A 1 185 ALA 185 435 435 ALA ALA A . n 
A 1 186 LEU 186 436 436 LEU LEU A . n 
A 1 187 ALA 187 437 437 ALA ALA A . n 
A 1 188 TYR 188 438 438 TYR TYR A . n 
A 1 189 SER 189 439 439 SER SER A . n 
A 1 190 GLN 190 440 440 GLN GLN A . n 
A 1 191 TYR 191 441 441 TYR TYR A . n 
A 1 192 GLU 192 442 442 GLU GLU A . n 
A 1 193 GLY 193 443 443 GLY GLY A . n 
A 1 194 LYS 194 444 444 LYS LYS A . n 
A 1 195 ASP 195 445 445 ASP ASP A . n 
A 1 196 GLY 196 446 446 GLY GLY A . n 
A 1 197 TYR 197 447 447 TYR TYR A . n 
A 1 198 LYS 198 448 448 LYS LYS A . n 
A 1 199 PHE 199 449 449 PHE PHE A . n 
A 1 200 GLU 200 450 ?   ?   ?   A . n 
A 1 201 LEU 201 451 ?   ?   ?   A . n 
A 1 202 ALA 202 452 ?   ?   ?   A . n 
A 1 203 GLU 203 453 ?   ?   ?   A . n 
A 1 204 GLU 204 454 ?   ?   ?   A . n 
A 1 205 ARG 205 455 ?   ?   ?   A . n 
A 1 206 PRO 206 456 ?   ?   ?   A . n 
A 1 207 SER 207 457 ?   ?   ?   A . n 
A 1 208 LYS 208 458 ?   ?   ?   A . n 
A 1 209 LEU 209 459 ?   ?   ?   A . n 
A 1 210 LYS 210 460 ?   ?   ?   A . n 
A 1 211 HIS 211 461 ?   ?   ?   A . n 
A 1 212 GLU 212 462 ?   ?   ?   A . n 
A 1 213 GLU 213 463 ?   ?   ?   A . n 
A 1 214 SER 214 464 ?   ?   ?   A . n 
A 1 215 VAL 215 465 ?   ?   ?   A . n 
A 1 216 MET 216 466 ?   ?   ?   A . n 
A 1 217 SER 217 467 ?   ?   ?   A . n 
A 1 218 LEU 218 468 ?   ?   ?   A . n 
A 1 219 VAL 219 469 ?   ?   ?   A . n 
A 1 220 GLU 220 470 ?   ?   ?   A . n 
A 1 221 ASP 221 471 ?   ?   ?   A . n 
A 1 222 ASP 222 472 ?   ?   ?   A . n 
A 1 223 PHE 223 473 ?   ?   ?   A . n 
A 1 224 THR 224 474 ?   ?   ?   A . n 
A 1 225 ASP 225 475 ?   ?   ?   A . n 
A 1 226 LEU 226 476 ?   ?   ?   A . n 
A 1 227 GLU 227 477 ?   ?   ?   A . n 
A 1 228 LEU 228 478 ?   ?   ?   A . n 
A 1 229 ALA 229 479 ?   ?   ?   A . n 
A 1 230 ASN 230 480 ?   ?   ?   A . n 
A 1 231 ARG 231 481 ?   ?   ?   A . n 
A 1 232 ALA 232 482 ?   ?   ?   A . n 
A 1 233 PHE 233 483 ?   ?   ?   A . n 
A 1 234 SER 234 484 ?   ?   ?   A . n 
A 1 235 ALA 235 485 ?   ?   ?   A . n 
A 1 236 GLY 236 486 ?   ?   ?   A . n 
A 1 237 LEU 237 487 ?   ?   ?   A . n 
A 1 238 GLU 238 488 ?   ?   ?   A . n 
A 1 239 HIS 239 489 ?   ?   ?   A . n 
A 1 240 HIS 240 490 ?   ?   ?   A . n 
A 1 241 HIS 241 491 ?   ?   ?   A . n 
A 1 242 HIS 242 492 ?   ?   ?   A . n 
A 1 243 HIS 243 493 ?   ?   ?   A . n 
A 1 244 HIS 244 494 ?   ?   ?   A . n 
A 1 245 HIS 245 495 ?   ?   ?   A . n 
A 1 246 HIS 246 496 ?   ?   ?   A . n 
A 1 247 HIS 247 497 ?   ?   ?   A . n 
A 1 248 HIS 248 498 ?   ?   ?   A . n 
# 
loop_
_pdbx_nonpoly_scheme.asym_id 
_pdbx_nonpoly_scheme.entity_id 
_pdbx_nonpoly_scheme.mon_id 
_pdbx_nonpoly_scheme.ndb_seq_num 
_pdbx_nonpoly_scheme.pdb_seq_num 
_pdbx_nonpoly_scheme.auth_seq_num 
_pdbx_nonpoly_scheme.pdb_mon_id 
_pdbx_nonpoly_scheme.auth_mon_id 
_pdbx_nonpoly_scheme.pdb_strand_id 
_pdbx_nonpoly_scheme.pdb_ins_code 
B 2 HOH 1  501 24 HOH HOH A . 
B 2 HOH 2  502 2  HOH HOH A . 
B 2 HOH 3  503 13 HOH HOH A . 
B 2 HOH 4  504 3  HOH HOH A . 
B 2 HOH 5  505 99 HOH HOH A . 
B 2 HOH 6  506 21 HOH HOH A . 
B 2 HOH 7  507 20 HOH HOH A . 
B 2 HOH 8  508 62 HOH HOH A . 
B 2 HOH 9  509 59 HOH HOH A . 
B 2 HOH 10 510 28 HOH HOH A . 
B 2 HOH 11 511 37 HOH HOH A . 
B 2 HOH 12 512 12 HOH HOH A . 
B 2 HOH 13 513 42 HOH HOH A . 
B 2 HOH 14 514 18 HOH HOH A . 
B 2 HOH 15 515 48 HOH HOH A . 
B 2 HOH 16 516 33 HOH HOH A . 
B 2 HOH 17 517 7  HOH HOH A . 
B 2 HOH 18 518 29 HOH HOH A . 
B 2 HOH 19 519 41 HOH HOH A . 
B 2 HOH 20 520 31 HOH HOH A . 
B 2 HOH 21 521 6  HOH HOH A . 
B 2 HOH 22 522 4  HOH HOH A . 
B 2 HOH 23 523 11 HOH HOH A . 
B 2 HOH 24 524 26 HOH HOH A . 
B 2 HOH 25 525 1  HOH HOH A . 
B 2 HOH 26 526 22 HOH HOH A . 
B 2 HOH 27 527 10 HOH HOH A . 
B 2 HOH 28 528 63 HOH HOH A . 
B 2 HOH 29 529 15 HOH HOH A . 
B 2 HOH 30 530 53 HOH HOH A . 
B 2 HOH 31 531 19 HOH HOH A . 
B 2 HOH 32 532 17 HOH HOH A . 
B 2 HOH 33 533 8  HOH HOH A . 
B 2 HOH 34 534 23 HOH HOH A . 
B 2 HOH 35 535 27 HOH HOH A . 
B 2 HOH 36 536 44 HOH HOH A . 
B 2 HOH 37 537 16 HOH HOH A . 
B 2 HOH 38 538 47 HOH HOH A . 
B 2 HOH 39 539 52 HOH HOH A . 
B 2 HOH 40 540 60 HOH HOH A . 
B 2 HOH 41 541 49 HOH HOH A . 
B 2 HOH 42 542 89 HOH HOH A . 
B 2 HOH 43 543 57 HOH HOH A . 
B 2 HOH 44 544 54 HOH HOH A . 
B 2 HOH 45 545 85 HOH HOH A . 
B 2 HOH 46 546 94 HOH HOH A . 
B 2 HOH 47 547 67 HOH HOH A . 
B 2 HOH 48 548 32 HOH HOH A . 
B 2 HOH 49 549 9  HOH HOH A . 
B 2 HOH 50 550 34 HOH HOH A . 
B 2 HOH 51 551 14 HOH HOH A . 
B 2 HOH 52 552 30 HOH HOH A . 
B 2 HOH 53 553 51 HOH HOH A . 
B 2 HOH 54 554 55 HOH HOH A . 
B 2 HOH 55 555 84 HOH HOH A . 
B 2 HOH 56 556 46 HOH HOH A . 
B 2 HOH 57 557 69 HOH HOH A . 
B 2 HOH 58 558 5  HOH HOH A . 
B 2 HOH 59 559 36 HOH HOH A . 
B 2 HOH 60 560 93 HOH HOH A . 
B 2 HOH 61 561 83 HOH HOH A . 
B 2 HOH 62 562 65 HOH HOH A . 
B 2 HOH 63 563 43 HOH HOH A . 
B 2 HOH 64 564 95 HOH HOH A . 
B 2 HOH 65 565 73 HOH HOH A . 
B 2 HOH 66 566 25 HOH HOH A . 
B 2 HOH 67 567 88 HOH HOH A . 
B 2 HOH 68 568 80 HOH HOH A . 
B 2 HOH 69 569 40 HOH HOH A . 
B 2 HOH 70 570 66 HOH HOH A . 
B 2 HOH 71 571 87 HOH HOH A . 
B 2 HOH 72 572 97 HOH HOH A . 
B 2 HOH 73 573 72 HOH HOH A . 
B 2 HOH 74 574 96 HOH HOH A . 
B 2 HOH 75 575 74 HOH HOH A . 
B 2 HOH 76 576 39 HOH HOH A . 
B 2 HOH 77 577 56 HOH HOH A . 
B 2 HOH 78 578 38 HOH HOH A . 
B 2 HOH 79 579 92 HOH HOH A . 
B 2 HOH 80 580 64 HOH HOH A . 
B 2 HOH 81 581 50 HOH HOH A . 
B 2 HOH 82 582 90 HOH HOH A . 
B 2 HOH 83 583 91 HOH HOH A . 
B 2 HOH 84 584 82 HOH HOH A . 
B 2 HOH 85 585 81 HOH HOH A . 
B 2 HOH 86 586 71 HOH HOH A . 
B 2 HOH 87 587 45 HOH HOH A . 
B 2 HOH 88 588 79 HOH HOH A . 
B 2 HOH 89 589 86 HOH HOH A . 
B 2 HOH 90 590 61 HOH HOH A . 
B 2 HOH 91 591 98 HOH HOH A . 
B 2 HOH 92 592 35 HOH HOH A . 
B 2 HOH 93 593 58 HOH HOH A . 
B 2 HOH 94 594 70 HOH HOH A . 
B 2 HOH 95 595 77 HOH HOH A . 
B 2 HOH 96 596 75 HOH HOH A . 
B 2 HOH 97 597 68 HOH HOH A . 
# 
loop_
_software.citation_id 
_software.classification 
_software.compiler_name 
_software.compiler_version 
_software.contact_author 
_software.contact_author_email 
_software.date 
_software.description 
_software.dependencies 
_software.hardware 
_software.language 
_software.location 
_software.mods 
_software.name 
_software.os 
_software.os_version 
_software.type 
_software.version 
_software.pdbx_ordinal 
? refinement       ? ? ? ? ? ? ? ? ? ? ? PHENIX   ? ? ? '(1.10_2155)' 1 
? 'data reduction' ? ? ? ? ? ? ? ? ? ? ? HKL-3000 ? ? ? .             2 
? 'data scaling'   ? ? ? ? ? ? ? ? ? ? ? HKL-3000 ? ? ? .             3 
? phasing          ? ? ? ? ? ? ? ? ? ? ? PHENIX   ? ? ? '(1.10_2155)' 4 
# 
_cell.angle_alpha                  90.00 
_cell.angle_alpha_esd              ? 
_cell.angle_beta                   90.00 
_cell.angle_beta_esd               ? 
_cell.angle_gamma                  90.00 
_cell.angle_gamma_esd              ? 
_cell.entry_id                     5TGE 
_cell.details                      ? 
_cell.formula_units_Z              ? 
_cell.length_a                     71.370 
_cell.length_a_esd                 ? 
_cell.length_b                     71.370 
_cell.length_b_esd                 ? 
_cell.length_c                     127.320 
_cell.length_c_esd                 ? 
_cell.volume                       ? 
_cell.volume_esd                   ? 
_cell.Z_PDB                        8 
_cell.reciprocal_angle_alpha       ? 
_cell.reciprocal_angle_beta        ? 
_cell.reciprocal_angle_gamma       ? 
_cell.reciprocal_angle_alpha_esd   ? 
_cell.reciprocal_angle_beta_esd    ? 
_cell.reciprocal_angle_gamma_esd   ? 
_cell.reciprocal_length_a          ? 
_cell.reciprocal_length_b          ? 
_cell.reciprocal_length_c          ? 
_cell.reciprocal_length_a_esd      ? 
_cell.reciprocal_length_b_esd      ? 
_cell.reciprocal_length_c_esd      ? 
_cell.pdbx_unique_axis             ? 
# 
_symmetry.entry_id                         5TGE 
_symmetry.cell_setting                     ? 
_symmetry.Int_Tables_number                96 
_symmetry.space_group_name_Hall            ? 
_symmetry.space_group_name_H-M             'P 43 21 2' 
_symmetry.pdbx_full_space_group_name_H-M   ? 
# 
_exptl.absorpt_coefficient_mu     ? 
_exptl.absorpt_correction_T_max   ? 
_exptl.absorpt_correction_T_min   ? 
_exptl.absorpt_correction_type    ? 
_exptl.absorpt_process_details    ? 
_exptl.entry_id                   5TGE 
_exptl.crystals_number            1 
_exptl.details                    ? 
_exptl.method                     'X-RAY DIFFRACTION' 
_exptl.method_details             ? 
# 
_exptl_crystal.colour                      ? 
_exptl_crystal.density_diffrn              ? 
_exptl_crystal.density_Matthews            2.91 
_exptl_crystal.density_method              ? 
_exptl_crystal.density_percent_sol         57.7 
_exptl_crystal.description                 ? 
_exptl_crystal.F_000                       ? 
_exptl_crystal.id                          1 
_exptl_crystal.preparation                 ? 
_exptl_crystal.size_max                    ? 
_exptl_crystal.size_mid                    ? 
_exptl_crystal.size_min                    ? 
_exptl_crystal.size_rad                    ? 
_exptl_crystal.colour_lustre               ? 
_exptl_crystal.colour_modifier             ? 
_exptl_crystal.colour_primary              ? 
_exptl_crystal.density_meas                ? 
_exptl_crystal.density_meas_esd            ? 
_exptl_crystal.density_meas_gt             ? 
_exptl_crystal.density_meas_lt             ? 
_exptl_crystal.density_meas_temp           ? 
_exptl_crystal.density_meas_temp_esd       ? 
_exptl_crystal.density_meas_temp_gt        ? 
_exptl_crystal.density_meas_temp_lt        ? 
_exptl_crystal.pdbx_crystal_image_url      ? 
_exptl_crystal.pdbx_crystal_image_format   ? 
_exptl_crystal.pdbx_mosaicity              ? 
_exptl_crystal.pdbx_mosaicity_esd          ? 
# 
_exptl_crystal_grow.apparatus       ? 
_exptl_crystal_grow.atmosphere      ? 
_exptl_crystal_grow.crystal_id      1 
_exptl_crystal_grow.details         ? 
_exptl_crystal_grow.method          'VAPOR DIFFUSION, HANGING DROP' 
_exptl_crystal_grow.method_ref      ? 
_exptl_crystal_grow.pH              6.2 
_exptl_crystal_grow.pressure        ? 
_exptl_crystal_grow.pressure_esd    ? 
_exptl_crystal_grow.seeding         ? 
_exptl_crystal_grow.seeding_ref     ? 
_exptl_crystal_grow.temp            293 
_exptl_crystal_grow.temp_details    ? 
_exptl_crystal_grow.temp_esd        ? 
_exptl_crystal_grow.time            ? 
_exptl_crystal_grow.pdbx_details    
;20 mg/mL protein mixed 2:1 with buffer containing 0.23M sodium phosphate monobasic/potassium phosphate dibasic pH 6.2 and 2.5M sodium chloride, and 4 mM dTMP
;
_exptl_crystal_grow.pdbx_pH_range   ? 
# 
_diffrn.ambient_environment    ? 
_diffrn.ambient_temp           100 
_diffrn.ambient_temp_details   ? 
_diffrn.ambient_temp_esd       ? 
_diffrn.crystal_id             1 
_diffrn.crystal_support        ? 
_diffrn.crystal_treatment      ? 
_diffrn.details                ? 
_diffrn.id                     1 
_diffrn.ambient_pressure       ? 
_diffrn.ambient_pressure_esd   ? 
_diffrn.ambient_pressure_gt    ? 
_diffrn.ambient_pressure_lt    ? 
_diffrn.ambient_temp_gt        ? 
_diffrn.ambient_temp_lt        ? 
# 
_diffrn_detector.details                      ? 
_diffrn_detector.detector                     CCD 
_diffrn_detector.diffrn_id                    1 
_diffrn_detector.type                         'ADSC QUANTUM 315' 
_diffrn_detector.area_resol_mean              ? 
_diffrn_detector.dtime                        ? 
_diffrn_detector.pdbx_frames_total            ? 
_diffrn_detector.pdbx_collection_time_total   ? 
_diffrn_detector.pdbx_collection_date         2015-02-14 
# 
_diffrn_radiation.collimation                      ? 
_diffrn_radiation.diffrn_id                        1 
_diffrn_radiation.filter_edge                      ? 
_diffrn_radiation.inhomogeneity                    ? 
_diffrn_radiation.monochromator                    ? 
_diffrn_radiation.polarisn_norm                    ? 
_diffrn_radiation.polarisn_ratio                   ? 
_diffrn_radiation.probe                            ? 
_diffrn_radiation.type                             ? 
_diffrn_radiation.xray_symbol                      ? 
_diffrn_radiation.wavelength_id                    1 
_diffrn_radiation.pdbx_monochromatic_or_laue_m_l   M 
_diffrn_radiation.pdbx_wavelength_list             ? 
_diffrn_radiation.pdbx_wavelength                  ? 
_diffrn_radiation.pdbx_diffrn_protocol             'SINGLE WAVELENGTH' 
_diffrn_radiation.pdbx_analyzer                    ? 
_diffrn_radiation.pdbx_scattering_type             x-ray 
# 
_diffrn_radiation_wavelength.id           1 
_diffrn_radiation_wavelength.wavelength   1.000 
_diffrn_radiation_wavelength.wt           1.0 
# 
_diffrn_source.current                     ? 
_diffrn_source.details                     ? 
_diffrn_source.diffrn_id                   1 
_diffrn_source.power                       ? 
_diffrn_source.size                        ? 
_diffrn_source.source                      SYNCHROTRON 
_diffrn_source.target                      ? 
_diffrn_source.type                        'ALS BEAMLINE 12.3.1' 
_diffrn_source.voltage                     ? 
_diffrn_source.take-off_angle              ? 
_diffrn_source.pdbx_wavelength_list        1.000 
_diffrn_source.pdbx_wavelength             ? 
_diffrn_source.pdbx_synchrotron_beamline   12.3.1 
_diffrn_source.pdbx_synchrotron_site       ALS 
# 
_reflns.B_iso_Wilson_estimate            ? 
_reflns.entry_id                         5TGE 
_reflns.data_reduction_details           ? 
_reflns.data_reduction_method            ? 
_reflns.d_resolution_high                2.6 
_reflns.d_resolution_low                 50 
_reflns.details                          ? 
_reflns.limit_h_max                      ? 
_reflns.limit_h_min                      ? 
_reflns.limit_k_max                      ? 
_reflns.limit_k_min                      ? 
_reflns.limit_l_max                      ? 
_reflns.limit_l_min                      ? 
_reflns.number_all                       ? 
_reflns.number_obs                       10480 
_reflns.observed_criterion               ? 
_reflns.observed_criterion_F_max         ? 
_reflns.observed_criterion_F_min         ? 
_reflns.observed_criterion_I_max         ? 
_reflns.observed_criterion_I_min         ? 
_reflns.observed_criterion_sigma_F       ? 
_reflns.observed_criterion_sigma_I       ? 
_reflns.percent_possible_obs             98 
_reflns.R_free_details                   ? 
_reflns.Rmerge_F_all                     ? 
_reflns.Rmerge_F_obs                     ? 
_reflns.Friedel_coverage                 ? 
_reflns.number_gt                        ? 
_reflns.threshold_expression             ? 
_reflns.pdbx_redundancy                  28 
_reflns.pdbx_Rmerge_I_obs                ? 
_reflns.pdbx_Rmerge_I_all                ? 
_reflns.pdbx_Rsym_value                  0.089 
_reflns.pdbx_netI_over_av_sigmaI         ? 
_reflns.pdbx_netI_over_sigmaI            23.3 
_reflns.pdbx_res_netI_over_av_sigmaI_2   ? 
_reflns.pdbx_res_netI_over_sigmaI_2      ? 
_reflns.pdbx_chi_squared                 ? 
_reflns.pdbx_scaling_rejects             ? 
_reflns.pdbx_d_res_high_opt              ? 
_reflns.pdbx_d_res_low_opt               ? 
_reflns.pdbx_d_res_opt_method            ? 
_reflns.phase_calculation_details        ? 
_reflns.pdbx_Rrim_I_all                  ? 
_reflns.pdbx_Rpim_I_all                  ? 
_reflns.pdbx_d_opt                       ? 
_reflns.pdbx_number_measured_all         ? 
_reflns.pdbx_diffrn_id                   1 
_reflns.pdbx_ordinal                     1 
_reflns.pdbx_CC_half                     0.999 
_reflns.pdbx_R_split                     ? 
# 
_reflns_shell.d_res_high                  . 
_reflns_shell.d_res_low                   ? 
_reflns_shell.meanI_over_sigI_all         ? 
_reflns_shell.meanI_over_sigI_obs         ? 
_reflns_shell.number_measured_all         ? 
_reflns_shell.number_measured_obs         ? 
_reflns_shell.number_possible             ? 
_reflns_shell.number_unique_all           ? 
_reflns_shell.number_unique_obs           ? 
_reflns_shell.percent_possible_all        ? 
_reflns_shell.percent_possible_obs        ? 
_reflns_shell.Rmerge_F_all                ? 
_reflns_shell.Rmerge_F_obs                ? 
_reflns_shell.Rmerge_I_all                ? 
_reflns_shell.Rmerge_I_obs                ? 
_reflns_shell.meanI_over_sigI_gt          ? 
_reflns_shell.meanI_over_uI_all           ? 
_reflns_shell.meanI_over_uI_gt            ? 
_reflns_shell.number_measured_gt          ? 
_reflns_shell.number_unique_gt            ? 
_reflns_shell.percent_possible_gt         ? 
_reflns_shell.Rmerge_F_gt                 ? 
_reflns_shell.Rmerge_I_gt                 ? 
_reflns_shell.pdbx_redundancy             ? 
_reflns_shell.pdbx_Rsym_value             ? 
_reflns_shell.pdbx_chi_squared            ? 
_reflns_shell.pdbx_netI_over_sigmaI_all   ? 
_reflns_shell.pdbx_netI_over_sigmaI_obs   ? 
_reflns_shell.pdbx_Rrim_I_all             ? 
_reflns_shell.pdbx_Rpim_I_all             ? 
_reflns_shell.pdbx_rejects                ? 
_reflns_shell.pdbx_ordinal                1 
_reflns_shell.pdbx_diffrn_id              1 
_reflns_shell.pdbx_CC_half                ? 
_reflns_shell.pdbx_R_split                ? 
# 
_refine.aniso_B[1][1]                            ? 
_refine.aniso_B[1][2]                            ? 
_refine.aniso_B[1][3]                            ? 
_refine.aniso_B[2][2]                            ? 
_refine.aniso_B[2][3]                            ? 
_refine.aniso_B[3][3]                            ? 
_refine.B_iso_max                                ? 
_refine.B_iso_mean                               ? 
_refine.B_iso_min                                ? 
_refine.correlation_coeff_Fo_to_Fc               ? 
_refine.correlation_coeff_Fo_to_Fc_free          ? 
_refine.details                                  ? 
_refine.diff_density_max                         ? 
_refine.diff_density_max_esd                     ? 
_refine.diff_density_min                         ? 
_refine.diff_density_min_esd                     ? 
_refine.diff_density_rms                         ? 
_refine.diff_density_rms_esd                     ? 
_refine.entry_id                                 5TGE 
_refine.pdbx_refine_id                           'X-RAY DIFFRACTION' 
_refine.ls_abs_structure_details                 ? 
_refine.ls_abs_structure_Flack                   ? 
_refine.ls_abs_structure_Flack_esd               ? 
_refine.ls_abs_structure_Rogers                  ? 
_refine.ls_abs_structure_Rogers_esd              ? 
_refine.ls_d_res_high                            2.600 
_refine.ls_d_res_low                             47.507 
_refine.ls_extinction_coef                       ? 
_refine.ls_extinction_coef_esd                   ? 
_refine.ls_extinction_expression                 ? 
_refine.ls_extinction_method                     ? 
_refine.ls_goodness_of_fit_all                   ? 
_refine.ls_goodness_of_fit_all_esd               ? 
_refine.ls_goodness_of_fit_obs                   ? 
_refine.ls_goodness_of_fit_obs_esd               ? 
_refine.ls_hydrogen_treatment                    ? 
_refine.ls_matrix_type                           ? 
_refine.ls_number_constraints                    ? 
_refine.ls_number_parameters                     ? 
_refine.ls_number_reflns_all                     ? 
_refine.ls_number_reflns_obs                     10478 
_refine.ls_number_reflns_R_free                  524 
_refine.ls_number_reflns_R_work                  ? 
_refine.ls_number_restraints                     ? 
_refine.ls_percent_reflns_obs                    98.01 
_refine.ls_percent_reflns_R_free                 5.00 
_refine.ls_R_factor_all                          ? 
_refine.ls_R_factor_obs                          0.2211 
_refine.ls_R_factor_R_free                       0.2454 
_refine.ls_R_factor_R_free_error                 ? 
_refine.ls_R_factor_R_free_error_details         ? 
_refine.ls_R_factor_R_work                       0.2198 
_refine.ls_R_Fsqd_factor_obs                     ? 
_refine.ls_R_I_factor_obs                        ? 
_refine.ls_redundancy_reflns_all                 ? 
_refine.ls_redundancy_reflns_obs                 ? 
_refine.ls_restrained_S_all                      ? 
_refine.ls_restrained_S_obs                      ? 
_refine.ls_shift_over_esd_max                    ? 
_refine.ls_shift_over_esd_mean                   ? 
_refine.ls_structure_factor_coef                 ? 
_refine.ls_weighting_details                     ? 
_refine.ls_weighting_scheme                      ? 
_refine.ls_wR_factor_all                         ? 
_refine.ls_wR_factor_obs                         ? 
_refine.ls_wR_factor_R_free                      ? 
_refine.ls_wR_factor_R_work                      ? 
_refine.occupancy_max                            ? 
_refine.occupancy_min                            ? 
_refine.solvent_model_details                    ? 
_refine.solvent_model_param_bsol                 ? 
_refine.solvent_model_param_ksol                 ? 
_refine.ls_R_factor_gt                           ? 
_refine.ls_goodness_of_fit_gt                    ? 
_refine.ls_goodness_of_fit_ref                   ? 
_refine.ls_shift_over_su_max                     ? 
_refine.ls_shift_over_su_max_lt                  ? 
_refine.ls_shift_over_su_mean                    ? 
_refine.ls_shift_over_su_mean_lt                 ? 
_refine.pdbx_ls_sigma_I                          ? 
_refine.pdbx_ls_sigma_F                          1.32 
_refine.pdbx_ls_sigma_Fsqd                       ? 
_refine.pdbx_data_cutoff_high_absF               ? 
_refine.pdbx_data_cutoff_high_rms_absF           ? 
_refine.pdbx_data_cutoff_low_absF                ? 
_refine.pdbx_isotropic_thermal_model             ? 
_refine.pdbx_ls_cross_valid_method               'FREE R-VALUE' 
_refine.pdbx_method_to_determine_struct          SAD 
_refine.pdbx_starting_model                      ? 
_refine.pdbx_stereochemistry_target_values       ? 
_refine.pdbx_R_Free_selection_details            ? 
_refine.pdbx_stereochem_target_val_spec_case     ? 
_refine.pdbx_overall_ESU_R                       ? 
_refine.pdbx_overall_ESU_R_Free                  ? 
_refine.pdbx_solvent_vdw_probe_radii             1.11 
_refine.pdbx_solvent_ion_probe_radii             ? 
_refine.pdbx_solvent_shrinkage_radii             0.90 
_refine.pdbx_real_space_R                        ? 
_refine.pdbx_density_correlation                 ? 
_refine.pdbx_pd_number_of_powder_patterns        ? 
_refine.pdbx_pd_number_of_points                 ? 
_refine.pdbx_pd_meas_number_of_points            ? 
_refine.pdbx_pd_proc_ls_prof_R_factor            ? 
_refine.pdbx_pd_proc_ls_prof_wR_factor           ? 
_refine.pdbx_pd_Marquardt_correlation_coeff      ? 
_refine.pdbx_pd_Fsqrd_R_factor                   ? 
_refine.pdbx_pd_ls_matrix_band_width             ? 
_refine.pdbx_overall_phase_error                 23.72 
_refine.pdbx_overall_SU_R_free_Cruickshank_DPI   ? 
_refine.pdbx_overall_SU_R_free_Blow_DPI          ? 
_refine.pdbx_overall_SU_R_Blow_DPI               ? 
_refine.pdbx_TLS_residual_ADP_flag               ? 
_refine.pdbx_diffrn_id                           1 
_refine.overall_SU_B                             ? 
_refine.overall_SU_ML                            0.25 
_refine.overall_SU_R_Cruickshank_DPI             ? 
_refine.overall_SU_R_free                        ? 
_refine.overall_FOM_free_R_set                   ? 
_refine.overall_FOM_work_R_set                   ? 
_refine.pdbx_average_fsc_overall                 ? 
_refine.pdbx_average_fsc_work                    ? 
_refine.pdbx_average_fsc_free                    ? 
# 
_refine_hist.pdbx_refine_id                   'X-RAY DIFFRACTION' 
_refine_hist.cycle_id                         LAST 
_refine_hist.pdbx_number_atoms_protein        1502 
_refine_hist.pdbx_number_atoms_nucleic_acid   0 
_refine_hist.pdbx_number_atoms_ligand         0 
_refine_hist.number_atoms_solvent             99 
_refine_hist.number_atoms_total               1601 
_refine_hist.d_res_high                       2.600 
_refine_hist.d_res_low                        47.507 
# 
loop_
_refine_ls_restr.pdbx_refine_id 
_refine_ls_restr.criterion 
_refine_ls_restr.dev_ideal 
_refine_ls_restr.dev_ideal_target 
_refine_ls_restr.number 
_refine_ls_restr.rejects 
_refine_ls_restr.type 
_refine_ls_restr.weight 
_refine_ls_restr.pdbx_restraint_function 
'X-RAY DIFFRACTION' ? 0.003  ? 1530 ? f_bond_d           ? ? 
'X-RAY DIFFRACTION' ? 0.504  ? 2071 ? f_angle_d          ? ? 
'X-RAY DIFFRACTION' ? 11.145 ? 912  ? f_dihedral_angle_d ? ? 
'X-RAY DIFFRACTION' ? 0.041  ? 227  ? f_chiral_restr     ? ? 
'X-RAY DIFFRACTION' ? 0.002  ? 269  ? f_plane_restr      ? ? 
# 
loop_
_refine_ls_shell.pdbx_refine_id 
_refine_ls_shell.d_res_high 
_refine_ls_shell.d_res_low 
_refine_ls_shell.number_reflns_all 
_refine_ls_shell.number_reflns_obs 
_refine_ls_shell.number_reflns_R_free 
_refine_ls_shell.number_reflns_R_work 
_refine_ls_shell.percent_reflns_obs 
_refine_ls_shell.percent_reflns_R_free 
_refine_ls_shell.R_factor_all 
_refine_ls_shell.R_factor_obs 
_refine_ls_shell.R_factor_R_free 
_refine_ls_shell.R_factor_R_free_error 
_refine_ls_shell.R_factor_R_work 
_refine_ls_shell.redundancy_reflns_all 
_refine_ls_shell.redundancy_reflns_obs 
_refine_ls_shell.wR_factor_all 
_refine_ls_shell.wR_factor_obs 
_refine_ls_shell.wR_factor_R_free 
_refine_ls_shell.wR_factor_R_work 
_refine_ls_shell.pdbx_total_number_of_bins_used 
_refine_ls_shell.pdbx_phase_error 
_refine_ls_shell.pdbx_fsc_work 
_refine_ls_shell.pdbx_fsc_free 
'X-RAY DIFFRACTION' 2.6001 2.8618  . . 122 2321 93.00  . . . 0.3147 . 0.2617 . . . . . . . . . . 
'X-RAY DIFFRACTION' 2.8618 3.2758  . . 131 2474 100.00 . . . 0.2704 . 0.2376 . . . . . . . . . . 
'X-RAY DIFFRACTION' 3.2758 4.1268  . . 130 2480 99.00  . . . 0.2426 . 0.2079 . . . . . . . . . . 
'X-RAY DIFFRACTION' 4.1268 47.5152 . . 141 2679 100.00 . . . 0.2147 . 0.2059 . . . . . . . . . . 
# 
_struct.entry_id                     5TGE 
_struct.title                        'Thermus Phage P74-26 Large Terminase Nuclease Domain' 
_struct.pdbx_model_details           ? 
_struct.pdbx_formula_weight          ? 
_struct.pdbx_formula_weight_method   ? 
_struct.pdbx_model_type_details      ? 
_struct.pdbx_CASP_flag               N 
# 
_struct_keywords.entry_id        5TGE 
_struct_keywords.text            'nuclease, VIRAL PROTEIN' 
_struct_keywords.pdbx_keywords   'VIRAL PROTEIN' 
# 
loop_
_struct_asym.id 
_struct_asym.pdbx_blank_PDB_chainid_flag 
_struct_asym.pdbx_modified 
_struct_asym.entity_id 
_struct_asym.details 
A N N 1 ? 
B N N 2 ? 
# 
_struct_ref.id                         1 
_struct_ref.db_name                    UNP 
_struct_ref.db_code                    A7XXR1_9CAUD 
_struct_ref.pdbx_db_accession          A7XXR1 
_struct_ref.pdbx_db_isoform            ? 
_struct_ref.entity_id                  1 
_struct_ref.pdbx_seq_one_letter_code   
;NSVFSGLDMLILLPYERRGTRLVVEDYRPDHIYCIGADFGKNQDYSVFSVLDLDTGAIVCLERMNGATWSDQVARLKALS
EDYGHAYVVADTWGVGDAIAEELDAQGINYTPLPVKSSSVKEQLISNLALLMEKGQVAVPNDKTILDELRNFRYYRTASG
NQVMRAYGRGHDDIVMSLALAYSQYEGKDGYKFELAEERPSKLKHEESVMSLVEDDFTDLELANRAFSA
;
_struct_ref.pdbx_align_begin           257 
# 
_struct_ref_seq.align_id                      1 
_struct_ref_seq.ref_id                        1 
_struct_ref_seq.pdbx_PDB_id_code              5TGE 
_struct_ref_seq.pdbx_strand_id                A 
_struct_ref_seq.seq_align_beg                 7 
_struct_ref_seq.pdbx_seq_align_beg_ins_code   ? 
_struct_ref_seq.seq_align_end                 235 
_struct_ref_seq.pdbx_seq_align_end_ins_code   ? 
_struct_ref_seq.pdbx_db_accession             A7XXR1 
_struct_ref_seq.db_align_beg                  257 
_struct_ref_seq.pdbx_db_align_beg_ins_code    ? 
_struct_ref_seq.db_align_end                  485 
_struct_ref_seq.pdbx_db_align_end_ins_code    ? 
_struct_ref_seq.pdbx_auth_seq_align_beg       257 
_struct_ref_seq.pdbx_auth_seq_align_end       485 
# 
loop_
_struct_ref_seq_dif.align_id 
_struct_ref_seq_dif.pdbx_pdb_id_code 
_struct_ref_seq_dif.mon_id 
_struct_ref_seq_dif.pdbx_pdb_strand_id 
_struct_ref_seq_dif.seq_num 
_struct_ref_seq_dif.pdbx_pdb_ins_code 
_struct_ref_seq_dif.pdbx_seq_db_name 
_struct_ref_seq_dif.pdbx_seq_db_accession_code 
_struct_ref_seq_dif.db_mon_id 
_struct_ref_seq_dif.pdbx_seq_db_seq_num 
_struct_ref_seq_dif.details 
_struct_ref_seq_dif.pdbx_auth_seq_num 
_struct_ref_seq_dif.pdbx_ordinal 
1 5TGE GLY A 1   ? UNP A7XXR1 ? ? 'expression tag' 251 1  
1 5TGE PRO A 2   ? UNP A7XXR1 ? ? 'expression tag' 252 2  
1 5TGE GLY A 3   ? UNP A7XXR1 ? ? 'expression tag' 253 3  
1 5TGE GLY A 4   ? UNP A7XXR1 ? ? 'expression tag' 254 4  
1 5TGE SER A 5   ? UNP A7XXR1 ? ? 'expression tag' 255 5  
1 5TGE MET A 6   ? UNP A7XXR1 ? ? 'expression tag' 256 6  
1 5TGE GLY A 236 ? UNP A7XXR1 ? ? 'expression tag' 486 7  
1 5TGE LEU A 237 ? UNP A7XXR1 ? ? 'expression tag' 487 8  
1 5TGE GLU A 238 ? UNP A7XXR1 ? ? 'expression tag' 488 9  
1 5TGE HIS A 239 ? UNP A7XXR1 ? ? 'expression tag' 489 10 
1 5TGE HIS A 240 ? UNP A7XXR1 ? ? 'expression tag' 490 11 
1 5TGE HIS A 241 ? UNP A7XXR1 ? ? 'expression tag' 491 12 
1 5TGE HIS A 242 ? UNP A7XXR1 ? ? 'expression tag' 492 13 
1 5TGE HIS A 243 ? UNP A7XXR1 ? ? 'expression tag' 493 14 
1 5TGE HIS A 244 ? UNP A7XXR1 ? ? 'expression tag' 494 15 
1 5TGE HIS A 245 ? UNP A7XXR1 ? ? 'expression tag' 495 16 
1 5TGE HIS A 246 ? UNP A7XXR1 ? ? 'expression tag' 496 17 
1 5TGE HIS A 247 ? UNP A7XXR1 ? ? 'expression tag' 497 18 
1 5TGE HIS A 248 ? UNP A7XXR1 ? ? 'expression tag' 498 19 
# 
_pdbx_struct_assembly.id                   1 
_pdbx_struct_assembly.details              author_and_software_defined_assembly 
_pdbx_struct_assembly.method_details       PISA 
_pdbx_struct_assembly.oligomeric_details   monomeric 
_pdbx_struct_assembly.oligomeric_count     1 
# 
loop_
_pdbx_struct_assembly_prop.biol_id 
_pdbx_struct_assembly_prop.type 
_pdbx_struct_assembly_prop.value 
_pdbx_struct_assembly_prop.details 
1 'ABSA (A^2)' 0    ? 
1 MORE         0    ? 
1 'SSA (A^2)'  9550 ? 
# 
_pdbx_struct_assembly_gen.assembly_id       1 
_pdbx_struct_assembly_gen.oper_expression   1 
_pdbx_struct_assembly_gen.asym_id_list      A,B 
# 
_pdbx_struct_oper_list.id                   1 
_pdbx_struct_oper_list.type                 'identity operation' 
_pdbx_struct_oper_list.name                 1_555 
_pdbx_struct_oper_list.symmetry_operation   x,y,z 
_pdbx_struct_oper_list.matrix[1][1]         1.0000000000 
_pdbx_struct_oper_list.matrix[1][2]         0.0000000000 
_pdbx_struct_oper_list.matrix[1][3]         0.0000000000 
_pdbx_struct_oper_list.vector[1]            0.0000000000 
_pdbx_struct_oper_list.matrix[2][1]         0.0000000000 
_pdbx_struct_oper_list.matrix[2][2]         1.0000000000 
_pdbx_struct_oper_list.matrix[2][3]         0.0000000000 
_pdbx_struct_oper_list.vector[2]            0.0000000000 
_pdbx_struct_oper_list.matrix[3][1]         0.0000000000 
_pdbx_struct_oper_list.matrix[3][2]         0.0000000000 
_pdbx_struct_oper_list.matrix[3][3]         1.0000000000 
_pdbx_struct_oper_list.vector[3]            0.0000000000 
# 
loop_
_struct_conf.conf_type_id 
_struct_conf.id 
_struct_conf.pdbx_PDB_helix_id 
_struct_conf.beg_label_comp_id 
_struct_conf.beg_label_asym_id 
_struct_conf.beg_label_seq_id 
_struct_conf.pdbx_beg_PDB_ins_code 
_struct_conf.end_label_comp_id 
_struct_conf.end_label_asym_id 
_struct_conf.end_label_seq_id 
_struct_conf.pdbx_end_PDB_ins_code 
_struct_conf.beg_auth_comp_id 
_struct_conf.beg_auth_asym_id 
_struct_conf.beg_auth_seq_id 
_struct_conf.end_auth_comp_id 
_struct_conf.end_auth_asym_id 
_struct_conf.end_auth_seq_id 
_struct_conf.pdbx_PDB_helix_class 
_struct_conf.details 
_struct_conf.pdbx_PDB_helix_length 
HELX_P HELX_P1 AA1 PHE A 10  ? LEU A 16  ? PHE A 260 LEU A 266 5 ? 7  
HELX_P HELX_P2 AA2 THR A 74  ? ASP A 88  ? THR A 324 ASP A 338 1 ? 15 
HELX_P HELX_P3 AA3 GLU A 107 ? GLY A 113 ? GLU A 357 GLY A 363 1 ? 7  
HELX_P HELX_P4 AA4 SER A 123 ? LYS A 140 ? SER A 373 LYS A 390 1 ? 18 
HELX_P HELX_P5 AA5 ASP A 148 ? ASN A 157 ? ASP A 398 ASN A 407 1 ? 10 
HELX_P HELX_P6 AA6 ASP A 178 ? SER A 189 ? ASP A 428 SER A 439 1 ? 12 
# 
_struct_conf_type.id          HELX_P 
_struct_conf_type.criteria    ? 
_struct_conf_type.reference   ? 
# 
loop_
_struct_sheet.id 
_struct_sheet.type 
_struct_sheet.number_strands 
_struct_sheet.details 
AA1 ? 2 ? 
AA2 ? 7 ? 
AA3 ? 2 ? 
# 
loop_
_struct_sheet_order.sheet_id 
_struct_sheet_order.range_id_1 
_struct_sheet_order.range_id_2 
_struct_sheet_order.offset 
_struct_sheet_order.sense 
AA1 1 2 ? parallel      
AA2 1 2 ? anti-parallel 
AA2 2 3 ? anti-parallel 
AA2 3 4 ? anti-parallel 
AA2 4 5 ? anti-parallel 
AA2 5 6 ? parallel      
AA2 6 7 ? parallel      
AA3 1 2 ? anti-parallel 
# 
loop_
_struct_sheet_range.sheet_id 
_struct_sheet_range.id 
_struct_sheet_range.beg_label_comp_id 
_struct_sheet_range.beg_label_asym_id 
_struct_sheet_range.beg_label_seq_id 
_struct_sheet_range.pdbx_beg_PDB_ins_code 
_struct_sheet_range.end_label_comp_id 
_struct_sheet_range.end_label_asym_id 
_struct_sheet_range.end_label_seq_id 
_struct_sheet_range.pdbx_end_PDB_ins_code 
_struct_sheet_range.beg_auth_comp_id 
_struct_sheet_range.beg_auth_asym_id 
_struct_sheet_range.beg_auth_seq_id 
_struct_sheet_range.end_auth_comp_id 
_struct_sheet_range.end_auth_asym_id 
_struct_sheet_range.end_auth_seq_id 
AA1 1 ILE A 17  ? LEU A 19  ? ILE A 267 LEU A 269 
AA1 2 ALA A 144 ? PRO A 146 ? ALA A 394 PRO A 396 
AA2 1 GLU A 22  ? ARG A 24  ? GLU A 272 ARG A 274 
AA2 2 ARG A 27  ? VAL A 29  ? ARG A 277 VAL A 279 
AA2 3 ALA A 63  ? ASN A 71  ? ALA A 313 ASN A 321 
AA2 4 TYR A 51  ? ASP A 58  ? TYR A 301 ASP A 308 
AA2 5 TYR A 39  ? ASP A 44  ? TYR A 289 ASP A 294 
AA2 6 TYR A 93  ? ALA A 96  ? TYR A 343 ALA A 346 
AA2 7 TYR A 116 ? PRO A 118 ? TYR A 366 PRO A 368 
AA3 1 PHE A 158 ? ARG A 162 ? PHE A 408 ARG A 412 
AA3 2 GLN A 168 ? ALA A 172 ? GLN A 418 ALA A 422 
# 
loop_
_pdbx_struct_sheet_hbond.sheet_id 
_pdbx_struct_sheet_hbond.range_id_1 
_pdbx_struct_sheet_hbond.range_id_2 
_pdbx_struct_sheet_hbond.range_1_label_atom_id 
_pdbx_struct_sheet_hbond.range_1_label_comp_id 
_pdbx_struct_sheet_hbond.range_1_label_asym_id 
_pdbx_struct_sheet_hbond.range_1_label_seq_id 
_pdbx_struct_sheet_hbond.range_1_PDB_ins_code 
_pdbx_struct_sheet_hbond.range_1_auth_atom_id 
_pdbx_struct_sheet_hbond.range_1_auth_comp_id 
_pdbx_struct_sheet_hbond.range_1_auth_asym_id 
_pdbx_struct_sheet_hbond.range_1_auth_seq_id 
_pdbx_struct_sheet_hbond.range_2_label_atom_id 
_pdbx_struct_sheet_hbond.range_2_label_comp_id 
_pdbx_struct_sheet_hbond.range_2_label_asym_id 
_pdbx_struct_sheet_hbond.range_2_label_seq_id 
_pdbx_struct_sheet_hbond.range_2_PDB_ins_code 
_pdbx_struct_sheet_hbond.range_2_auth_atom_id 
_pdbx_struct_sheet_hbond.range_2_auth_comp_id 
_pdbx_struct_sheet_hbond.range_2_auth_asym_id 
_pdbx_struct_sheet_hbond.range_2_auth_seq_id 
AA1 1 2 N LEU A 19  ? N LEU A 269 O VAL A 145 ? O VAL A 395 
AA2 1 2 N GLU A 22  ? N GLU A 272 O VAL A 29  ? O VAL A 279 
AA2 2 3 N LEU A 28  ? N LEU A 278 O LEU A 67  ? O LEU A 317 
AA2 3 4 O CYS A 66  ? O CYS A 316 N VAL A 56  ? N VAL A 306 
AA2 4 5 O LEU A 57  ? O LEU A 307 N CYS A 40  ? N CYS A 290 
AA2 5 6 N ILE A 41  ? N ILE A 291 O VAL A 95  ? O VAL A 345 
AA2 6 7 N VAL A 94  ? N VAL A 344 O THR A 117 ? O THR A 367 
AA3 1 2 N TYR A 161 ? N TYR A 411 O VAL A 169 ? O VAL A 419 
# 
loop_
_pdbx_validate_close_contact.id 
_pdbx_validate_close_contact.PDB_model_num 
_pdbx_validate_close_contact.auth_atom_id_1 
_pdbx_validate_close_contact.auth_asym_id_1 
_pdbx_validate_close_contact.auth_comp_id_1 
_pdbx_validate_close_contact.auth_seq_id_1 
_pdbx_validate_close_contact.PDB_ins_code_1 
_pdbx_validate_close_contact.label_alt_id_1 
_pdbx_validate_close_contact.auth_atom_id_2 
_pdbx_validate_close_contact.auth_asym_id_2 
_pdbx_validate_close_contact.auth_comp_id_2 
_pdbx_validate_close_contact.auth_seq_id_2 
_pdbx_validate_close_contact.PDB_ins_code_2 
_pdbx_validate_close_contact.label_alt_id_2 
_pdbx_validate_close_contact.dist 
1 1 O   A VAL 371 ? ? O A HOH 501 ? ? 2.02 
2 1 OD1 A ASP 327 ? ? O A HOH 502 ? ? 2.18 
# 
loop_
_pdbx_validate_torsion.id 
_pdbx_validate_torsion.PDB_model_num 
_pdbx_validate_torsion.auth_comp_id 
_pdbx_validate_torsion.auth_asym_id 
_pdbx_validate_torsion.auth_seq_id 
_pdbx_validate_torsion.PDB_ins_code 
_pdbx_validate_torsion.label_alt_id 
_pdbx_validate_torsion.phi 
_pdbx_validate_torsion.psi 
1 1 ASN A 298 ? ? -118.33 75.99   
2 1 ALA A 354 ? ? -130.35 -45.94  
3 1 TYR A 423 ? ? -106.25 -157.86 
# 
loop_
_pdbx_distant_solvent_atoms.id 
_pdbx_distant_solvent_atoms.PDB_model_num 
_pdbx_distant_solvent_atoms.auth_atom_id 
_pdbx_distant_solvent_atoms.label_alt_id 
_pdbx_distant_solvent_atoms.auth_asym_id 
_pdbx_distant_solvent_atoms.auth_comp_id 
_pdbx_distant_solvent_atoms.auth_seq_id 
_pdbx_distant_solvent_atoms.PDB_ins_code 
_pdbx_distant_solvent_atoms.neighbor_macromolecule_distance 
_pdbx_distant_solvent_atoms.neighbor_ligand_distance 
1 1 O ? A HOH 598 ? 7.58 . 
2 1 O ? A HOH 599 ? 8.28 . 
# 
loop_
_pdbx_unobs_or_zero_occ_residues.id 
_pdbx_unobs_or_zero_occ_residues.PDB_model_num 
_pdbx_unobs_or_zero_occ_residues.polymer_flag 
_pdbx_unobs_or_zero_occ_residues.occupancy_flag 
_pdbx_unobs_or_zero_occ_residues.auth_asym_id 
_pdbx_unobs_or_zero_occ_residues.auth_comp_id 
_pdbx_unobs_or_zero_occ_residues.auth_seq_id 
_pdbx_unobs_or_zero_occ_residues.PDB_ins_code 
_pdbx_unobs_or_zero_occ_residues.label_asym_id 
_pdbx_unobs_or_zero_occ_residues.label_comp_id 
_pdbx_unobs_or_zero_occ_residues.label_seq_id 
1  1 Y 1 A GLY 251 ? A GLY 1   
2  1 Y 1 A PRO 252 ? A PRO 2   
3  1 Y 1 A GLY 253 ? A GLY 3   
4  1 Y 1 A GLY 254 ? A GLY 4   
5  1 Y 1 A SER 255 ? A SER 5   
6  1 Y 1 A MET 256 ? A MET 6   
7  1 Y 1 A GLY 350 ? A GLY 100 
8  1 Y 1 A VAL 351 ? A VAL 101 
9  1 Y 1 A GLY 352 ? A GLY 102 
10 1 Y 1 A GLU 450 ? A GLU 200 
11 1 Y 1 A LEU 451 ? A LEU 201 
12 1 Y 1 A ALA 452 ? A ALA 202 
13 1 Y 1 A GLU 453 ? A GLU 203 
14 1 Y 1 A GLU 454 ? A GLU 204 
15 1 Y 1 A ARG 455 ? A ARG 205 
16 1 Y 1 A PRO 456 ? A PRO 206 
17 1 Y 1 A SER 457 ? A SER 207 
18 1 Y 1 A LYS 458 ? A LYS 208 
19 1 Y 1 A LEU 459 ? A LEU 209 
20 1 Y 1 A LYS 460 ? A LYS 210 
21 1 Y 1 A HIS 461 ? A HIS 211 
22 1 Y 1 A GLU 462 ? A GLU 212 
23 1 Y 1 A GLU 463 ? A GLU 213 
24 1 Y 1 A SER 464 ? A SER 214 
25 1 Y 1 A VAL 465 ? A VAL 215 
26 1 Y 1 A MET 466 ? A MET 216 
27 1 Y 1 A SER 467 ? A SER 217 
28 1 Y 1 A LEU 468 ? A LEU 218 
29 1 Y 1 A VAL 469 ? A VAL 219 
30 1 Y 1 A GLU 470 ? A GLU 220 
31 1 Y 1 A ASP 471 ? A ASP 221 
32 1 Y 1 A ASP 472 ? A ASP 222 
33 1 Y 1 A PHE 473 ? A PHE 223 
34 1 Y 1 A THR 474 ? A THR 224 
35 1 Y 1 A ASP 475 ? A ASP 225 
36 1 Y 1 A LEU 476 ? A LEU 226 
37 1 Y 1 A GLU 477 ? A GLU 227 
38 1 Y 1 A LEU 478 ? A LEU 228 
39 1 Y 1 A ALA 479 ? A ALA 229 
40 1 Y 1 A ASN 480 ? A ASN 230 
41 1 Y 1 A ARG 481 ? A ARG 231 
42 1 Y 1 A ALA 482 ? A ALA 232 
43 1 Y 1 A PHE 483 ? A PHE 233 
44 1 Y 1 A SER 484 ? A SER 234 
45 1 Y 1 A ALA 485 ? A ALA 235 
46 1 Y 1 A GLY 486 ? A GLY 236 
47 1 Y 1 A LEU 487 ? A LEU 237 
48 1 Y 1 A GLU 488 ? A GLU 238 
49 1 Y 1 A HIS 489 ? A HIS 239 
50 1 Y 1 A HIS 490 ? A HIS 240 
51 1 Y 1 A HIS 491 ? A HIS 241 
52 1 Y 1 A HIS 492 ? A HIS 242 
53 1 Y 1 A HIS 493 ? A HIS 243 
54 1 Y 1 A HIS 494 ? A HIS 244 
55 1 Y 1 A HIS 495 ? A HIS 245 
56 1 Y 1 A HIS 496 ? A HIS 246 
57 1 Y 1 A HIS 497 ? A HIS 247 
58 1 Y 1 A HIS 498 ? A HIS 248 
# 
loop_
_chem_comp_atom.comp_id 
_chem_comp_atom.atom_id 
_chem_comp_atom.type_symbol 
_chem_comp_atom.pdbx_aromatic_flag 
_chem_comp_atom.pdbx_stereo_config 
_chem_comp_atom.pdbx_ordinal 
ALA N    N N N 1   
ALA CA   C N S 2   
ALA C    C N N 3   
ALA O    O N N 4   
ALA CB   C N N 5   
ALA OXT  O N N 6   
ALA H    H N N 7   
ALA H2   H N N 8   
ALA HA   H N N 9   
ALA HB1  H N N 10  
ALA HB2  H N N 11  
ALA HB3  H N N 12  
ALA HXT  H N N 13  
ARG N    N N N 14  
ARG CA   C N S 15  
ARG C    C N N 16  
ARG O    O N N 17  
ARG CB   C N N 18  
ARG CG   C N N 19  
ARG CD   C N N 20  
ARG NE   N N N 21  
ARG CZ   C N N 22  
ARG NH1  N N N 23  
ARG NH2  N N N 24  
ARG OXT  O N N 25  
ARG H    H N N 26  
ARG H2   H N N 27  
ARG HA   H N N 28  
ARG HB2  H N N 29  
ARG HB3  H N N 30  
ARG HG2  H N N 31  
ARG HG3  H N N 32  
ARG HD2  H N N 33  
ARG HD3  H N N 34  
ARG HE   H N N 35  
ARG HH11 H N N 36  
ARG HH12 H N N 37  
ARG HH21 H N N 38  
ARG HH22 H N N 39  
ARG HXT  H N N 40  
ASN N    N N N 41  
ASN CA   C N S 42  
ASN C    C N N 43  
ASN O    O N N 44  
ASN CB   C N N 45  
ASN CG   C N N 46  
ASN OD1  O N N 47  
ASN ND2  N N N 48  
ASN OXT  O N N 49  
ASN H    H N N 50  
ASN H2   H N N 51  
ASN HA   H N N 52  
ASN HB2  H N N 53  
ASN HB3  H N N 54  
ASN HD21 H N N 55  
ASN HD22 H N N 56  
ASN HXT  H N N 57  
ASP N    N N N 58  
ASP CA   C N S 59  
ASP C    C N N 60  
ASP O    O N N 61  
ASP CB   C N N 62  
ASP CG   C N N 63  
ASP OD1  O N N 64  
ASP OD2  O N N 65  
ASP OXT  O N N 66  
ASP H    H N N 67  
ASP H2   H N N 68  
ASP HA   H N N 69  
ASP HB2  H N N 70  
ASP HB3  H N N 71  
ASP HD2  H N N 72  
ASP HXT  H N N 73  
CYS N    N N N 74  
CYS CA   C N R 75  
CYS C    C N N 76  
CYS O    O N N 77  
CYS CB   C N N 78  
CYS SG   S N N 79  
CYS OXT  O N N 80  
CYS H    H N N 81  
CYS H2   H N N 82  
CYS HA   H N N 83  
CYS HB2  H N N 84  
CYS HB3  H N N 85  
CYS HG   H N N 86  
CYS HXT  H N N 87  
GLN N    N N N 88  
GLN CA   C N S 89  
GLN C    C N N 90  
GLN O    O N N 91  
GLN CB   C N N 92  
GLN CG   C N N 93  
GLN CD   C N N 94  
GLN OE1  O N N 95  
GLN NE2  N N N 96  
GLN OXT  O N N 97  
GLN H    H N N 98  
GLN H2   H N N 99  
GLN HA   H N N 100 
GLN HB2  H N N 101 
GLN HB3  H N N 102 
GLN HG2  H N N 103 
GLN HG3  H N N 104 
GLN HE21 H N N 105 
GLN HE22 H N N 106 
GLN HXT  H N N 107 
GLU N    N N N 108 
GLU CA   C N S 109 
GLU C    C N N 110 
GLU O    O N N 111 
GLU CB   C N N 112 
GLU CG   C N N 113 
GLU CD   C N N 114 
GLU OE1  O N N 115 
GLU OE2  O N N 116 
GLU OXT  O N N 117 
GLU H    H N N 118 
GLU H2   H N N 119 
GLU HA   H N N 120 
GLU HB2  H N N 121 
GLU HB3  H N N 122 
GLU HG2  H N N 123 
GLU HG3  H N N 124 
GLU HE2  H N N 125 
GLU HXT  H N N 126 
GLY N    N N N 127 
GLY CA   C N N 128 
GLY C    C N N 129 
GLY O    O N N 130 
GLY OXT  O N N 131 
GLY H    H N N 132 
GLY H2   H N N 133 
GLY HA2  H N N 134 
GLY HA3  H N N 135 
GLY HXT  H N N 136 
HIS N    N N N 137 
HIS CA   C N S 138 
HIS C    C N N 139 
HIS O    O N N 140 
HIS CB   C N N 141 
HIS CG   C Y N 142 
HIS ND1  N Y N 143 
HIS CD2  C Y N 144 
HIS CE1  C Y N 145 
HIS NE2  N Y N 146 
HIS OXT  O N N 147 
HIS H    H N N 148 
HIS H2   H N N 149 
HIS HA   H N N 150 
HIS HB2  H N N 151 
HIS HB3  H N N 152 
HIS HD1  H N N 153 
HIS HD2  H N N 154 
HIS HE1  H N N 155 
HIS HE2  H N N 156 
HIS HXT  H N N 157 
HOH O    O N N 158 
HOH H1   H N N 159 
HOH H2   H N N 160 
ILE N    N N N 161 
ILE CA   C N S 162 
ILE C    C N N 163 
ILE O    O N N 164 
ILE CB   C N S 165 
ILE CG1  C N N 166 
ILE CG2  C N N 167 
ILE CD1  C N N 168 
ILE OXT  O N N 169 
ILE H    H N N 170 
ILE H2   H N N 171 
ILE HA   H N N 172 
ILE HB   H N N 173 
ILE HG12 H N N 174 
ILE HG13 H N N 175 
ILE HG21 H N N 176 
ILE HG22 H N N 177 
ILE HG23 H N N 178 
ILE HD11 H N N 179 
ILE HD12 H N N 180 
ILE HD13 H N N 181 
ILE HXT  H N N 182 
LEU N    N N N 183 
LEU CA   C N S 184 
LEU C    C N N 185 
LEU O    O N N 186 
LEU CB   C N N 187 
LEU CG   C N N 188 
LEU CD1  C N N 189 
LEU CD2  C N N 190 
LEU OXT  O N N 191 
LEU H    H N N 192 
LEU H2   H N N 193 
LEU HA   H N N 194 
LEU HB2  H N N 195 
LEU HB3  H N N 196 
LEU HG   H N N 197 
LEU HD11 H N N 198 
LEU HD12 H N N 199 
LEU HD13 H N N 200 
LEU HD21 H N N 201 
LEU HD22 H N N 202 
LEU HD23 H N N 203 
LEU HXT  H N N 204 
LYS N    N N N 205 
LYS CA   C N S 206 
LYS C    C N N 207 
LYS O    O N N 208 
LYS CB   C N N 209 
LYS CG   C N N 210 
LYS CD   C N N 211 
LYS CE   C N N 212 
LYS NZ   N N N 213 
LYS OXT  O N N 214 
LYS H    H N N 215 
LYS H2   H N N 216 
LYS HA   H N N 217 
LYS HB2  H N N 218 
LYS HB3  H N N 219 
LYS HG2  H N N 220 
LYS HG3  H N N 221 
LYS HD2  H N N 222 
LYS HD3  H N N 223 
LYS HE2  H N N 224 
LYS HE3  H N N 225 
LYS HZ1  H N N 226 
LYS HZ2  H N N 227 
LYS HZ3  H N N 228 
LYS HXT  H N N 229 
MET N    N N N 230 
MET CA   C N S 231 
MET C    C N N 232 
MET O    O N N 233 
MET CB   C N N 234 
MET CG   C N N 235 
MET SD   S N N 236 
MET CE   C N N 237 
MET OXT  O N N 238 
MET H    H N N 239 
MET H2   H N N 240 
MET HA   H N N 241 
MET HB2  H N N 242 
MET HB3  H N N 243 
MET HG2  H N N 244 
MET HG3  H N N 245 
MET HE1  H N N 246 
MET HE2  H N N 247 
MET HE3  H N N 248 
MET HXT  H N N 249 
PHE N    N N N 250 
PHE CA   C N S 251 
PHE C    C N N 252 
PHE O    O N N 253 
PHE CB   C N N 254 
PHE CG   C Y N 255 
PHE CD1  C Y N 256 
PHE CD2  C Y N 257 
PHE CE1  C Y N 258 
PHE CE2  C Y N 259 
PHE CZ   C Y N 260 
PHE OXT  O N N 261 
PHE H    H N N 262 
PHE H2   H N N 263 
PHE HA   H N N 264 
PHE HB2  H N N 265 
PHE HB3  H N N 266 
PHE HD1  H N N 267 
PHE HD2  H N N 268 
PHE HE1  H N N 269 
PHE HE2  H N N 270 
PHE HZ   H N N 271 
PHE HXT  H N N 272 
PRO N    N N N 273 
PRO CA   C N S 274 
PRO C    C N N 275 
PRO O    O N N 276 
PRO CB   C N N 277 
PRO CG   C N N 278 
PRO CD   C N N 279 
PRO OXT  O N N 280 
PRO H    H N N 281 
PRO HA   H N N 282 
PRO HB2  H N N 283 
PRO HB3  H N N 284 
PRO HG2  H N N 285 
PRO HG3  H N N 286 
PRO HD2  H N N 287 
PRO HD3  H N N 288 
PRO HXT  H N N 289 
SER N    N N N 290 
SER CA   C N S 291 
SER C    C N N 292 
SER O    O N N 293 
SER CB   C N N 294 
SER OG   O N N 295 
SER OXT  O N N 296 
SER H    H N N 297 
SER H2   H N N 298 
SER HA   H N N 299 
SER HB2  H N N 300 
SER HB3  H N N 301 
SER HG   H N N 302 
SER HXT  H N N 303 
THR N    N N N 304 
THR CA   C N S 305 
THR C    C N N 306 
THR O    O N N 307 
THR CB   C N R 308 
THR OG1  O N N 309 
THR CG2  C N N 310 
THR OXT  O N N 311 
THR H    H N N 312 
THR H2   H N N 313 
THR HA   H N N 314 
THR HB   H N N 315 
THR HG1  H N N 316 
THR HG21 H N N 317 
THR HG22 H N N 318 
THR HG23 H N N 319 
THR HXT  H N N 320 
TRP N    N N N 321 
TRP CA   C N S 322 
TRP C    C N N 323 
TRP O    O N N 324 
TRP CB   C N N 325 
TRP CG   C Y N 326 
TRP CD1  C Y N 327 
TRP CD2  C Y N 328 
TRP NE1  N Y N 329 
TRP CE2  C Y N 330 
TRP CE3  C Y N 331 
TRP CZ2  C Y N 332 
TRP CZ3  C Y N 333 
TRP CH2  C Y N 334 
TRP OXT  O N N 335 
TRP H    H N N 336 
TRP H2   H N N 337 
TRP HA   H N N 338 
TRP HB2  H N N 339 
TRP HB3  H N N 340 
TRP HD1  H N N 341 
TRP HE1  H N N 342 
TRP HE3  H N N 343 
TRP HZ2  H N N 344 
TRP HZ3  H N N 345 
TRP HH2  H N N 346 
TRP HXT  H N N 347 
TYR N    N N N 348 
TYR CA   C N S 349 
TYR C    C N N 350 
TYR O    O N N 351 
TYR CB   C N N 352 
TYR CG   C Y N 353 
TYR CD1  C Y N 354 
TYR CD2  C Y N 355 
TYR CE1  C Y N 356 
TYR CE2  C Y N 357 
TYR CZ   C Y N 358 
TYR OH   O N N 359 
TYR OXT  O N N 360 
TYR H    H N N 361 
TYR H2   H N N 362 
TYR HA   H N N 363 
TYR HB2  H N N 364 
TYR HB3  H N N 365 
TYR HD1  H N N 366 
TYR HD2  H N N 367 
TYR HE1  H N N 368 
TYR HE2  H N N 369 
TYR HH   H N N 370 
TYR HXT  H N N 371 
VAL N    N N N 372 
VAL CA   C N S 373 
VAL C    C N N 374 
VAL O    O N N 375 
VAL CB   C N N 376 
VAL CG1  C N N 377 
VAL CG2  C N N 378 
VAL OXT  O N N 379 
VAL H    H N N 380 
VAL H2   H N N 381 
VAL HA   H N N 382 
VAL HB   H N N 383 
VAL HG11 H N N 384 
VAL HG12 H N N 385 
VAL HG13 H N N 386 
VAL HG21 H N N 387 
VAL HG22 H N N 388 
VAL HG23 H N N 389 
VAL HXT  H N N 390 
# 
loop_
_chem_comp_bond.comp_id 
_chem_comp_bond.atom_id_1 
_chem_comp_bond.atom_id_2 
_chem_comp_bond.value_order 
_chem_comp_bond.pdbx_aromatic_flag 
_chem_comp_bond.pdbx_stereo_config 
_chem_comp_bond.pdbx_ordinal 
ALA N   CA   sing N N 1   
ALA N   H    sing N N 2   
ALA N   H2   sing N N 3   
ALA CA  C    sing N N 4   
ALA CA  CB   sing N N 5   
ALA CA  HA   sing N N 6   
ALA C   O    doub N N 7   
ALA C   OXT  sing N N 8   
ALA CB  HB1  sing N N 9   
ALA CB  HB2  sing N N 10  
ALA CB  HB3  sing N N 11  
ALA OXT HXT  sing N N 12  
ARG N   CA   sing N N 13  
ARG N   H    sing N N 14  
ARG N   H2   sing N N 15  
ARG CA  C    sing N N 16  
ARG CA  CB   sing N N 17  
ARG CA  HA   sing N N 18  
ARG C   O    doub N N 19  
ARG C   OXT  sing N N 20  
ARG CB  CG   sing N N 21  
ARG CB  HB2  sing N N 22  
ARG CB  HB3  sing N N 23  
ARG CG  CD   sing N N 24  
ARG CG  HG2  sing N N 25  
ARG CG  HG3  sing N N 26  
ARG CD  NE   sing N N 27  
ARG CD  HD2  sing N N 28  
ARG CD  HD3  sing N N 29  
ARG NE  CZ   sing N N 30  
ARG NE  HE   sing N N 31  
ARG CZ  NH1  sing N N 32  
ARG CZ  NH2  doub N N 33  
ARG NH1 HH11 sing N N 34  
ARG NH1 HH12 sing N N 35  
ARG NH2 HH21 sing N N 36  
ARG NH2 HH22 sing N N 37  
ARG OXT HXT  sing N N 38  
ASN N   CA   sing N N 39  
ASN N   H    sing N N 40  
ASN N   H2   sing N N 41  
ASN CA  C    sing N N 42  
ASN CA  CB   sing N N 43  
ASN CA  HA   sing N N 44  
ASN C   O    doub N N 45  
ASN C   OXT  sing N N 46  
ASN CB  CG   sing N N 47  
ASN CB  HB2  sing N N 48  
ASN CB  HB3  sing N N 49  
ASN CG  OD1  doub N N 50  
ASN CG  ND2  sing N N 51  
ASN ND2 HD21 sing N N 52  
ASN ND2 HD22 sing N N 53  
ASN OXT HXT  sing N N 54  
ASP N   CA   sing N N 55  
ASP N   H    sing N N 56  
ASP N   H2   sing N N 57  
ASP CA  C    sing N N 58  
ASP CA  CB   sing N N 59  
ASP CA  HA   sing N N 60  
ASP C   O    doub N N 61  
ASP C   OXT  sing N N 62  
ASP CB  CG   sing N N 63  
ASP CB  HB2  sing N N 64  
ASP CB  HB3  sing N N 65  
ASP CG  OD1  doub N N 66  
ASP CG  OD2  sing N N 67  
ASP OD2 HD2  sing N N 68  
ASP OXT HXT  sing N N 69  
CYS N   CA   sing N N 70  
CYS N   H    sing N N 71  
CYS N   H2   sing N N 72  
CYS CA  C    sing N N 73  
CYS CA  CB   sing N N 74  
CYS CA  HA   sing N N 75  
CYS C   O    doub N N 76  
CYS C   OXT  sing N N 77  
CYS CB  SG   sing N N 78  
CYS CB  HB2  sing N N 79  
CYS CB  HB3  sing N N 80  
CYS SG  HG   sing N N 81  
CYS OXT HXT  sing N N 82  
GLN N   CA   sing N N 83  
GLN N   H    sing N N 84  
GLN N   H2   sing N N 85  
GLN CA  C    sing N N 86  
GLN CA  CB   sing N N 87  
GLN CA  HA   sing N N 88  
GLN C   O    doub N N 89  
GLN C   OXT  sing N N 90  
GLN CB  CG   sing N N 91  
GLN CB  HB2  sing N N 92  
GLN CB  HB3  sing N N 93  
GLN CG  CD   sing N N 94  
GLN CG  HG2  sing N N 95  
GLN CG  HG3  sing N N 96  
GLN CD  OE1  doub N N 97  
GLN CD  NE2  sing N N 98  
GLN NE2 HE21 sing N N 99  
GLN NE2 HE22 sing N N 100 
GLN OXT HXT  sing N N 101 
GLU N   CA   sing N N 102 
GLU N   H    sing N N 103 
GLU N   H2   sing N N 104 
GLU CA  C    sing N N 105 
GLU CA  CB   sing N N 106 
GLU CA  HA   sing N N 107 
GLU C   O    doub N N 108 
GLU C   OXT  sing N N 109 
GLU CB  CG   sing N N 110 
GLU CB  HB2  sing N N 111 
GLU CB  HB3  sing N N 112 
GLU CG  CD   sing N N 113 
GLU CG  HG2  sing N N 114 
GLU CG  HG3  sing N N 115 
GLU CD  OE1  doub N N 116 
GLU CD  OE2  sing N N 117 
GLU OE2 HE2  sing N N 118 
GLU OXT HXT  sing N N 119 
GLY N   CA   sing N N 120 
GLY N   H    sing N N 121 
GLY N   H2   sing N N 122 
GLY CA  C    sing N N 123 
GLY CA  HA2  sing N N 124 
GLY CA  HA3  sing N N 125 
GLY C   O    doub N N 126 
GLY C   OXT  sing N N 127 
GLY OXT HXT  sing N N 128 
HIS N   CA   sing N N 129 
HIS N   H    sing N N 130 
HIS N   H2   sing N N 131 
HIS CA  C    sing N N 132 
HIS CA  CB   sing N N 133 
HIS CA  HA   sing N N 134 
HIS C   O    doub N N 135 
HIS C   OXT  sing N N 136 
HIS CB  CG   sing N N 137 
HIS CB  HB2  sing N N 138 
HIS CB  HB3  sing N N 139 
HIS CG  ND1  sing Y N 140 
HIS CG  CD2  doub Y N 141 
HIS ND1 CE1  doub Y N 142 
HIS ND1 HD1  sing N N 143 
HIS CD2 NE2  sing Y N 144 
HIS CD2 HD2  sing N N 145 
HIS CE1 NE2  sing Y N 146 
HIS CE1 HE1  sing N N 147 
HIS NE2 HE2  sing N N 148 
HIS OXT HXT  sing N N 149 
HOH O   H1   sing N N 150 
HOH O   H2   sing N N 151 
ILE N   CA   sing N N 152 
ILE N   H    sing N N 153 
ILE N   H2   sing N N 154 
ILE CA  C    sing N N 155 
ILE CA  CB   sing N N 156 
ILE CA  HA   sing N N 157 
ILE C   O    doub N N 158 
ILE C   OXT  sing N N 159 
ILE CB  CG1  sing N N 160 
ILE CB  CG2  sing N N 161 
ILE CB  HB   sing N N 162 
ILE CG1 CD1  sing N N 163 
ILE CG1 HG12 sing N N 164 
ILE CG1 HG13 sing N N 165 
ILE CG2 HG21 sing N N 166 
ILE CG2 HG22 sing N N 167 
ILE CG2 HG23 sing N N 168 
ILE CD1 HD11 sing N N 169 
ILE CD1 HD12 sing N N 170 
ILE CD1 HD13 sing N N 171 
ILE OXT HXT  sing N N 172 
LEU N   CA   sing N N 173 
LEU N   H    sing N N 174 
LEU N   H2   sing N N 175 
LEU CA  C    sing N N 176 
LEU CA  CB   sing N N 177 
LEU CA  HA   sing N N 178 
LEU C   O    doub N N 179 
LEU C   OXT  sing N N 180 
LEU CB  CG   sing N N 181 
LEU CB  HB2  sing N N 182 
LEU CB  HB3  sing N N 183 
LEU CG  CD1  sing N N 184 
LEU CG  CD2  sing N N 185 
LEU CG  HG   sing N N 186 
LEU CD1 HD11 sing N N 187 
LEU CD1 HD12 sing N N 188 
LEU CD1 HD13 sing N N 189 
LEU CD2 HD21 sing N N 190 
LEU CD2 HD22 sing N N 191 
LEU CD2 HD23 sing N N 192 
LEU OXT HXT  sing N N 193 
LYS N   CA   sing N N 194 
LYS N   H    sing N N 195 
LYS N   H2   sing N N 196 
LYS CA  C    sing N N 197 
LYS CA  CB   sing N N 198 
LYS CA  HA   sing N N 199 
LYS C   O    doub N N 200 
LYS C   OXT  sing N N 201 
LYS CB  CG   sing N N 202 
LYS CB  HB2  sing N N 203 
LYS CB  HB3  sing N N 204 
LYS CG  CD   sing N N 205 
LYS CG  HG2  sing N N 206 
LYS CG  HG3  sing N N 207 
LYS CD  CE   sing N N 208 
LYS CD  HD2  sing N N 209 
LYS CD  HD3  sing N N 210 
LYS CE  NZ   sing N N 211 
LYS CE  HE2  sing N N 212 
LYS CE  HE3  sing N N 213 
LYS NZ  HZ1  sing N N 214 
LYS NZ  HZ2  sing N N 215 
LYS NZ  HZ3  sing N N 216 
LYS OXT HXT  sing N N 217 
MET N   CA   sing N N 218 
MET N   H    sing N N 219 
MET N   H2   sing N N 220 
MET CA  C    sing N N 221 
MET CA  CB   sing N N 222 
MET CA  HA   sing N N 223 
MET C   O    doub N N 224 
MET C   OXT  sing N N 225 
MET CB  CG   sing N N 226 
MET CB  HB2  sing N N 227 
MET CB  HB3  sing N N 228 
MET CG  SD   sing N N 229 
MET CG  HG2  sing N N 230 
MET CG  HG3  sing N N 231 
MET SD  CE   sing N N 232 
MET CE  HE1  sing N N 233 
MET CE  HE2  sing N N 234 
MET CE  HE3  sing N N 235 
MET OXT HXT  sing N N 236 
PHE N   CA   sing N N 237 
PHE N   H    sing N N 238 
PHE N   H2   sing N N 239 
PHE CA  C    sing N N 240 
PHE CA  CB   sing N N 241 
PHE CA  HA   sing N N 242 
PHE C   O    doub N N 243 
PHE C   OXT  sing N N 244 
PHE CB  CG   sing N N 245 
PHE CB  HB2  sing N N 246 
PHE CB  HB3  sing N N 247 
PHE CG  CD1  doub Y N 248 
PHE CG  CD2  sing Y N 249 
PHE CD1 CE1  sing Y N 250 
PHE CD1 HD1  sing N N 251 
PHE CD2 CE2  doub Y N 252 
PHE CD2 HD2  sing N N 253 
PHE CE1 CZ   doub Y N 254 
PHE CE1 HE1  sing N N 255 
PHE CE2 CZ   sing Y N 256 
PHE CE2 HE2  sing N N 257 
PHE CZ  HZ   sing N N 258 
PHE OXT HXT  sing N N 259 
PRO N   CA   sing N N 260 
PRO N   CD   sing N N 261 
PRO N   H    sing N N 262 
PRO CA  C    sing N N 263 
PRO CA  CB   sing N N 264 
PRO CA  HA   sing N N 265 
PRO C   O    doub N N 266 
PRO C   OXT  sing N N 267 
PRO CB  CG   sing N N 268 
PRO CB  HB2  sing N N 269 
PRO CB  HB3  sing N N 270 
PRO CG  CD   sing N N 271 
PRO CG  HG2  sing N N 272 
PRO CG  HG3  sing N N 273 
PRO CD  HD2  sing N N 274 
PRO CD  HD3  sing N N 275 
PRO OXT HXT  sing N N 276 
SER N   CA   sing N N 277 
SER N   H    sing N N 278 
SER N   H2   sing N N 279 
SER CA  C    sing N N 280 
SER CA  CB   sing N N 281 
SER CA  HA   sing N N 282 
SER C   O    doub N N 283 
SER C   OXT  sing N N 284 
SER CB  OG   sing N N 285 
SER CB  HB2  sing N N 286 
SER CB  HB3  sing N N 287 
SER OG  HG   sing N N 288 
SER OXT HXT  sing N N 289 
THR N   CA   sing N N 290 
THR N   H    sing N N 291 
THR N   H2   sing N N 292 
THR CA  C    sing N N 293 
THR CA  CB   sing N N 294 
THR CA  HA   sing N N 295 
THR C   O    doub N N 296 
THR C   OXT  sing N N 297 
THR CB  OG1  sing N N 298 
THR CB  CG2  sing N N 299 
THR CB  HB   sing N N 300 
THR OG1 HG1  sing N N 301 
THR CG2 HG21 sing N N 302 
THR CG2 HG22 sing N N 303 
THR CG2 HG23 sing N N 304 
THR OXT HXT  sing N N 305 
TRP N   CA   sing N N 306 
TRP N   H    sing N N 307 
TRP N   H2   sing N N 308 
TRP CA  C    sing N N 309 
TRP CA  CB   sing N N 310 
TRP CA  HA   sing N N 311 
TRP C   O    doub N N 312 
TRP C   OXT  sing N N 313 
TRP CB  CG   sing N N 314 
TRP CB  HB2  sing N N 315 
TRP CB  HB3  sing N N 316 
TRP CG  CD1  doub Y N 317 
TRP CG  CD2  sing Y N 318 
TRP CD1 NE1  sing Y N 319 
TRP CD1 HD1  sing N N 320 
TRP CD2 CE2  doub Y N 321 
TRP CD2 CE3  sing Y N 322 
TRP NE1 CE2  sing Y N 323 
TRP NE1 HE1  sing N N 324 
TRP CE2 CZ2  sing Y N 325 
TRP CE3 CZ3  doub Y N 326 
TRP CE3 HE3  sing N N 327 
TRP CZ2 CH2  doub Y N 328 
TRP CZ2 HZ2  sing N N 329 
TRP CZ3 CH2  sing Y N 330 
TRP CZ3 HZ3  sing N N 331 
TRP CH2 HH2  sing N N 332 
TRP OXT HXT  sing N N 333 
TYR N   CA   sing N N 334 
TYR N   H    sing N N 335 
TYR N   H2   sing N N 336 
TYR CA  C    sing N N 337 
TYR CA  CB   sing N N 338 
TYR CA  HA   sing N N 339 
TYR C   O    doub N N 340 
TYR C   OXT  sing N N 341 
TYR CB  CG   sing N N 342 
TYR CB  HB2  sing N N 343 
TYR CB  HB3  sing N N 344 
TYR CG  CD1  doub Y N 345 
TYR CG  CD2  sing Y N 346 
TYR CD1 CE1  sing Y N 347 
TYR CD1 HD1  sing N N 348 
TYR CD2 CE2  doub Y N 349 
TYR CD2 HD2  sing N N 350 
TYR CE1 CZ   doub Y N 351 
TYR CE1 HE1  sing N N 352 
TYR CE2 CZ   sing Y N 353 
TYR CE2 HE2  sing N N 354 
TYR CZ  OH   sing N N 355 
TYR OH  HH   sing N N 356 
TYR OXT HXT  sing N N 357 
VAL N   CA   sing N N 358 
VAL N   H    sing N N 359 
VAL N   H2   sing N N 360 
VAL CA  C    sing N N 361 
VAL CA  CB   sing N N 362 
VAL CA  HA   sing N N 363 
VAL C   O    doub N N 364 
VAL C   OXT  sing N N 365 
VAL CB  CG1  sing N N 366 
VAL CB  CG2  sing N N 367 
VAL CB  HB   sing N N 368 
VAL CG1 HG11 sing N N 369 
VAL CG1 HG12 sing N N 370 
VAL CG1 HG13 sing N N 371 
VAL CG2 HG21 sing N N 372 
VAL CG2 HG22 sing N N 373 
VAL CG2 HG23 sing N N 374 
VAL OXT HXT  sing N N 375 
# 
_atom_sites.entry_id                    5TGE 
_atom_sites.fract_transf_matrix[1][1]   0.00543907 
_atom_sites.fract_transf_matrix[1][2]   0.00105944 
_atom_sites.fract_transf_matrix[1][3]   -0.01286865 
_atom_sites.fract_transf_matrix[2][1]   0.01077833 
_atom_sites.fract_transf_matrix[2][2]   -0.00806157 
_atom_sites.fract_transf_matrix[2][3]   0.00389189 
_atom_sites.fract_transf_matrix[3][1]   -0.00398559 
_atom_sites.fract_transf_matrix[3][2]   -0.00639620 
_atom_sites.fract_transf_matrix[3][3]   -0.00221113 
_atom_sites.fract_transf_vector[1]      -0.018225 
_atom_sites.fract_transf_vector[2]      0.332306 
_atom_sites.fract_transf_vector[3]      0.481857 
# 
loop_
_atom_type.symbol 
C 
N 
O 
S 
# 
loop_
_atom_site.group_PDB 
_atom_site.id 
_atom_site.type_symbol 
_atom_site.label_atom_id 
_atom_site.label_alt_id 
_atom_site.label_comp_id 
_atom_site.label_asym_id 
_atom_site.label_entity_id 
_atom_site.label_seq_id 
_atom_site.pdbx_PDB_ins_code 
_atom_site.Cartn_x 
_atom_site.Cartn_y 
_atom_site.Cartn_z 
_atom_site.occupancy 
_atom_site.B_iso_or_equiv 
_atom_site.pdbx_formal_charge 
_atom_site.auth_seq_id 
_atom_site.auth_comp_id 
_atom_site.auth_asym_id 
_atom_site.auth_atom_id 
_atom_site.pdbx_PDB_model_num 
ATOM   1    N N   . ASN A 1 7   ? 21.243  -5.025  5.289   1.00 56.59  ? 257 ASN A N   1 
ATOM   2    C CA  . ASN A 1 7   ? 20.525  -3.825  5.703   1.00 47.08  ? 257 ASN A CA  1 
ATOM   3    C C   . ASN A 1 7   ? 19.126  -3.780  5.096   1.00 36.48  ? 257 ASN A C   1 
ATOM   4    O O   . ASN A 1 7   ? 18.428  -2.773  5.201   1.00 34.64  ? 257 ASN A O   1 
ATOM   5    C CB  . ASN A 1 7   ? 21.307  -2.571  5.304   1.00 51.71  ? 257 ASN A CB  1 
ATOM   6    C CG  . ASN A 1 7   ? 21.616  -2.522  3.818   1.00 63.14  ? 257 ASN A CG  1 
ATOM   7    O OD1 . ASN A 1 7   ? 21.007  -3.237  3.021   1.00 47.50  ? 257 ASN A OD1 1 
ATOM   8    N ND2 . ASN A 1 7   ? 22.568  -1.676  3.440   1.00 65.76  ? 257 ASN A ND2 1 
ATOM   9    N N   . SER A 1 8   ? 18.722  -4.875  4.456   1.00 36.70  ? 258 SER A N   1 
ATOM   10   C CA  . SER A 1 8   ? 17.395  -4.940  3.858   1.00 32.93  ? 258 SER A CA  1 
ATOM   11   C C   . SER A 1 8   ? 16.322  -4.852  4.936   1.00 34.60  ? 258 SER A C   1 
ATOM   12   O O   . SER A 1 8   ? 16.416  -5.495  5.985   1.00 36.84  ? 258 SER A O   1 
ATOM   13   C CB  . SER A 1 8   ? 17.236  -6.235  3.062   1.00 28.90  ? 258 SER A CB  1 
ATOM   14   O OG  . SER A 1 8   ? 18.154  -6.287  1.985   1.00 44.61  ? 258 SER A OG  1 
ATOM   15   N N   . VAL A 1 9   ? 15.298  -4.040  4.672   1.00 26.15  ? 259 VAL A N   1 
ATOM   16   C CA  . VAL A 1 9   ? 14.179  -3.923  5.603   1.00 31.15  ? 259 VAL A CA  1 
ATOM   17   C C   . VAL A 1 9   ? 13.315  -5.173  5.548   1.00 34.19  ? 259 VAL A C   1 
ATOM   18   O O   . VAL A 1 9   ? 12.902  -5.711  6.582   1.00 35.62  ? 259 VAL A O   1 
ATOM   19   C CB  . VAL A 1 9   ? 13.354  -2.663  5.289   1.00 24.66  ? 259 VAL A CB  1 
ATOM   20   C CG1 . VAL A 1 9   ? 12.099  -2.621  6.142   1.00 32.15  ? 259 VAL A CG1 1 
ATOM   21   C CG2 . VAL A 1 9   ? 14.192  -1.414  5.505   1.00 29.79  ? 259 VAL A CG2 1 
ATOM   22   N N   . PHE A 1 10  ? 13.014  -5.645  4.339   1.00 37.03  ? 260 PHE A N   1 
ATOM   23   C CA  . PHE A 1 10  ? 12.159  -6.815  4.150   1.00 31.36  ? 260 PHE A CA  1 
ATOM   24   C C   . PHE A 1 10  ? 13.055  -8.047  4.087   1.00 32.25  ? 260 PHE A C   1 
ATOM   25   O O   . PHE A 1 10  ? 13.347  -8.603  3.026   1.00 32.40  ? 260 PHE A O   1 
ATOM   26   C CB  . PHE A 1 10  ? 11.298  -6.649  2.903   1.00 30.87  ? 260 PHE A CB  1 
ATOM   27   C CG  . PHE A 1 10  ? 10.416  -5.433  2.945   1.00 18.27  ? 260 PHE A CG  1 
ATOM   28   C CD1 . PHE A 1 10  ? 9.261   -5.429  3.707   1.00 19.93  ? 260 PHE A CD1 1 
ATOM   29   C CD2 . PHE A 1 10  ? 10.749  -4.291  2.236   1.00 26.70  ? 260 PHE A CD2 1 
ATOM   30   C CE1 . PHE A 1 10  ? 8.447   -4.308  3.757   1.00 34.76  ? 260 PHE A CE1 1 
ATOM   31   C CE2 . PHE A 1 10  ? 9.938   -3.167  2.281   1.00 29.32  ? 260 PHE A CE2 1 
ATOM   32   C CZ  . PHE A 1 10  ? 8.787   -3.176  3.043   1.00 23.54  ? 260 PHE A CZ  1 
ATOM   33   N N   . SER A 1 11  ? 13.513  -8.465  5.269   1.00 37.38  ? 261 SER A N   1 
ATOM   34   C CA  . SER A 1 11  ? 14.351  -9.654  5.368   1.00 42.09  ? 261 SER A CA  1 
ATOM   35   C C   . SER A 1 11  ? 13.598  -10.905 4.939   1.00 31.92  ? 261 SER A C   1 
ATOM   36   O O   . SER A 1 11  ? 14.213  -11.868 4.466   1.00 36.50  ? 261 SER A O   1 
ATOM   37   C CB  . SER A 1 11  ? 14.861  -9.808  6.800   1.00 32.19  ? 261 SER A CB  1 
ATOM   38   O OG  . SER A 1 11  ? 15.659  -8.699  7.176   1.00 74.88  ? 261 SER A OG  1 
ATOM   39   N N   . GLY A 1 12  ? 12.277  -10.912 5.095   1.00 30.53  ? 262 GLY A N   1 
ATOM   40   C CA  . GLY A 1 12  ? 11.474  -12.053 4.705   1.00 43.84  ? 262 GLY A CA  1 
ATOM   41   C C   . GLY A 1 12  ? 10.981  -11.957 3.276   1.00 34.34  ? 262 GLY A C   1 
ATOM   42   O O   . GLY A 1 12  ? 9.928   -12.507 2.938   1.00 38.74  ? 262 GLY A O   1 
ATOM   43   N N   . LEU A 1 13  ? 11.734  -11.258 2.425   1.00 24.25  ? 263 LEU A N   1 
ATOM   44   C CA  . LEU A 1 13  ? 11.319  -11.105 1.035   1.00 36.70  ? 263 LEU A CA  1 
ATOM   45   C C   . LEU A 1 13  ? 11.301  -12.444 0.310   1.00 34.14  ? 263 LEU A C   1 
ATOM   46   O O   . LEU A 1 13  ? 10.546  -12.614 -0.654  1.00 29.91  ? 263 LEU A O   1 
ATOM   47   C CB  . LEU A 1 13  ? 12.244  -10.124 0.314   1.00 23.83  ? 263 LEU A CB  1 
ATOM   48   C CG  . LEU A 1 13  ? 11.821  -9.737  -1.106  1.00 25.91  ? 263 LEU A CG  1 
ATOM   49   C CD1 . LEU A 1 13  ? 10.590  -8.845  -1.078  1.00 32.31  ? 263 LEU A CD1 1 
ATOM   50   C CD2 . LEU A 1 13  ? 12.955  -9.052  -1.844  1.00 48.77  ? 263 LEU A CD2 1 
ATOM   51   N N   . ASP A 1 14  ? 12.117  -13.400 0.756   1.00 34.47  ? 264 ASP A N   1 
ATOM   52   C CA  . ASP A 1 14  ? 12.104  -14.731 0.162   1.00 34.08  ? 264 ASP A CA  1 
ATOM   53   C C   . ASP A 1 14  ? 10.745  -15.408 0.300   1.00 33.09  ? 264 ASP A C   1 
ATOM   54   O O   . ASP A 1 14  ? 10.478  -16.388 -0.403  1.00 33.19  ? 264 ASP A O   1 
ATOM   55   C CB  . ASP A 1 14  ? 13.186  -15.593 0.814   1.00 24.21  ? 264 ASP A CB  1 
ATOM   56   C CG  . ASP A 1 14  ? 12.970  -15.764 2.304   1.00 46.25  ? 264 ASP A CG  1 
ATOM   57   O OD1 . ASP A 1 14  ? 13.199  -14.792 3.056   1.00 51.07  ? 264 ASP A OD1 1 
ATOM   58   O OD2 . ASP A 1 14  ? 12.574  -16.871 2.724   1.00 61.39  1 264 ASP A OD2 1 
ATOM   59   N N   . MET A 1 15  ? 9.884   -14.905 1.184   1.00 28.70  ? 265 MET A N   1 
ATOM   60   C CA  . MET A 1 15  ? 8.581   -15.493 1.452   1.00 27.25  ? 265 MET A CA  1 
ATOM   61   C C   . MET A 1 15  ? 7.442   -14.777 0.736   1.00 30.62  ? 265 MET A C   1 
ATOM   62   O O   . MET A 1 15  ? 6.281   -15.161 0.909   1.00 31.49  ? 265 MET A O   1 
ATOM   63   C CB  . MET A 1 15  ? 8.316   -15.487 2.961   1.00 35.59  ? 265 MET A CB  1 
ATOM   64   C CG  . MET A 1 15  ? 9.386   -16.191 3.792   1.00 40.10  ? 265 MET A CG  1 
ATOM   65   S SD  . MET A 1 15  ? 9.416   -17.980 3.570   1.00 44.62  ? 265 MET A SD  1 
ATOM   66   C CE  . MET A 1 15  ? 7.850   -18.440 4.311   1.00 35.60  ? 265 MET A CE  1 
ATOM   67   N N   . LEU A 1 16  ? 7.740   -13.751 -0.057  1.00 30.59  ? 266 LEU A N   1 
ATOM   68   C CA  . LEU A 1 16  ? 6.708   -12.984 -0.750  1.00 33.28  ? 266 LEU A CA  1 
ATOM   69   C C   . LEU A 1 16  ? 6.124   -13.820 -1.884  1.00 22.70  ? 266 LEU A C   1 
ATOM   70   O O   . LEU A 1 16  ? 6.827   -14.152 -2.843  1.00 20.19  ? 266 LEU A O   1 
ATOM   71   C CB  . LEU A 1 16  ? 7.300   -11.680 -1.280  1.00 28.76  ? 266 LEU A CB  1 
ATOM   72   C CG  . LEU A 1 16  ? 6.371   -10.770 -2.087  1.00 24.12  ? 266 LEU A CG  1 
ATOM   73   C CD1 . LEU A 1 16  ? 5.288   -10.171 -1.201  1.00 24.04  ? 266 LEU A CD1 1 
ATOM   74   C CD2 . LEU A 1 16  ? 7.170   -9.677  -2.776  1.00 21.57  ? 266 LEU A CD2 1 
ATOM   75   N N   . ILE A 1 17  ? 4.838   -14.159 -1.782  1.00 27.41  ? 267 ILE A N   1 
ATOM   76   C CA  . ILE A 1 17  ? 4.176   -14.899 -2.848  1.00 23.84  ? 267 ILE A CA  1 
ATOM   77   C C   . ILE A 1 17  ? 3.896   -13.963 -4.017  1.00 18.91  ? 267 ILE A C   1 
ATOM   78   O O   . ILE A 1 17  ? 3.547   -12.790 -3.830  1.00 20.15  ? 267 ILE A O   1 
ATOM   79   C CB  . ILE A 1 17  ? 2.881   -15.553 -2.335  1.00 26.28  ? 267 ILE A CB  1 
ATOM   80   C CG1 . ILE A 1 17  ? 3.192   -16.568 -1.233  1.00 24.22  ? 267 ILE A CG1 1 
ATOM   81   C CG2 . ILE A 1 17  ? 2.139   -16.242 -3.471  1.00 28.42  ? 267 ILE A CG2 1 
ATOM   82   C CD1 . ILE A 1 17  ? 2.943   -16.051 0.159   1.00 30.55  ? 267 ILE A CD1 1 
ATOM   83   N N   . LEU A 1 18  ? 4.045   -14.483 -5.232  1.00 26.64  ? 268 LEU A N   1 
ATOM   84   C CA  . LEU A 1 18  ? 3.880   -13.708 -6.454  1.00 23.11  ? 268 LEU A CA  1 
ATOM   85   C C   . LEU A 1 18  ? 2.649   -14.205 -7.199  1.00 28.81  ? 268 LEU A C   1 
ATOM   86   O O   . LEU A 1 18  ? 2.463   -15.417 -7.361  1.00 20.29  ? 268 LEU A O   1 
ATOM   87   C CB  . LEU A 1 18  ? 5.123   -13.819 -7.340  1.00 25.44  ? 268 LEU A CB  1 
ATOM   88   C CG  . LEU A 1 18  ? 6.442   -13.593 -6.597  1.00 31.60  ? 268 LEU A CG  1 
ATOM   89   C CD1 . LEU A 1 18  ? 7.625   -13.838 -7.518  1.00 19.22  ? 268 LEU A CD1 1 
ATOM   90   C CD2 . LEU A 1 18  ? 6.498   -12.191 -6.005  1.00 22.93  ? 268 LEU A CD2 1 
ATOM   91   N N   . LEU A 1 19  ? 1.815   -13.269 -7.651  1.00 17.75  ? 269 LEU A N   1 
ATOM   92   C CA  . LEU A 1 19  ? 0.531   -13.603 -8.243  1.00 23.71  ? 269 LEU A CA  1 
ATOM   93   C C   . LEU A 1 19  ? 0.533   -13.288 -9.729  1.00 24.14  ? 269 LEU A C   1 
ATOM   94   O O   . LEU A 1 19  ? 0.963   -12.194 -10.120 1.00 24.88  ? 269 LEU A O   1 
ATOM   95   C CB  . LEU A 1 19  ? -0.594  -12.819 -7.557  1.00 14.22  ? 269 LEU A CB  1 
ATOM   96   C CG  . LEU A 1 19  ? -0.697  -12.964 -6.038  1.00 16.30  ? 269 LEU A CG  1 
ATOM   97   C CD1 . LEU A 1 19  ? -1.733  -12.003 -5.483  1.00 22.06  ? 269 LEU A CD1 1 
ATOM   98   C CD2 . LEU A 1 19  ? -1.033  -14.395 -5.653  1.00 16.06  ? 269 LEU A CD2 1 
ATOM   99   N N   . PRO A 1 20  ? 0.069   -14.195 -10.584 1.00 21.51  ? 270 PRO A N   1 
ATOM   100  C CA  . PRO A 1 20  ? -0.142  -13.828 -11.987 1.00 20.88  ? 270 PRO A CA  1 
ATOM   101  C C   . PRO A 1 20  ? -1.253  -12.801 -12.101 1.00 23.39  ? 270 PRO A C   1 
ATOM   102  O O   . PRO A 1 20  ? -2.163  -12.742 -11.270 1.00 22.77  ? 270 PRO A O   1 
ATOM   103  C CB  . PRO A 1 20  ? -0.532  -15.153 -12.651 1.00 14.43  ? 270 PRO A CB  1 
ATOM   104  C CG  . PRO A 1 20  ? -1.100  -15.968 -11.551 1.00 27.31  ? 270 PRO A CG  1 
ATOM   105  C CD  . PRO A 1 20  ? -0.342  -15.584 -10.314 1.00 28.51  ? 270 PRO A CD  1 
ATOM   106  N N   . TYR A 1 21  ? -1.173  -11.980 -13.144 1.00 22.22  ? 271 TYR A N   1 
ATOM   107  C CA  . TYR A 1 21  ? -2.114  -10.880 -13.283 1.00 18.55  ? 271 TYR A CA  1 
ATOM   108  C C   . TYR A 1 21  ? -2.277  -10.520 -14.750 1.00 21.81  ? 271 TYR A C   1 
ATOM   109  O O   . TYR A 1 21  ? -1.429  -10.834 -15.590 1.00 31.87  ? 271 TYR A O   1 
ATOM   110  C CB  . TYR A 1 21  ? -1.653  -9.651  -12.494 1.00 21.04  ? 271 TYR A CB  1 
ATOM   111  C CG  . TYR A 1 21  ? -0.424  -8.994  -13.062 1.00 19.41  ? 271 TYR A CG  1 
ATOM   112  C CD1 . TYR A 1 21  ? 0.841   -9.386  -12.655 1.00 19.73  ? 271 TYR A CD1 1 
ATOM   113  C CD2 . TYR A 1 21  ? -0.525  -7.977  -14.002 1.00 23.95  ? 271 TYR A CD2 1 
ATOM   114  C CE1 . TYR A 1 21  ? 1.967   -8.789  -13.166 1.00 26.51  ? 271 TYR A CE1 1 
ATOM   115  C CE2 . TYR A 1 21  ? 0.595   -7.376  -14.519 1.00 19.00  ? 271 TYR A CE2 1 
ATOM   116  C CZ  . TYR A 1 21  ? 1.838   -7.784  -14.099 1.00 26.56  ? 271 TYR A CZ  1 
ATOM   117  O OH  . TYR A 1 21  ? 2.951   -7.174  -14.624 1.00 47.01  ? 271 TYR A OH  1 
ATOM   118  N N   . GLU A 1 22  ? -3.387  -9.848  -15.037 1.00 24.60  ? 272 GLU A N   1 
ATOM   119  C CA  . GLU A 1 22  ? -3.654  -9.257  -16.340 1.00 30.34  ? 272 GLU A CA  1 
ATOM   120  C C   . GLU A 1 22  ? -3.589  -7.743  -16.212 1.00 26.59  ? 272 GLU A C   1 
ATOM   121  O O   . GLU A 1 22  ? -4.275  -7.159  -15.365 1.00 25.57  ? 272 GLU A O   1 
ATOM   122  C CB  . GLU A 1 22  ? -5.027  -9.681  -16.864 1.00 35.89  ? 272 GLU A CB  1 
ATOM   123  C CG  . GLU A 1 22  ? -5.386  -9.087  -18.226 1.00 59.56  ? 272 GLU A CG  1 
ATOM   124  C CD  . GLU A 1 22  ? -6.787  -9.457  -18.679 1.00 65.75  ? 272 GLU A CD  1 
ATOM   125  O OE1 . GLU A 1 22  ? -7.526  -10.086 -17.893 1.00 59.11  ? 272 GLU A OE1 1 
ATOM   126  O OE2 . GLU A 1 22  ? -7.150  -9.112  -19.822 1.00 54.21  1 272 GLU A OE2 1 
ATOM   127  N N   . ARG A 1 23  ? -2.768  -7.111  -17.047 1.00 36.57  ? 273 ARG A N   1 
ATOM   128  C CA  . ARG A 1 23  ? -2.680  -5.656  -17.075 1.00 33.85  ? 273 ARG A CA  1 
ATOM   129  C C   . ARG A 1 23  ? -3.793  -5.115  -17.965 1.00 35.09  ? 273 ARG A C   1 
ATOM   130  O O   . ARG A 1 23  ? -3.746  -5.263  -19.191 1.00 56.85  ? 273 ARG A O   1 
ATOM   131  C CB  . ARG A 1 23  ? -1.311  -5.205  -17.574 1.00 30.69  ? 273 ARG A CB  1 
ATOM   132  C CG  . ARG A 1 23  ? -1.118  -3.694  -17.550 1.00 35.69  ? 273 ARG A CG  1 
ATOM   133  C CD  . ARG A 1 23  ? 0.284   -3.287  -17.992 1.00 52.07  ? 273 ARG A CD  1 
ATOM   134  N NE  . ARG A 1 23  ? 1.336   -4.018  -17.288 1.00 55.27  ? 273 ARG A NE  1 
ATOM   135  C CZ  . ARG A 1 23  ? 2.259   -3.469  -16.500 1.00 51.84  ? 273 ARG A CZ  1 
ATOM   136  N NH1 . ARG A 1 23  ? 2.303   -2.156  -16.289 1.00 62.77  1 273 ARG A NH1 1 
ATOM   137  N NH2 . ARG A 1 23  ? 3.159   -4.247  -15.917 1.00 42.49  ? 273 ARG A NH2 1 
ATOM   138  N N   . ARG A 1 24  ? -4.797  -4.494  -17.352 1.00 33.87  ? 274 ARG A N   1 
ATOM   139  C CA  . ARG A 1 24  ? -5.905  -3.886  -18.076 1.00 43.53  ? 274 ARG A CA  1 
ATOM   140  C C   . ARG A 1 24  ? -6.024  -2.439  -17.628 1.00 41.29  ? 274 ARG A C   1 
ATOM   141  O O   . ARG A 1 24  ? -6.037  -2.155  -16.426 1.00 46.47  ? 274 ARG A O   1 
ATOM   142  C CB  . ARG A 1 24  ? -7.213  -4.641  -17.827 1.00 47.74  ? 274 ARG A CB  1 
ATOM   143  C CG  . ARG A 1 24  ? -7.682  -4.584  -16.395 1.00 47.60  ? 274 ARG A CG  1 
ATOM   144  C CD  . ARG A 1 24  ? -8.895  -5.462  -16.173 1.00 57.60  ? 274 ARG A CD  1 
ATOM   145  N NE  . ARG A 1 24  ? -8.571  -6.875  -16.336 1.00 56.65  ? 274 ARG A NE  1 
ATOM   146  C CZ  . ARG A 1 24  ? -9.315  -7.877  -15.875 1.00 53.60  ? 274 ARG A CZ  1 
ATOM   147  N NH1 . ARG A 1 24  ? -10.434 -7.636  -15.202 1.00 40.23  1 274 ARG A NH1 1 
ATOM   148  N NH2 . ARG A 1 24  ? -8.931  -9.128  -16.079 1.00 38.53  ? 274 ARG A NH2 1 
ATOM   149  N N   . GLY A 1 25  ? -6.120  -1.529  -18.591 1.00 53.48  ? 275 GLY A N   1 
ATOM   150  C CA  . GLY A 1 25  ? -5.961  -0.123  -18.265 1.00 42.48  ? 275 GLY A CA  1 
ATOM   151  C C   . GLY A 1 25  ? -4.612  0.078   -17.608 1.00 32.75  ? 275 GLY A C   1 
ATOM   152  O O   . GLY A 1 25  ? -3.583  -0.416  -18.082 1.00 32.07  ? 275 GLY A O   1 
ATOM   153  N N   . THR A 1 26  ? -4.607  0.802   -16.495 1.00 26.41  ? 276 THR A N   1 
ATOM   154  C CA  . THR A 1 26  ? -3.416  0.935   -15.670 1.00 30.15  ? 276 THR A CA  1 
ATOM   155  C C   . THR A 1 26  ? -3.454  0.023   -14.450 1.00 29.39  ? 276 THR A C   1 
ATOM   156  O O   . THR A 1 26  ? -2.547  0.090   -13.615 1.00 22.87  ? 276 THR A O   1 
ATOM   157  C CB  . THR A 1 26  ? -3.240  2.390   -15.226 1.00 28.72  ? 276 THR A CB  1 
ATOM   158  O OG1 . THR A 1 26  ? -4.145  2.684   -14.154 1.00 39.00  ? 276 THR A OG1 1 
ATOM   159  C CG2 . THR A 1 26  ? -3.506  3.338   -16.393 1.00 29.97  ? 276 THR A CG2 1 
ATOM   160  N N   . ARG A 1 27  ? -4.470  -0.828  -14.333 1.00 18.52  ? 277 ARG A N   1 
ATOM   161  C CA  . ARG A 1 27  ? -4.587  -1.749  -13.214 1.00 16.90  ? 277 ARG A CA  1 
ATOM   162  C C   . ARG A 1 27  ? -3.830  -3.038  -13.505 1.00 27.27  ? 277 ARG A C   1 
ATOM   163  O O   . ARG A 1 27  ? -3.883  -3.565  -14.621 1.00 18.91  ? 277 ARG A O   1 
ATOM   164  C CB  . ARG A 1 27  ? -6.054  -2.082  -12.936 1.00 21.65  ? 277 ARG A CB  1 
ATOM   165  C CG  . ARG A 1 27  ? -6.958  -0.890  -12.680 1.00 28.36  ? 277 ARG A CG  1 
ATOM   166  C CD  . ARG A 1 27  ? -8.364  -1.368  -12.354 1.00 24.59  ? 277 ARG A CD  1 
ATOM   167  N NE  . ARG A 1 27  ? -9.311  -0.272  -12.176 1.00 39.66  ? 277 ARG A NE  1 
ATOM   168  C CZ  . ARG A 1 27  ? -10.580 -0.433  -11.811 1.00 32.82  ? 277 ARG A CZ  1 
ATOM   169  N NH1 . ARG A 1 27  ? -11.062 -1.647  -11.579 1.00 39.89  1 277 ARG A NH1 1 
ATOM   170  N NH2 . ARG A 1 27  ? -11.369 0.621   -11.675 1.00 31.42  ? 277 ARG A NH2 1 
ATOM   171  N N   . LEU A 1 28  ? -3.118  -3.539  -12.496 1.00 21.32  ? 278 LEU A N   1 
ATOM   172  C CA  . LEU A 1 28  ? -2.609  -4.909  -12.504 1.00 15.19  ? 278 LEU A CA  1 
ATOM   173  C C   . LEU A 1 28  ? -3.638  -5.755  -11.765 1.00 26.00  ? 278 LEU A C   1 
ATOM   174  O O   . LEU A 1 28  ? -3.675  -5.770  -10.532 1.00 23.17  ? 278 LEU A O   1 
ATOM   175  C CB  . LEU A 1 28  ? -1.237  -5.001  -11.846 1.00 16.66  ? 278 LEU A CB  1 
ATOM   176  C CG  . LEU A 1 28  ? -0.181  -3.938  -12.160 1.00 20.96  ? 278 LEU A CG  1 
ATOM   177  C CD1 . LEU A 1 28  ? 1.149   -4.367  -11.562 1.00 21.49  ? 278 LEU A CD1 1 
ATOM   178  C CD2 . LEU A 1 28  ? -0.045  -3.687  -13.652 1.00 24.87  ? 278 LEU A CD2 1 
ATOM   179  N N   . VAL A 1 29  ? -4.481  -6.458  -12.513 1.00 23.64  ? 279 VAL A N   1 
ATOM   180  C CA  . VAL A 1 29  ? -5.637  -7.145  -11.949 1.00 22.72  ? 279 VAL A CA  1 
ATOM   181  C C   . VAL A 1 29  ? -5.299  -8.618  -11.774 1.00 23.97  ? 279 VAL A C   1 
ATOM   182  O O   . VAL A 1 29  ? -5.001  -9.319  -12.748 1.00 18.87  ? 279 VAL A O   1 
ATOM   183  C CB  . VAL A 1 29  ? -6.881  -6.967  -12.833 1.00 27.60  ? 279 VAL A CB  1 
ATOM   184  C CG1 . VAL A 1 29  ? -8.071  -7.668  -12.210 1.00 21.56  ? 279 VAL A CG1 1 
ATOM   185  C CG2 . VAL A 1 29  ? -7.181  -5.482  -13.034 1.00 25.66  ? 279 VAL A CG2 1 
ATOM   186  N N   . VAL A 1 30  ? -5.357  -9.087  -10.530 1.00 21.00  ? 280 VAL A N   1 
ATOM   187  C CA  . VAL A 1 30  ? -5.205  -10.507 -10.235 1.00 17.62  ? 280 VAL A CA  1 
ATOM   188  C C   . VAL A 1 30  ? -6.557  -11.203 -10.184 1.00 26.75  ? 280 VAL A C   1 
ATOM   189  O O   . VAL A 1 30  ? -6.710  -12.312 -10.700 1.00 27.40  ? 280 VAL A O   1 
ATOM   190  C CB  . VAL A 1 30  ? -4.434  -10.683 -8.911  1.00 23.03  ? 280 VAL A CB  1 
ATOM   191  C CG1 . VAL A 1 30  ? -4.299  -12.160 -8.556  1.00 17.73  ? 280 VAL A CG1 1 
ATOM   192  C CG2 . VAL A 1 30  ? -3.063  -10.024 -8.995  1.00 21.45  ? 280 VAL A CG2 1 
ATOM   193  N N   . GLU A 1 31  ? -7.547  -10.565 -9.563  1.00 24.43  ? 281 GLU A N   1 
ATOM   194  C CA  . GLU A 1 31  ? -8.876  -11.136 -9.416  1.00 24.10  ? 281 GLU A CA  1 
ATOM   195  C C   . GLU A 1 31  ? -9.900  -10.013 -9.384  1.00 24.34  ? 281 GLU A C   1 
ATOM   196  O O   . GLU A 1 31  ? -9.623  -8.912  -8.898  1.00 23.18  ? 281 GLU A O   1 
ATOM   197  C CB  . GLU A 1 31  ? -8.989  -11.981 -8.142  1.00 24.95  ? 281 GLU A CB  1 
ATOM   198  C CG  . GLU A 1 31  ? -8.334  -13.341 -8.238  1.00 42.76  ? 281 GLU A CG  1 
ATOM   199  C CD  . GLU A 1 31  ? -8.434  -14.117 -6.942  1.00 61.45  ? 281 GLU A CD  1 
ATOM   200  O OE1 . GLU A 1 31  ? -9.055  -13.599 -5.989  1.00 57.32  ? 281 GLU A OE1 1 
ATOM   201  O OE2 . GLU A 1 31  ? -7.891  -15.242 -6.876  1.00 68.11  1 281 GLU A OE2 1 
ATOM   202  N N   . ASP A 1 32  ? -11.087 -10.302 -9.907  1.00 34.92  ? 282 ASP A N   1 
ATOM   203  C CA  . ASP A 1 32  ? -12.185 -9.353  -9.858  1.00 27.36  ? 282 ASP A CA  1 
ATOM   204  C C   . ASP A 1 32  ? -12.864 -9.402  -8.490  1.00 29.99  ? 282 ASP A C   1 
ATOM   205  O O   . ASP A 1 32  ? -12.551 -10.234 -7.635  1.00 23.96  ? 282 ASP A O   1 
ATOM   206  C CB  . ASP A 1 32  ? -13.198 -9.640  -10.965 1.00 23.69  ? 282 ASP A CB  1 
ATOM   207  C CG  . ASP A 1 32  ? -12.652 -9.347  -12.350 1.00 38.70  ? 282 ASP A CG  1 
ATOM   208  O OD1 . ASP A 1 32  ? -13.115 -9.985  -13.319 1.00 49.05  ? 282 ASP A OD1 1 
ATOM   209  O OD2 . ASP A 1 32  ? -11.762 -8.478  -12.472 1.00 45.69  1 282 ASP A OD2 1 
ATOM   210  N N   . TYR A 1 33  ? -13.814 -8.490  -8.294  1.00 29.60  ? 283 TYR A N   1 
ATOM   211  C CA  . TYR A 1 33  ? -14.493 -8.369  -7.012  1.00 23.74  ? 283 TYR A CA  1 
ATOM   212  C C   . TYR A 1 33  ? -15.293 -9.627  -6.694  1.00 23.52  ? 283 TYR A C   1 
ATOM   213  O O   . TYR A 1 33  ? -15.883 -10.252 -7.580  1.00 19.48  ? 283 TYR A O   1 
ATOM   214  C CB  . TYR A 1 33  ? -15.414 -7.148  -7.030  1.00 22.96  ? 283 TYR A CB  1 
ATOM   215  C CG  . TYR A 1 33  ? -16.281 -6.998  -5.802  1.00 29.90  ? 283 TYR A CG  1 
ATOM   216  C CD1 . TYR A 1 33  ? -15.716 -6.913  -4.537  1.00 24.19  ? 283 TYR A CD1 1 
ATOM   217  C CD2 . TYR A 1 33  ? -17.665 -6.920  -5.908  1.00 21.51  ? 283 TYR A CD2 1 
ATOM   218  C CE1 . TYR A 1 33  ? -16.501 -6.768  -3.412  1.00 30.02  ? 283 TYR A CE1 1 
ATOM   219  C CE2 . TYR A 1 33  ? -18.460 -6.774  -4.786  1.00 26.17  ? 283 TYR A CE2 1 
ATOM   220  C CZ  . TYR A 1 33  ? -17.873 -6.697  -3.542  1.00 33.54  ? 283 TYR A CZ  1 
ATOM   221  O OH  . TYR A 1 33  ? -18.657 -6.552  -2.420  1.00 32.93  ? 283 TYR A OH  1 
ATOM   222  N N   . ARG A 1 34  ? -15.303 -9.995  -5.418  1.00 26.47  ? 284 ARG A N   1 
ATOM   223  C CA  . ARG A 1 34  ? -16.089 -11.128 -4.930  1.00 24.98  ? 284 ARG A CA  1 
ATOM   224  C C   . ARG A 1 34  ? -17.017 -10.653 -3.820  1.00 32.43  ? 284 ARG A C   1 
ATOM   225  O O   . ARG A 1 34  ? -16.544 -10.379 -2.699  1.00 30.75  ? 284 ARG A O   1 
ATOM   226  C CB  . ARG A 1 34  ? -15.177 -12.244 -4.422  1.00 21.75  ? 284 ARG A CB  1 
ATOM   227  C CG  . ARG A 1 34  ? -14.483 -13.027 -5.525  1.00 18.77  ? 284 ARG A CG  1 
ATOM   228  C CD  . ARG A 1 34  ? -13.620 -14.138 -4.951  1.00 29.84  ? 284 ARG A CD  1 
ATOM   229  N NE  . ARG A 1 34  ? -13.857 -15.415 -5.622  1.00 37.51  ? 284 ARG A NE  1 
ATOM   230  C CZ  . ARG A 1 34  ? -13.148 -15.874 -6.650  1.00 49.87  ? 284 ARG A CZ  1 
ATOM   231  N NH1 . ARG A 1 34  ? -12.137 -15.170 -7.146  1.00 55.71  1 284 ARG A NH1 1 
ATOM   232  N NH2 . ARG A 1 34  ? -13.452 -17.047 -7.187  1.00 51.25  ? 284 ARG A NH2 1 
ATOM   233  N N   . PRO A 1 35  ? -18.327 -10.540 -4.065  1.00 37.87  ? 285 PRO A N   1 
ATOM   234  C CA  . PRO A 1 35  ? -19.228 -10.017 -3.022  1.00 31.85  ? 285 PRO A CA  1 
ATOM   235  C C   . PRO A 1 35  ? -19.077 -10.693 -1.672  1.00 41.51  ? 285 PRO A C   1 
ATOM   236  O O   . PRO A 1 35  ? -19.270 -10.040 -0.638  1.00 45.10  ? 285 PRO A O   1 
ATOM   237  C CB  . PRO A 1 35  ? -20.620 -10.260 -3.620  1.00 33.84  ? 285 PRO A CB  1 
ATOM   238  C CG  . PRO A 1 35  ? -20.401 -10.207 -5.090  1.00 29.94  ? 285 PRO A CG  1 
ATOM   239  C CD  . PRO A 1 35  ? -19.045 -10.813 -5.324  1.00 33.67  ? 285 PRO A CD  1 
ATOM   240  N N   . ASP A 1 36  ? -18.735 -11.981 -1.641  1.00 38.55  ? 286 ASP A N   1 
ATOM   241  C CA  . ASP A 1 36  ? -18.552 -12.668 -0.370  1.00 32.10  ? 286 ASP A CA  1 
ATOM   242  C C   . ASP A 1 36  ? -17.382 -12.124 0.437   1.00 32.22  ? 286 ASP A C   1 
ATOM   243  O O   . ASP A 1 36  ? -17.232 -12.501 1.605   1.00 35.34  ? 286 ASP A O   1 
ATOM   244  C CB  . ASP A 1 36  ? -18.351 -14.165 -0.611  1.00 41.39  ? 286 ASP A CB  1 
ATOM   245  C CG  . ASP A 1 36  ? -19.580 -14.829 -1.201  1.00 58.97  ? 286 ASP A CG  1 
ATOM   246  O OD1 . ASP A 1 36  ? -20.687 -14.269 -1.053  1.00 57.45  ? 286 ASP A OD1 1 
ATOM   247  O OD2 . ASP A 1 36  ? -19.440 -15.911 -1.810  1.00 62.53  1 286 ASP A OD2 1 
ATOM   248  N N   . HIS A 1 37  ? -16.561 -11.250 -0.140  1.00 42.44  ? 287 HIS A N   1 
ATOM   249  C CA  . HIS A 1 37  ? -15.331 -10.808 0.497   1.00 40.68  ? 287 HIS A CA  1 
ATOM   250  C C   . HIS A 1 37  ? -15.367 -9.311  0.773   1.00 24.20  ? 287 HIS A C   1 
ATOM   251  O O   . HIS A 1 37  ? -16.017 -8.541  0.059   1.00 33.58  ? 287 HIS A O   1 
ATOM   252  C CB  . HIS A 1 37  ? -14.117 -11.142 -0.375  1.00 38.35  ? 287 HIS A CB  1 
ATOM   253  C CG  . HIS A 1 37  ? -13.824 -12.607 -0.463  1.00 39.19  ? 287 HIS A CG  1 
ATOM   254  N ND1 . HIS A 1 37  ? -12.700 -13.103 -1.085  1.00 35.28  ? 287 HIS A ND1 1 
ATOM   255  C CD2 . HIS A 1 37  ? -14.509 -13.683 -0.008  1.00 31.82  ? 287 HIS A CD2 1 
ATOM   256  C CE1 . HIS A 1 37  ? -12.704 -14.422 -1.010  1.00 34.07  ? 287 HIS A CE1 1 
ATOM   257  N NE2 . HIS A 1 37  ? -13.791 -14.799 -0.362  1.00 32.42  ? 287 HIS A NE2 1 
ATOM   258  N N   . ILE A 1 38  ? -14.658 -8.916  1.826   1.00 25.95  ? 288 ILE A N   1 
ATOM   259  C CA  . ILE A 1 38  ? -14.452 -7.518  2.180   1.00 35.80  ? 288 ILE A CA  1 
ATOM   260  C C   . ILE A 1 38  ? -13.077 -7.097  1.682   1.00 39.47  ? 288 ILE A C   1 
ATOM   261  O O   . ILE A 1 38  ? -12.092 -7.828  1.857   1.00 29.10  ? 288 ILE A O   1 
ATOM   262  C CB  . ILE A 1 38  ? -14.574 -7.311  3.704   1.00 32.09  ? 288 ILE A CB  1 
ATOM   263  C CG1 . ILE A 1 38  ? -15.937 -7.788  4.215   1.00 33.89  ? 288 ILE A CG1 1 
ATOM   264  C CG2 . ILE A 1 38  ? -14.343 -5.856  4.072   1.00 32.56  ? 288 ILE A CG2 1 
ATOM   265  C CD1 . ILE A 1 38  ? -17.125 -7.056  3.620   1.00 56.03  ? 288 ILE A CD1 1 
ATOM   266  N N   . TYR A 1 39  ? -13.002 -5.919  1.069   1.00 37.55  ? 289 TYR A N   1 
ATOM   267  C CA  . TYR A 1 39  ? -11.756 -5.401  0.527   1.00 26.27  ? 289 TYR A CA  1 
ATOM   268  C C   . TYR A 1 39  ? -11.452 -4.027  1.111   1.00 28.31  ? 289 TYR A C   1 
ATOM   269  O O   . TYR A 1 39  ? -12.341 -3.323  1.599   1.00 37.53  ? 289 TYR A O   1 
ATOM   270  C CB  . TYR A 1 39  ? -11.810 -5.294  -1.002  1.00 22.82  ? 289 TYR A CB  1 
ATOM   271  C CG  . TYR A 1 39  ? -12.075 -6.595  -1.722  1.00 31.15  ? 289 TYR A CG  1 
ATOM   272  C CD1 . TYR A 1 39  ? -13.365 -7.090  -1.849  1.00 34.48  ? 289 TYR A CD1 1 
ATOM   273  C CD2 . TYR A 1 39  ? -11.037 -7.316  -2.298  1.00 24.40  ? 289 TYR A CD2 1 
ATOM   274  C CE1 . TYR A 1 39  ? -13.613 -8.272  -2.516  1.00 29.39  ? 289 TYR A CE1 1 
ATOM   275  C CE2 . TYR A 1 39  ? -11.276 -8.498  -2.969  1.00 30.79  ? 289 TYR A CE2 1 
ATOM   276  C CZ  . TYR A 1 39  ? -12.567 -8.972  -3.075  1.00 27.84  ? 289 TYR A CZ  1 
ATOM   277  O OH  . TYR A 1 39  ? -12.810 -10.147 -3.742  1.00 22.28  ? 289 TYR A OH  1 
ATOM   278  N N   . CYS A 1 40  ? -10.176 -3.652  1.048   1.00 38.93  ? 290 CYS A N   1 
ATOM   279  C CA  . CYS A 1 40  ? -9.742  -2.315  1.425   1.00 41.30  ? 290 CYS A CA  1 
ATOM   280  C C   . CYS A 1 40  ? -8.613  -1.897  0.495   1.00 29.73  ? 290 CYS A C   1 
ATOM   281  O O   . CYS A 1 40  ? -8.010  -2.729  -0.190  1.00 28.67  ? 290 CYS A O   1 
ATOM   282  C CB  . CYS A 1 40  ? -9.296  -2.257  2.891   1.00 27.23  ? 290 CYS A CB  1 
ATOM   283  S SG  . CYS A 1 40  ? -7.637  -2.890  3.201   1.00 28.80  ? 290 CYS A SG  1 
ATOM   284  N N   . ILE A 1 41  ? -8.330  -0.595  0.473   1.00 30.20  ? 291 ILE A N   1 
ATOM   285  C CA  . ILE A 1 41  ? -7.371  -0.016  -0.462  1.00 27.06  ? 291 ILE A CA  1 
ATOM   286  C C   . ILE A 1 41  ? -6.343  0.781   0.328   1.00 23.49  ? 291 ILE A C   1 
ATOM   287  O O   . ILE A 1 41  ? -6.691  1.765   0.992   1.00 27.99  ? 291 ILE A O   1 
ATOM   288  C CB  . ILE A 1 41  ? -8.052  0.882   -1.510  1.00 27.66  ? 291 ILE A CB  1 
ATOM   289  C CG1 . ILE A 1 41  ? -9.105  0.078   -2.281  1.00 26.92  ? 291 ILE A CG1 1 
ATOM   290  C CG2 . ILE A 1 41  ? -7.009  1.478   -2.464  1.00 28.16  ? 291 ILE A CG2 1 
ATOM   291  C CD1 . ILE A 1 41  ? -9.875  0.875   -3.317  1.00 26.71  ? 291 ILE A CD1 1 
ATOM   292  N N   . GLY A 1 42  ? -5.082  0.361   0.254   1.00 25.08  ? 292 GLY A N   1 
ATOM   293  C CA  . GLY A 1 42  ? -3.984  1.164   0.755   1.00 25.01  ? 292 GLY A CA  1 
ATOM   294  C C   . GLY A 1 42  ? -3.529  2.144   -0.308  1.00 21.24  ? 292 GLY A C   1 
ATOM   295  O O   . GLY A 1 42  ? -3.157  1.732   -1.412  1.00 21.41  ? 292 GLY A O   1 
ATOM   296  N N   . ALA A 1 43  ? -3.549  3.440   0.002   1.00 23.80  ? 293 ALA A N   1 
ATOM   297  C CA  . ALA A 1 43  ? -3.380  4.484   -1.006  1.00 26.97  ? 293 ALA A CA  1 
ATOM   298  C C   . ALA A 1 43  ? -2.271  5.440   -0.575  1.00 24.28  ? 293 ALA A C   1 
ATOM   299  O O   . ALA A 1 43  ? -2.457  6.245   0.341   1.00 36.62  ? 293 ALA A O   1 
ATOM   300  C CB  . ALA A 1 43  ? -4.690  5.236   -1.233  1.00 23.21  ? 293 ALA A CB  1 
ATOM   301  N N   . ASP A 1 44  ? -1.116  5.338   -1.233  1.00 35.27  ? 294 ASP A N   1 
ATOM   302  C CA  . ASP A 1 44  ? -0.081  6.365   -1.162  1.00 37.16  ? 294 ASP A CA  1 
ATOM   303  C C   . ASP A 1 44  ? -0.322  7.333   -2.313  1.00 32.45  ? 294 ASP A C   1 
ATOM   304  O O   . ASP A 1 44  ? -0.065  6.999   -3.474  1.00 33.29  ? 294 ASP A O   1 
ATOM   305  C CB  . ASP A 1 44  ? 1.320   5.761   -1.245  1.00 30.46  ? 294 ASP A CB  1 
ATOM   306  C CG  . ASP A 1 44  ? 2.410   6.788   -0.995  1.00 31.99  ? 294 ASP A CG  1 
ATOM   307  O OD1 . ASP A 1 44  ? 3.417   6.448   -0.343  1.00 45.01  ? 294 ASP A OD1 1 
ATOM   308  O OD2 . ASP A 1 44  ? 2.254   7.940   -1.452  1.00 47.12  1 294 ASP A OD2 1 
ATOM   309  N N   . PHE A 1 45  ? -0.826  8.523   -1.999  1.00 39.48  ? 295 PHE A N   1 
ATOM   310  C CA  . PHE A 1 45  ? -1.117  9.504   -3.034  1.00 41.37  ? 295 PHE A CA  1 
ATOM   311  C C   . PHE A 1 45  ? -1.136  10.888  -2.409  1.00 49.73  ? 295 PHE A C   1 
ATOM   312  O O   . PHE A 1 45  ? -1.065  11.044  -1.187  1.00 46.15  ? 295 PHE A O   1 
ATOM   313  C CB  . PHE A 1 45  ? -2.441  9.192   -3.745  1.00 51.60  ? 295 PHE A CB  1 
ATOM   314  C CG  . PHE A 1 45  ? -3.689  9.525   -2.936  1.00 35.26  ? 295 PHE A CG  1 
ATOM   315  C CD1 . PHE A 1 45  ? -4.739  10.223  -3.523  1.00 34.66  ? 295 PHE A CD1 1 
ATOM   316  C CD2 . PHE A 1 45  ? -3.833  9.111   -1.616  1.00 26.75  ? 295 PHE A CD2 1 
ATOM   317  C CE1 . PHE A 1 45  ? -5.891  10.521  -2.808  1.00 34.80  ? 295 PHE A CE1 1 
ATOM   318  C CE2 . PHE A 1 45  ? -4.989  9.411   -0.896  1.00 34.32  ? 295 PHE A CE2 1 
ATOM   319  C CZ  . PHE A 1 45  ? -6.017  10.115  -1.498  1.00 33.35  ? 295 PHE A CZ  1 
ATOM   320  N N   . GLY A 1 46  ? -1.244  11.896  -3.265  1.00 55.67  ? 296 GLY A N   1 
ATOM   321  C CA  . GLY A 1 46  ? -1.112  13.263  -2.811  1.00 63.75  ? 296 GLY A CA  1 
ATOM   322  C C   . GLY A 1 46  ? -1.182  14.235  -3.966  1.00 53.63  ? 296 GLY A C   1 
ATOM   323  O O   . GLY A 1 46  ? -1.357  13.854  -5.128  1.00 56.33  ? 296 GLY A O   1 
ATOM   324  N N   . LYS A 1 47  ? -1.027  15.517  -3.620  1.00 63.13  ? 297 LYS A N   1 
ATOM   325  C CA  . LYS A 1 47  ? -1.178  16.576  -4.611  1.00 64.59  ? 297 LYS A CA  1 
ATOM   326  C C   . LYS A 1 47  ? 0.087   16.767  -5.441  1.00 67.77  ? 297 LYS A C   1 
ATOM   327  O O   . LYS A 1 47  ? 0.008   16.913  -6.665  1.00 69.17  ? 297 LYS A O   1 
ATOM   328  C CB  . LYS A 1 47  ? -1.568  17.889  -3.926  1.00 66.32  ? 297 LYS A CB  1 
ATOM   329  C CG  . LYS A 1 47  ? -3.063  18.155  -3.914  1.00 52.62  ? 297 LYS A CG  1 
ATOM   330  C CD  . LYS A 1 47  ? -3.367  19.519  -3.324  1.00 58.61  ? 297 LYS A CD  1 
ATOM   331  C CE  . LYS A 1 47  ? -4.838  19.874  -3.452  1.00 47.45  ? 297 LYS A CE  1 
ATOM   332  N NZ  . LYS A 1 47  ? -5.307  19.804  -4.862  1.00 65.44  1 297 LYS A NZ  1 
ATOM   333  N N   . ASN A 1 48  ? 1.255   16.764  -4.803  1.00 63.01  ? 298 ASN A N   1 
ATOM   334  C CA  . ASN A 1 48  ? 2.533   16.996  -5.476  1.00 75.06  ? 298 ASN A CA  1 
ATOM   335  C C   . ASN A 1 48  ? 3.382   15.741  -5.303  1.00 80.67  ? 298 ASN A C   1 
ATOM   336  O O   . ASN A 1 48  ? 4.317   15.708  -4.498  1.00 76.17  ? 298 ASN A O   1 
ATOM   337  C CB  . ASN A 1 48  ? 3.221   18.243  -4.908  1.00 86.84  ? 298 ASN A CB  1 
ATOM   338  C CG  . ASN A 1 48  ? 2.464   19.519  -5.224  1.00 83.73  ? 298 ASN A CG  1 
ATOM   339  O OD1 . ASN A 1 48  ? 1.804   19.620  -6.259  1.00 87.02  ? 298 ASN A OD1 1 
ATOM   340  N ND2 . ASN A 1 48  ? 2.553   20.499  -4.334  1.00 68.51  ? 298 ASN A ND2 1 
ATOM   341  N N   . GLN A 1 49  ? 3.051   14.705  -6.071  1.00 65.96  ? 299 GLN A N   1 
ATOM   342  C CA  . GLN A 1 49  ? 3.718   13.415  -5.968  1.00 53.31  ? 299 GLN A CA  1 
ATOM   343  C C   . GLN A 1 49  ? 3.992   12.879  -7.361  1.00 43.22  ? 299 GLN A C   1 
ATOM   344  O O   . GLN A 1 49  ? 3.088   12.834  -8.200  1.00 46.71  ? 299 GLN A O   1 
ATOM   345  C CB  . GLN A 1 49  ? 2.865   12.411  -5.182  1.00 59.45  ? 299 GLN A CB  1 
ATOM   346  C CG  . GLN A 1 49  ? 3.301   12.205  -3.747  1.00 59.93  ? 299 GLN A CG  1 
ATOM   347  C CD  . GLN A 1 49  ? 2.642   10.992  -3.125  1.00 58.63  ? 299 GLN A CD  1 
ATOM   348  O OE1 . GLN A 1 49  ? 2.359   10.008  -3.808  1.00 48.67  ? 299 GLN A OE1 1 
ATOM   349  N NE2 . GLN A 1 49  ? 2.385   11.058  -1.823  1.00 59.02  ? 299 GLN A NE2 1 
ATOM   350  N N   . ASP A 1 50  ? 5.239   12.466  -7.601  1.00 32.25  ? 300 ASP A N   1 
ATOM   351  C CA  . ASP A 1 50  ? 5.570   11.840  -8.876  1.00 40.82  ? 300 ASP A CA  1 
ATOM   352  C C   . ASP A 1 50  ? 4.755   10.570  -9.088  1.00 36.15  ? 300 ASP A C   1 
ATOM   353  O O   . ASP A 1 50  ? 4.247   10.327  -10.188 1.00 34.97  ? 300 ASP A O   1 
ATOM   354  C CB  . ASP A 1 50  ? 7.066   11.518  -8.939  1.00 50.59  ? 300 ASP A CB  1 
ATOM   355  C CG  . ASP A 1 50  ? 7.931   12.758  -9.058  1.00 65.91  ? 300 ASP A CG  1 
ATOM   356  O OD1 . ASP A 1 50  ? 7.382   13.855  -9.297  1.00 58.67  ? 300 ASP A OD1 1 
ATOM   357  O OD2 . ASP A 1 50  ? 9.166   12.631  -8.921  1.00 66.97  1 300 ASP A OD2 1 
ATOM   358  N N   . TYR A 1 51  ? 4.612   9.756   -8.043  1.00 33.35  ? 301 TYR A N   1 
ATOM   359  C CA  . TYR A 1 51  ? 3.982   8.449   -8.152  1.00 32.52  ? 301 TYR A CA  1 
ATOM   360  C C   . TYR A 1 51  ? 2.890   8.298   -7.106  1.00 33.79  ? 301 TYR A C   1 
ATOM   361  O O   . TYR A 1 51  ? 3.076   8.658   -5.939  1.00 34.73  ? 301 TYR A O   1 
ATOM   362  C CB  . TYR A 1 51  ? 5.011   7.330   -7.987  1.00 33.04  ? 301 TYR A CB  1 
ATOM   363  C CG  . TYR A 1 51  ? 5.911   7.154   -9.186  1.00 33.00  ? 301 TYR A CG  1 
ATOM   364  C CD1 . TYR A 1 51  ? 5.564   6.288   -10.214 1.00 38.89  ? 301 TYR A CD1 1 
ATOM   365  C CD2 . TYR A 1 51  ? 7.103   7.855   -9.293  1.00 44.90  ? 301 TYR A CD2 1 
ATOM   366  C CE1 . TYR A 1 51  ? 6.381   6.122   -11.313 1.00 35.39  ? 301 TYR A CE1 1 
ATOM   367  C CE2 . TYR A 1 51  ? 7.928   7.696   -10.390 1.00 39.51  ? 301 TYR A CE2 1 
ATOM   368  C CZ  . TYR A 1 51  ? 7.561   6.828   -11.398 1.00 41.51  ? 301 TYR A CZ  1 
ATOM   369  O OH  . TYR A 1 51  ? 8.375   6.663   -12.494 1.00 49.99  ? 301 TYR A OH  1 
ATOM   370  N N   . SER A 1 52  ? 1.754   7.759   -7.537  1.00 27.63  ? 302 SER A N   1 
ATOM   371  C CA  . SER A 1 52  ? 0.652   7.406   -6.656  1.00 38.91  ? 302 SER A CA  1 
ATOM   372  C C   . SER A 1 52  ? 0.311   5.940   -6.869  1.00 23.00  ? 302 SER A C   1 
ATOM   373  O O   . SER A 1 52  ? 0.270   5.464   -8.008  1.00 25.95  ? 302 SER A O   1 
ATOM   374  C CB  . SER A 1 52  ? -0.574  8.286   -6.921  1.00 34.58  ? 302 SER A CB  1 
ATOM   375  O OG  . SER A 1 52  ? -0.298  9.644   -6.623  1.00 43.15  ? 302 SER A OG  1 
ATOM   376  N N   . VAL A 1 53  ? 0.069   5.228   -5.770  1.00 19.98  ? 303 VAL A N   1 
ATOM   377  C CA  . VAL A 1 53  ? -0.146  3.786   -5.798  1.00 22.03  ? 303 VAL A CA  1 
ATOM   378  C C   . VAL A 1 53  ? -1.410  3.457   -5.014  1.00 17.06  ? 303 VAL A C   1 
ATOM   379  O O   . VAL A 1 53  ? -1.602  3.956   -3.899  1.00 18.29  ? 303 VAL A O   1 
ATOM   380  C CB  . VAL A 1 53  ? 1.061   3.026   -5.218  1.00 20.02  ? 303 VAL A CB  1 
ATOM   381  C CG1 . VAL A 1 53  ? 0.869   1.526   -5.370  1.00 19.90  ? 303 VAL A CG1 1 
ATOM   382  C CG2 . VAL A 1 53  ? 2.352   3.476   -5.896  1.00 25.11  ? 303 VAL A CG2 1 
ATOM   383  N N   . PHE A 1 54  ? -2.263  2.612   -5.594  1.00 17.54  ? 304 PHE A N   1 
ATOM   384  C CA  . PHE A 1 54  ? -3.445  2.076   -4.928  1.00 18.53  ? 304 PHE A CA  1 
ATOM   385  C C   . PHE A 1 54  ? -3.327  0.558   -4.893  1.00 19.17  ? 304 PHE A C   1 
ATOM   386  O O   . PHE A 1 54  ? -3.196  -0.078  -5.945  1.00 13.18  ? 304 PHE A O   1 
ATOM   387  C CB  . PHE A 1 54  ? -4.733  2.482   -5.653  1.00 17.80  ? 304 PHE A CB  1 
ATOM   388  C CG  . PHE A 1 54  ? -4.917  3.968   -5.795  1.00 19.92  ? 304 PHE A CG  1 
ATOM   389  C CD1 . PHE A 1 54  ? -4.477  4.837   -4.814  1.00 15.74  ? 304 PHE A CD1 1 
ATOM   390  C CD2 . PHE A 1 54  ? -5.539  4.494   -6.918  1.00 22.40  ? 304 PHE A CD2 1 
ATOM   391  C CE1 . PHE A 1 54  ? -4.652  6.202   -4.948  1.00 20.87  ? 304 PHE A CE1 1 
ATOM   392  C CE2 . PHE A 1 54  ? -5.714  5.857   -7.056  1.00 21.47  ? 304 PHE A CE2 1 
ATOM   393  C CZ  . PHE A 1 54  ? -5.269  6.710   -6.071  1.00 19.55  ? 304 PHE A CZ  1 
ATOM   394  N N   . SER A 1 55  ? -3.385  -0.020  -3.694  1.00 10.86  ? 305 SER A N   1 
ATOM   395  C CA  . SER A 1 55  ? -3.264  -1.464  -3.504  1.00 18.11  ? 305 SER A CA  1 
ATOM   396  C C   . SER A 1 55  ? -4.561  -1.990  -2.901  1.00 20.80  ? 305 SER A C   1 
ATOM   397  O O   . SER A 1 55  ? -4.906  -1.649  -1.765  1.00 15.61  ? 305 SER A O   1 
ATOM   398  C CB  . SER A 1 55  ? -2.071  -1.798  -2.610  1.00 15.08  ? 305 SER A CB  1 
ATOM   399  O OG  . SER A 1 55  ? -0.854  -1.413  -3.220  1.00 26.37  ? 305 SER A OG  1 
ATOM   400  N N   . VAL A 1 56  ? -5.271  -2.826  -3.657  1.00 19.67  ? 306 VAL A N   1 
ATOM   401  C CA  . VAL A 1 56  ? -6.520  -3.428  -3.200  1.00 18.49  ? 306 VAL A CA  1 
ATOM   402  C C   . VAL A 1 56  ? -6.192  -4.739  -2.501  1.00 14.90  ? 306 VAL A C   1 
ATOM   403  O O   . VAL A 1 56  ? -5.685  -5.675  -3.128  1.00 17.92  ? 306 VAL A O   1 
ATOM   404  C CB  . VAL A 1 56  ? -7.490  -3.663  -4.368  1.00 20.67  ? 306 VAL A CB  1 
ATOM   405  C CG1 . VAL A 1 56  ? -8.825  -4.190  -3.850  1.00 23.43  ? 306 VAL A CG1 1 
ATOM   406  C CG2 . VAL A 1 56  ? -7.690  -2.387  -5.173  1.00 17.44  ? 306 VAL A CG2 1 
ATOM   407  N N   . LEU A 1 57  ? -6.496  -4.814  -1.208  1.00 17.65  ? 307 LEU A N   1 
ATOM   408  C CA  . LEU A 1 57  ? -6.220  -5.999  -0.406  1.00 18.08  ? 307 LEU A CA  1 
ATOM   409  C C   . LEU A 1 57  ? -7.504  -6.787  -0.182  1.00 32.45  ? 307 LEU A C   1 
ATOM   410  O O   . LEU A 1 57  ? -8.535  -6.213  0.188   1.00 27.75  ? 307 LEU A O   1 
ATOM   411  C CB  . LEU A 1 57  ? -5.602  -5.610  0.938   1.00 16.19  ? 307 LEU A CB  1 
ATOM   412  C CG  . LEU A 1 57  ? -5.376  -6.745  1.937   1.00 17.68  ? 307 LEU A CG  1 
ATOM   413  C CD1 . LEU A 1 57  ? -4.515  -7.848  1.339   1.00 26.37  ? 307 LEU A CD1 1 
ATOM   414  C CD2 . LEU A 1 57  ? -4.740  -6.204  3.201   1.00 18.06  ? 307 LEU A CD2 1 
ATOM   415  N N   . ASP A 1 58  ? -7.441  -8.096  -0.414  1.00 32.06  ? 308 ASP A N   1 
ATOM   416  C CA  . ASP A 1 58  ? -8.543  -8.999  -0.097  1.00 21.52  ? 308 ASP A CA  1 
ATOM   417  C C   . ASP A 1 58  ? -8.382  -9.436  1.354   1.00 22.15  ? 308 ASP A C   1 
ATOM   418  O O   . ASP A 1 58  ? -7.476  -10.208 1.680   1.00 23.21  ? 308 ASP A O   1 
ATOM   419  C CB  . ASP A 1 58  ? -8.553  -10.197 -1.042  1.00 22.61  ? 308 ASP A CB  1 
ATOM   420  C CG  . ASP A 1 58  ? -9.772  -11.087 -0.853  1.00 29.46  ? 308 ASP A CG  1 
ATOM   421  O OD1 . ASP A 1 58  ? -10.184 -11.308 0.306   1.00 23.55  ? 308 ASP A OD1 1 
ATOM   422  O OD2 . ASP A 1 58  ? -10.324 -11.564 -1.868  1.00 23.92  1 308 ASP A OD2 1 
ATOM   423  N N   . LEU A 1 59  ? -9.259  -8.940  2.229   1.00 25.99  ? 309 LEU A N   1 
ATOM   424  C CA  . LEU A 1 59  ? -9.093  -9.165  3.659   1.00 34.63  ? 309 LEU A CA  1 
ATOM   425  C C   . LEU A 1 59  ? -9.427  -10.588 4.085   1.00 32.45  ? 309 LEU A C   1 
ATOM   426  O O   . LEU A 1 59  ? -9.081  -10.972 5.208   1.00 33.98  ? 309 LEU A O   1 
ATOM   427  C CB  . LEU A 1 59  ? -9.953  -8.172  4.439   1.00 25.45  ? 309 LEU A CB  1 
ATOM   428  C CG  . LEU A 1 59  ? -9.410  -6.742  4.465   1.00 31.18  ? 309 LEU A CG  1 
ATOM   429  C CD1 . LEU A 1 59  ? -10.474 -5.778  4.962   1.00 27.84  ? 309 LEU A CD1 1 
ATOM   430  C CD2 . LEU A 1 59  ? -8.163  -6.652  5.333   1.00 28.21  ? 309 LEU A CD2 1 
ATOM   431  N N   . ASP A 1 60  ? -10.081 -11.373 3.230   1.00 26.02  ? 310 ASP A N   1 
ATOM   432  C CA  . ASP A 1 60  ? -10.334 -12.776 3.528   1.00 29.59  ? 310 ASP A CA  1 
ATOM   433  C C   . ASP A 1 60  ? -9.187  -13.680 3.100   1.00 32.19  ? 310 ASP A C   1 
ATOM   434  O O   . ASP A 1 60  ? -8.927  -14.692 3.762   1.00 52.57  ? 310 ASP A O   1 
ATOM   435  C CB  . ASP A 1 60  ? -11.623 -13.236 2.843   1.00 46.03  ? 310 ASP A CB  1 
ATOM   436  C CG  . ASP A 1 60  ? -12.850 -12.527 3.380   1.00 39.46  ? 310 ASP A CG  1 
ATOM   437  O OD1 . ASP A 1 60  ? -12.792 -12.008 4.514   1.00 67.08  ? 310 ASP A OD1 1 
ATOM   438  O OD2 . ASP A 1 60  ? -13.876 -12.495 2.671   1.00 61.61  1 310 ASP A OD2 1 
ATOM   439  N N   . THR A 1 61  ? -8.497  -13.340 2.009   1.00 26.93  ? 311 THR A N   1 
ATOM   440  C CA  . THR A 1 61  ? -7.406  -14.156 1.497   1.00 22.88  ? 311 THR A CA  1 
ATOM   441  C C   . THR A 1 61  ? -6.026  -13.568 1.752   1.00 27.42  ? 311 THR A C   1 
ATOM   442  O O   . THR A 1 61  ? -5.035  -14.294 1.629   1.00 23.35  ? 311 THR A O   1 
ATOM   443  C CB  . THR A 1 61  ? -7.564  -14.374 -0.016  1.00 22.12  ? 311 THR A CB  1 
ATOM   444  O OG1 . THR A 1 61  ? -7.272  -13.155 -0.709  1.00 33.65  ? 311 THR A OG1 1 
ATOM   445  C CG2 . THR A 1 61  ? -8.979  -14.818 -0.356  1.00 30.87  ? 311 THR A CG2 1 
ATOM   446  N N   . GLY A 1 62  ? -5.936  -12.285 2.097   1.00 34.93  ? 312 GLY A N   1 
ATOM   447  C CA  . GLY A 1 62  ? -4.649  -11.658 2.331   1.00 20.39  ? 312 GLY A CA  1 
ATOM   448  C C   . GLY A 1 62  ? -3.849  -11.376 1.081   1.00 25.01  ? 312 GLY A C   1 
ATOM   449  O O   . GLY A 1 62  ? -2.625  -11.228 1.160   1.00 19.84  ? 312 GLY A O   1 
ATOM   450  N N   . ALA A 1 63  ? -4.505  -11.287 -0.072  1.00 17.70  ? 313 ALA A N   1 
ATOM   451  C CA  . ALA A 1 63  ? -3.835  -11.115 -1.352  1.00 23.25  ? 313 ALA A CA  1 
ATOM   452  C C   . ALA A 1 63  ? -4.150  -9.745  -1.936  1.00 20.80  ? 313 ALA A C   1 
ATOM   453  O O   . ALA A 1 63  ? -5.292  -9.276  -1.869  1.00 24.93  ? 313 ALA A O   1 
ATOM   454  C CB  . ALA A 1 63  ? -4.261  -12.201 -2.339  1.00 16.22  ? 313 ALA A CB  1 
ATOM   455  N N   . ILE A 1 64  ? -3.132  -9.105  -2.504  1.00 26.34  ? 314 ILE A N   1 
ATOM   456  C CA  . ILE A 1 64  ? -3.314  -7.864  -3.253  1.00 19.33  ? 314 ILE A CA  1 
ATOM   457  C C   . ILE A 1 64  ? -3.915  -8.254  -4.600  1.00 17.80  ? 314 ILE A C   1 
ATOM   458  O O   . ILE A 1 64  ? -3.201  -8.655  -5.519  1.00 30.98  ? 314 ILE A O   1 
ATOM   459  C CB  . ILE A 1 64  ? -2.000  -7.098  -3.420  1.00 16.21  ? 314 ILE A CB  1 
ATOM   460  C CG1 . ILE A 1 64  ? -1.408  -6.737  -2.054  1.00 23.63  ? 314 ILE A CG1 1 
ATOM   461  C CG2 . ILE A 1 64  ? -2.203  -5.843  -4.257  1.00 20.43  ? 314 ILE A CG2 1 
ATOM   462  C CD1 . ILE A 1 64  ? -2.277  -5.823  -1.218  1.00 17.12  ? 314 ILE A CD1 1 
ATOM   463  N N   . VAL A 1 65  ? -5.241  -8.142  -4.720  1.00 25.29  ? 315 VAL A N   1 
ATOM   464  C CA  . VAL A 1 65  ? -5.925  -8.590  -5.931  1.00 20.48  ? 315 VAL A CA  1 
ATOM   465  C C   . VAL A 1 65  ? -5.890  -7.567  -7.053  1.00 16.00  ? 315 VAL A C   1 
ATOM   466  O O   . VAL A 1 65  ? -6.244  -7.902  -8.190  1.00 21.79  ? 315 VAL A O   1 
ATOM   467  C CB  . VAL A 1 65  ? -7.393  -8.948  -5.628  1.00 19.67  ? 315 VAL A CB  1 
ATOM   468  C CG1 . VAL A 1 65  ? -7.461  -10.051 -4.580  1.00 21.20  ? 315 VAL A CG1 1 
ATOM   469  C CG2 . VAL A 1 65  ? -8.166  -7.723  -5.167  1.00 17.76  ? 315 VAL A CG2 1 
ATOM   470  N N   . CYS A 1 66  ? -5.482  -6.332  -6.772  1.00 16.91  ? 316 CYS A N   1 
ATOM   471  C CA  . CYS A 1 66  ? -5.387  -5.314  -7.809  1.00 19.63  ? 316 CYS A CA  1 
ATOM   472  C C   . CYS A 1 66  ? -4.431  -4.230  -7.338  1.00 18.85  ? 316 CYS A C   1 
ATOM   473  O O   . CYS A 1 66  ? -4.405  -3.891  -6.153  1.00 21.67  ? 316 CYS A O   1 
ATOM   474  C CB  . CYS A 1 66  ? -6.760  -4.712  -8.135  1.00 12.18  ? 316 CYS A CB  1 
ATOM   475  S SG  . CYS A 1 66  ? -6.730  -3.491  -9.466  1.00 21.02  ? 316 CYS A SG  1 
ATOM   476  N N   . LEU A 1 67  ? -3.648  -3.696  -8.272  1.00 24.63  ? 317 LEU A N   1 
ATOM   477  C CA  . LEU A 1 67  ? -2.721  -2.614  -7.976  1.00 14.58  ? 317 LEU A CA  1 
ATOM   478  C C   . LEU A 1 67  ? -2.761  -1.602  -9.108  1.00 15.26  ? 317 LEU A C   1 
ATOM   479  O O   . LEU A 1 67  ? -2.851  -1.973  -10.282 1.00 21.16  ? 317 LEU A O   1 
ATOM   480  C CB  . LEU A 1 67  ? -1.290  -3.126  -7.788  1.00 15.97  ? 317 LEU A CB  1 
ATOM   481  C CG  . LEU A 1 67  ? -0.312  -2.060  -7.292  1.00 20.86  ? 317 LEU A CG  1 
ATOM   482  C CD1 . LEU A 1 67  ? 0.469   -2.559  -6.090  1.00 23.69  ? 317 LEU A CD1 1 
ATOM   483  C CD2 . LEU A 1 67  ? 0.628   -1.650  -8.409  1.00 23.63  ? 317 LEU A CD2 1 
ATOM   484  N N   . GLU A 1 68  ? -2.697  -0.324  -8.748  1.00 14.10  ? 318 GLU A N   1 
ATOM   485  C CA  . GLU A 1 68  ? -2.760  0.768   -9.710  1.00 15.67  ? 318 GLU A CA  1 
ATOM   486  C C   . GLU A 1 68  ? -1.654  1.755   -9.381  1.00 16.26  ? 318 GLU A C   1 
ATOM   487  O O   . GLU A 1 68  ? -1.613  2.296   -8.271  1.00 22.32  ? 318 GLU A O   1 
ATOM   488  C CB  . GLU A 1 68  ? -4.130  1.449   -9.675  1.00 18.99  ? 318 GLU A CB  1 
ATOM   489  C CG  . GLU A 1 68  ? -4.448  2.258   -10.914 1.00 24.20  ? 318 GLU A CG  1 
ATOM   490  C CD  . GLU A 1 68  ? -5.890  2.719   -10.950 1.00 28.13  ? 318 GLU A CD  1 
ATOM   491  O OE1 . GLU A 1 68  ? -6.765  1.975   -10.460 1.00 29.34  ? 318 GLU A OE1 1 
ATOM   492  O OE2 . GLU A 1 68  ? -6.149  3.825   -11.466 1.00 44.84  1 318 GLU A OE2 1 
ATOM   493  N N   . ARG A 1 69  ? -0.755  1.976   -10.335 1.00 24.96  ? 319 ARG A N   1 
ATOM   494  C CA  . ARG A 1 69  ? 0.357   2.903   -10.180 1.00 25.88  ? 319 ARG A CA  1 
ATOM   495  C C   . ARG A 1 69  ? 0.294   3.912   -11.314 1.00 19.59  ? 319 ARG A C   1 
ATOM   496  O O   . ARG A 1 69  ? 0.104   3.531   -12.474 1.00 25.62  ? 319 ARG A O   1 
ATOM   497  C CB  . ARG A 1 69  ? 1.697   2.161   -10.187 1.00 19.48  ? 319 ARG A CB  1 
ATOM   498  C CG  . ARG A 1 69  ? 2.902   3.013   -9.818  1.00 29.76  ? 319 ARG A CG  1 
ATOM   499  C CD  . ARG A 1 69  ? 4.110   2.134   -9.517  1.00 28.47  ? 319 ARG A CD  1 
ATOM   500  N NE  . ARG A 1 69  ? 5.218   2.880   -8.924  1.00 34.79  ? 319 ARG A NE  1 
ATOM   501  C CZ  . ARG A 1 69  ? 6.321   3.249   -9.571  1.00 32.61  ? 319 ARG A CZ  1 
ATOM   502  N NH1 . ARG A 1 69  ? 6.494   2.951   -10.852 1.00 29.24  1 319 ARG A NH1 1 
ATOM   503  N NH2 . ARG A 1 69  ? 7.261   3.922   -8.927  1.00 36.41  ? 319 ARG A NH2 1 
ATOM   504  N N   . MET A 1 70  ? 0.436   5.192   -10.979 1.00 20.35  ? 320 MET A N   1 
ATOM   505  C CA  . MET A 1 70  ? 0.321   6.263   -11.959 1.00 28.12  ? 320 MET A CA  1 
ATOM   506  C C   . MET A 1 70  ? 1.443   7.265   -11.734 1.00 28.84  ? 320 MET A C   1 
ATOM   507  O O   . MET A 1 70  ? 1.681   7.688   -10.600 1.00 24.34  ? 320 MET A O   1 
ATOM   508  C CB  . MET A 1 70  ? -1.045  6.955   -11.867 1.00 36.06  ? 320 MET A CB  1 
ATOM   509  C CG  . MET A 1 70  ? -1.350  7.567   -10.513 1.00 44.24  ? 320 MET A CG  1 
ATOM   510  S SD  . MET A 1 70  ? -3.101  7.459   -10.095 1.00 57.45  ? 320 MET A SD  1 
ATOM   511  C CE  . MET A 1 70  ? -3.203  5.749   -9.571  1.00 36.69  ? 320 MET A CE  1 
ATOM   512  N N   . ASN A 1 71  ? 2.126   7.634   -12.816 1.00 36.20  ? 321 ASN A N   1 
ATOM   513  C CA  . ASN A 1 71  ? 3.257   8.553   -12.765 1.00 29.58  ? 321 ASN A CA  1 
ATOM   514  C C   . ASN A 1 71  ? 2.783   9.933   -13.209 1.00 31.93  ? 321 ASN A C   1 
ATOM   515  O O   . ASN A 1 71  ? 2.457   10.136  -14.383 1.00 31.30  ? 321 ASN A O   1 
ATOM   516  C CB  . ASN A 1 71  ? 4.399   8.055   -13.649 1.00 43.56  ? 321 ASN A CB  1 
ATOM   517  C CG  . ASN A 1 71  ? 5.586   9.002   -13.666 1.00 44.81  ? 321 ASN A CG  1 
ATOM   518  O OD1 . ASN A 1 71  ? 5.752   9.826   -12.765 1.00 52.04  ? 321 ASN A OD1 1 
ATOM   519  N ND2 . ASN A 1 71  ? 6.420   8.889   -14.695 1.00 56.48  ? 321 ASN A ND2 1 
ATOM   520  N N   . GLY A 1 72  ? 2.737   10.872  -12.271 1.00 35.37  ? 322 GLY A N   1 
ATOM   521  C CA  . GLY A 1 72  ? 2.429   12.254  -12.593 1.00 31.94  ? 322 GLY A CA  1 
ATOM   522  C C   . GLY A 1 72  ? 1.004   12.512  -13.038 1.00 30.85  ? 322 GLY A C   1 
ATOM   523  O O   . GLY A 1 72  ? 0.783   13.312  -13.955 1.00 28.57  ? 322 GLY A O   1 
ATOM   524  N N   . ALA A 1 73  ? 0.030   11.864  -12.408 1.00 35.65  ? 323 ALA A N   1 
ATOM   525  C CA  . ALA A 1 73  ? -1.367  12.133  -12.707 1.00 33.42  ? 323 ALA A CA  1 
ATOM   526  C C   . ALA A 1 73  ? -1.846  13.366  -11.950 1.00 34.07  ? 323 ALA A C   1 
ATOM   527  O O   . ALA A 1 73  ? -1.389  13.655  -10.839 1.00 27.34  ? 323 ALA A O   1 
ATOM   528  C CB  . ALA A 1 73  ? -2.239  10.932  -12.340 1.00 31.73  ? 323 ALA A CB  1 
ATOM   529  N N   . THR A 1 74  ? -2.774  14.095  -12.562 1.00 30.68  ? 324 THR A N   1 
ATOM   530  C CA  . THR A 1 74  ? -3.354  15.257  -11.907 1.00 28.34  ? 324 THR A CA  1 
ATOM   531  C C   . THR A 1 74  ? -4.080  14.835  -10.634 1.00 35.02  ? 324 THR A C   1 
ATOM   532  O O   . THR A 1 74  ? -4.380  13.658  -10.416 1.00 37.45  ? 324 THR A O   1 
ATOM   533  C CB  . THR A 1 74  ? -4.330  15.981  -12.836 1.00 29.09  ? 324 THR A CB  1 
ATOM   534  O OG1 . THR A 1 74  ? -5.463  15.141  -13.093 1.00 31.07  ? 324 THR A OG1 1 
ATOM   535  C CG2 . THR A 1 74  ? -3.657  16.350  -14.152 1.00 21.42  ? 324 THR A CG2 1 
ATOM   536  N N   . TRP A 1 75  ? -4.366  15.821  -9.784  1.00 42.66  ? 325 TRP A N   1 
ATOM   537  C CA  . TRP A 1 75  ? -5.083  15.533  -8.546  1.00 36.16  ? 325 TRP A CA  1 
ATOM   538  C C   . TRP A 1 75  ? -6.488  15.018  -8.834  1.00 29.33  ? 325 TRP A C   1 
ATOM   539  O O   . TRP A 1 75  ? -6.985  14.127  -8.135  1.00 33.35  ? 325 TRP A O   1 
ATOM   540  C CB  . TRP A 1 75  ? -5.136  16.782  -7.666  1.00 34.21  ? 325 TRP A CB  1 
ATOM   541  C CG  . TRP A 1 75  ? -5.946  16.590  -6.418  1.00 40.82  ? 325 TRP A CG  1 
ATOM   542  C CD1 . TRP A 1 75  ? -7.121  17.208  -6.096  1.00 38.20  ? 325 TRP A CD1 1 
ATOM   543  C CD2 . TRP A 1 75  ? -5.646  15.709  -5.328  1.00 42.28  ? 325 TRP A CD2 1 
ATOM   544  N NE1 . TRP A 1 75  ? -7.567  16.769  -4.873  1.00 36.04  ? 325 TRP A NE1 1 
ATOM   545  C CE2 . TRP A 1 75  ? -6.680  15.849  -4.381  1.00 46.15  ? 325 TRP A CE2 1 
ATOM   546  C CE3 . TRP A 1 75  ? -4.602  14.816  -5.062  1.00 38.56  ? 325 TRP A CE3 1 
ATOM   547  C CZ2 . TRP A 1 75  ? -6.699  15.131  -3.186  1.00 46.52  ? 325 TRP A CZ2 1 
ATOM   548  C CZ3 . TRP A 1 75  ? -4.624  14.105  -3.875  1.00 51.33  ? 325 TRP A CZ3 1 
ATOM   549  C CH2 . TRP A 1 75  ? -5.665  14.267  -2.953  1.00 41.38  ? 325 TRP A CH2 1 
ATOM   550  N N   . SER A 1 76  ? -7.143  15.563  -9.861  1.00 33.41  ? 326 SER A N   1 
ATOM   551  C CA  . SER A 1 76  ? -8.478  15.095  -10.219 1.00 38.16  ? 326 SER A CA  1 
ATOM   552  C C   . SER A 1 76  ? -8.450  13.675  -10.769 1.00 41.06  ? 326 SER A C   1 
ATOM   553  O O   . SER A 1 76  ? -9.441  12.946  -10.647 1.00 36.33  ? 326 SER A O   1 
ATOM   554  C CB  . SER A 1 76  ? -9.108  16.044  -11.239 1.00 37.11  ? 326 SER A CB  1 
ATOM   555  O OG  . SER A 1 76  ? -9.273  17.338  -10.687 1.00 73.58  ? 326 SER A OG  1 
ATOM   556  N N   . ASP A 1 77  ? -7.332  13.264  -11.376 1.00 32.44  ? 327 ASP A N   1 
ATOM   557  C CA  . ASP A 1 77  ? -7.236  11.914  -11.920 1.00 33.13  ? 327 ASP A CA  1 
ATOM   558  C C   . ASP A 1 77  ? -7.075  10.886  -10.807 1.00 31.23  ? 327 ASP A C   1 
ATOM   559  O O   . ASP A 1 77  ? -7.752  9.851   -10.801 1.00 23.81  ? 327 ASP A O   1 
ATOM   560  C CB  . ASP A 1 77  ? -6.066  11.823  -12.900 1.00 43.96  ? 327 ASP A CB  1 
ATOM   561  C CG  . ASP A 1 77  ? -6.512  11.831  -14.350 1.00 42.73  ? 327 ASP A CG  1 
ATOM   562  O OD1 . ASP A 1 77  ? -7.591  12.385  -14.645 1.00 49.85  ? 327 ASP A OD1 1 
ATOM   563  O OD2 . ASP A 1 77  ? -5.775  11.283  -15.198 1.00 63.44  1 327 ASP A OD2 1 
ATOM   564  N N   . GLN A 1 78  ? -6.177  11.154  -9.858  1.00 23.52  ? 328 GLN A N   1 
ATOM   565  C CA  . GLN A 1 78  ? -5.954  10.220  -8.758  1.00 27.03  ? 328 GLN A CA  1 
ATOM   566  C C   . GLN A 1 78  ? -7.246  9.946   -8.002  1.00 28.02  ? 328 GLN A C   1 
ATOM   567  O O   . GLN A 1 78  ? -7.582  8.790   -7.719  1.00 32.56  ? 328 GLN A O   1 
ATOM   568  C CB  . GLN A 1 78  ? -4.890  10.778  -7.813  1.00 25.73  ? 328 GLN A CB  1 
ATOM   569  C CG  . GLN A 1 78  ? -3.525  10.948  -8.448  1.00 28.89  ? 328 GLN A CG  1 
ATOM   570  C CD  . GLN A 1 78  ? -2.606  11.805  -7.609  1.00 33.68  ? 328 GLN A CD  1 
ATOM   571  O OE1 . GLN A 1 78  ? -2.495  11.616  -6.397  1.00 30.85  ? 328 GLN A OE1 1 
ATOM   572  N NE2 . GLN A 1 78  ? -1.944  12.764  -8.247  1.00 32.41  ? 328 GLN A NE2 1 
ATOM   573  N N   . VAL A 1 79  ? -7.990  11.002  -7.673  1.00 32.07  ? 329 VAL A N   1 
ATOM   574  C CA  . VAL A 1 79  ? -9.190  10.847  -6.859  1.00 29.90  ? 329 VAL A CA  1 
ATOM   575  C C   . VAL A 1 79  ? -10.298 10.172  -7.656  1.00 24.59  ? 329 VAL A C   1 
ATOM   576  O O   . VAL A 1 79  ? -11.021 9.316   -7.136  1.00 31.89  ? 329 VAL A O   1 
ATOM   577  C CB  . VAL A 1 79  ? -9.628  12.217  -6.313  1.00 37.41  ? 329 VAL A CB  1 
ATOM   578  C CG1 . VAL A 1 79  ? -10.982 12.122  -5.651  1.00 31.71  ? 329 VAL A CG1 1 
ATOM   579  C CG2 . VAL A 1 79  ? -8.591  12.742  -5.326  1.00 30.15  ? 329 VAL A CG2 1 
ATOM   580  N N   . ALA A 1 80  ? -10.460 10.550  -8.925  1.00 19.87  ? 330 ALA A N   1 
ATOM   581  C CA  . ALA A 1 80  ? -11.474 9.910   -9.754  1.00 23.06  ? 330 ALA A CA  1 
ATOM   582  C C   . ALA A 1 80  ? -11.188 8.423   -9.920  1.00 31.06  ? 330 ALA A C   1 
ATOM   583  O O   . ALA A 1 80  ? -12.112 7.601   -9.932  1.00 27.03  ? 330 ALA A O   1 
ATOM   584  C CB  . ALA A 1 80  ? -11.546 10.599  -11.116 1.00 21.87  ? 330 ALA A CB  1 
ATOM   585  N N   . ARG A 1 81  ? -9.912  8.057   -10.041 1.00 37.57  ? 331 ARG A N   1 
ATOM   586  C CA  . ARG A 1 81  ? -9.550  6.658   -10.221 1.00 28.68  ? 331 ARG A CA  1 
ATOM   587  C C   . ARG A 1 81  ? -9.557  5.899   -8.902  1.00 25.06  ? 331 ARG A C   1 
ATOM   588  O O   . ARG A 1 81  ? -9.862  4.701   -8.886  1.00 22.07  ? 331 ARG A O   1 
ATOM   589  C CB  . ARG A 1 81  ? -8.181  6.563   -10.895 1.00 28.02  ? 331 ARG A CB  1 
ATOM   590  C CG  . ARG A 1 81  ? -8.186  7.074   -12.329 1.00 23.49  ? 331 ARG A CG  1 
ATOM   591  C CD  . ARG A 1 81  ? -6.793  7.409   -12.822 1.00 38.48  ? 331 ARG A CD  1 
ATOM   592  N NE  . ARG A 1 81  ? -6.019  6.219   -13.159 1.00 56.62  ? 331 ARG A NE  1 
ATOM   593  C CZ  . ARG A 1 81  ? -4.739  6.236   -13.518 1.00 64.53  ? 331 ARG A CZ  1 
ATOM   594  N NH1 . ARG A 1 81  ? -4.074  7.383   -13.584 1.00 39.77  1 331 ARG A NH1 1 
ATOM   595  N NH2 . ARG A 1 81  ? -4.118  5.101   -13.808 1.00 66.55  ? 331 ARG A NH2 1 
ATOM   596  N N   . LEU A 1 82  ? -9.230  6.568   -7.795  1.00 24.39  ? 332 LEU A N   1 
ATOM   597  C CA  . LEU A 1 82  ? -9.412  5.955   -6.483  1.00 20.69  ? 332 LEU A CA  1 
ATOM   598  C C   . LEU A 1 82  ? -10.879 5.638   -6.236  1.00 26.31  ? 332 LEU A C   1 
ATOM   599  O O   . LEU A 1 82  ? -11.213 4.578   -5.693  1.00 17.75  ? 332 LEU A O   1 
ATOM   600  C CB  . LEU A 1 82  ? -8.878  6.881   -5.392  1.00 18.35  ? 332 LEU A CB  1 
ATOM   601  C CG  . LEU A 1 82  ? -8.982  6.366   -3.955  1.00 32.52  ? 332 LEU A CG  1 
ATOM   602  C CD1 . LEU A 1 82  ? -8.248  5.043   -3.783  1.00 27.53  ? 332 LEU A CD1 1 
ATOM   603  C CD2 . LEU A 1 82  ? -8.441  7.402   -2.984  1.00 21.99  ? 332 LEU A CD2 1 
ATOM   604  N N   . LYS A 1 83  ? -11.770 6.550   -6.633  1.00 38.93  ? 333 LYS A N   1 
ATOM   605  C CA  . LYS A 1 83  ? -13.205 6.329   -6.484  1.00 32.91  ? 333 LYS A CA  1 
ATOM   606  C C   . LYS A 1 83  ? -13.662 5.135   -7.312  1.00 27.47  ? 333 LYS A C   1 
ATOM   607  O O   . LYS A 1 83  ? -14.349 4.240   -6.806  1.00 23.69  ? 333 LYS A O   1 
ATOM   608  C CB  . LYS A 1 83  ? -13.961 7.600   -6.885  1.00 34.13  ? 333 LYS A CB  1 
ATOM   609  C CG  . LYS A 1 83  ? -15.461 7.439   -7.147  1.00 60.77  ? 333 LYS A CG  1 
ATOM   610  C CD  . LYS A 1 83  ? -16.305 8.239   -6.170  1.00 73.22  ? 333 LYS A CD  1 
ATOM   611  C CE  . LYS A 1 83  ? -17.742 8.345   -6.655  1.00 78.65  ? 333 LYS A CE  1 
ATOM   612  N NZ  . LYS A 1 83  ? -18.678 8.785   -5.581  1.00 70.59  1 333 LYS A NZ  1 
ATOM   613  N N   . ALA A 1 84  ? -13.303 5.114   -8.598  1.00 33.41  ? 334 ALA A N   1 
ATOM   614  C CA  . ALA A 1 84  ? -13.721 4.016   -9.462  1.00 21.89  ? 334 ALA A CA  1 
ATOM   615  C C   . ALA A 1 84  ? -13.145 2.690   -8.992  1.00 27.85  ? 334 ALA A C   1 
ATOM   616  O O   . ALA A 1 84  ? -13.786 1.644   -9.145  1.00 28.23  ? 334 ALA A O   1 
ATOM   617  C CB  . ALA A 1 84  ? -13.302 4.297   -10.905 1.00 30.17  ? 334 ALA A CB  1 
ATOM   618  N N   . LEU A 1 85  ? -11.942 2.712   -8.418  1.00 28.67  ? 335 LEU A N   1 
ATOM   619  C CA  . LEU A 1 85  ? -11.335 1.483   -7.922  1.00 20.87  ? 335 LEU A CA  1 
ATOM   620  C C   . LEU A 1 85  ? -12.047 0.987   -6.669  1.00 29.98  ? 335 LEU A C   1 
ATOM   621  O O   . LEU A 1 85  ? -12.255 -0.221  -6.504  1.00 27.39  ? 335 LEU A O   1 
ATOM   622  C CB  . LEU A 1 85  ? -9.851  1.717   -7.641  1.00 28.94  ? 335 LEU A CB  1 
ATOM   623  C CG  . LEU A 1 85  ? -9.019  0.486   -7.283  1.00 21.05  ? 335 LEU A CG  1 
ATOM   624  C CD1 . LEU A 1 85  ? -8.891  -0.444  -8.480  1.00 17.77  ? 335 LEU A CD1 1 
ATOM   625  C CD2 . LEU A 1 85  ? -7.648  0.905   -6.776  1.00 15.95  ? 335 LEU A CD2 1 
ATOM   626  N N   . SER A 1 86  ? -12.425 1.904   -5.776  1.00 33.98  ? 336 SER A N   1 
ATOM   627  C CA  . SER A 1 86  ? -13.106 1.510   -4.547  1.00 34.34  ? 336 SER A CA  1 
ATOM   628  C C   . SER A 1 86  ? -14.486 0.937   -4.839  1.00 37.03  ? 336 SER A C   1 
ATOM   629  O O   . SER A 1 86  ? -14.869 -0.098  -4.283  1.00 42.26  ? 336 SER A O   1 
ATOM   630  C CB  . SER A 1 86  ? -13.213 2.704   -3.601  1.00 38.30  ? 336 SER A CB  1 
ATOM   631  O OG  . SER A 1 86  ? -13.860 2.334   -2.396  1.00 21.93  ? 336 SER A OG  1 
ATOM   632  N N   . GLU A 1 87  ? -15.253 1.596   -5.707  1.00 33.62  ? 337 GLU A N   1 
ATOM   633  C CA  . GLU A 1 87  ? -16.605 1.136   -5.991  1.00 40.11  ? 337 GLU A CA  1 
ATOM   634  C C   . GLU A 1 87  ? -16.634 -0.066  -6.927  1.00 37.43  ? 337 GLU A C   1 
ATOM   635  O O   . GLU A 1 87  ? -17.708 -0.644  -7.128  1.00 42.28  ? 337 GLU A O   1 
ATOM   636  C CB  . GLU A 1 87  ? -17.440 2.281   -6.574  1.00 48.30  ? 337 GLU A CB  1 
ATOM   637  C CG  . GLU A 1 87  ? -17.010 2.759   -7.948  1.00 40.90  ? 337 GLU A CG  1 
ATOM   638  C CD  . GLU A 1 87  ? -17.646 4.089   -8.316  1.00 68.57  ? 337 GLU A CD  1 
ATOM   639  O OE1 . GLU A 1 87  ? -18.496 4.574   -7.538  1.00 77.61  ? 337 GLU A OE1 1 
ATOM   640  O OE2 . GLU A 1 87  ? -17.298 4.652   -9.377  1.00 45.68  1 337 GLU A OE2 1 
ATOM   641  N N   . ASP A 1 88  ? -15.495 -0.454  -7.496  1.00 39.25  ? 338 ASP A N   1 
ATOM   642  C CA  . ASP A 1 88  ? -15.385 -1.699  -8.245  1.00 27.94  ? 338 ASP A CA  1 
ATOM   643  C C   . ASP A 1 88  ? -15.033 -2.887  -7.358  1.00 41.27  ? 338 ASP A C   1 
ATOM   644  O O   . ASP A 1 88  ? -14.972 -4.017  -7.855  1.00 30.95  ? 338 ASP A O   1 
ATOM   645  C CB  . ASP A 1 88  ? -14.338 -1.565  -9.356  1.00 29.42  ? 338 ASP A CB  1 
ATOM   646  C CG  . ASP A 1 88  ? -14.868 -0.833  -10.577 1.00 39.69  ? 338 ASP A CG  1 
ATOM   647  O OD1 . ASP A 1 88  ? -16.082 -0.544  -10.623 1.00 55.27  ? 338 ASP A OD1 1 
ATOM   648  O OD2 . ASP A 1 88  ? -14.070 -0.561  -11.500 1.00 34.35  1 338 ASP A OD2 1 
ATOM   649  N N   . TYR A 1 89  ? -14.802 -2.659  -6.064  1.00 31.14  ? 339 TYR A N   1 
ATOM   650  C CA  . TYR A 1 89  ? -14.528 -3.723  -5.103  1.00 24.50  ? 339 TYR A CA  1 
ATOM   651  C C   . TYR A 1 89  ? -15.398 -3.502  -3.863  1.00 34.52  ? 339 TYR A C   1 
ATOM   652  O O   . TYR A 1 89  ? -14.917 -3.374  -2.738  1.00 20.47  ? 339 TYR A O   1 
ATOM   653  C CB  . TYR A 1 89  ? -13.040 -3.780  -4.751  1.00 34.54  ? 339 TYR A CB  1 
ATOM   654  C CG  . TYR A 1 89  ? -12.181 -4.388  -5.846  1.00 22.98  ? 339 TYR A CG  1 
ATOM   655  C CD1 . TYR A 1 89  ? -11.950 -5.756  -5.895  1.00 26.75  ? 339 TYR A CD1 1 
ATOM   656  C CD2 . TYR A 1 89  ? -11.607 -3.596  -6.829  1.00 28.49  ? 339 TYR A CD2 1 
ATOM   657  C CE1 . TYR A 1 89  ? -11.172 -6.318  -6.891  1.00 23.25  ? 339 TYR A CE1 1 
ATOM   658  C CE2 . TYR A 1 89  ? -10.826 -4.149  -7.834  1.00 27.51  ? 339 TYR A CE2 1 
ATOM   659  C CZ  . TYR A 1 89  ? -10.613 -5.513  -7.859  1.00 32.50  ? 339 TYR A CZ  1 
ATOM   660  O OH  . TYR A 1 89  ? -9.839  -6.076  -8.850  1.00 29.25  ? 339 TYR A OH  1 
ATOM   661  N N   . GLY A 1 90  ? -16.708 -3.446  -4.089  1.00 29.03  ? 340 GLY A N   1 
ATOM   662  C CA  . GLY A 1 90  ? -17.658 -3.330  -2.994  1.00 22.88  ? 340 GLY A CA  1 
ATOM   663  C C   . GLY A 1 90  ? -17.495 -2.063  -2.185  1.00 31.37  ? 340 GLY A C   1 
ATOM   664  O O   . GLY A 1 90  ? -17.584 -2.104  -0.951  1.00 31.53  ? 340 GLY A O   1 
ATOM   665  N N   . HIS A 1 91  ? -17.266 -0.933  -2.854  1.00 25.82  ? 341 HIS A N   1 
ATOM   666  C CA  . HIS A 1 91  ? -17.024 0.345   -2.185  1.00 32.09  ? 341 HIS A CA  1 
ATOM   667  C C   . HIS A 1 91  ? -16.034 0.172   -1.037  1.00 29.99  ? 341 HIS A C   1 
ATOM   668  O O   . HIS A 1 91  ? -16.270 0.589   0.100   1.00 44.04  ? 341 HIS A O   1 
ATOM   669  C CB  . HIS A 1 91  ? -18.336 0.967   -1.700  1.00 33.02  ? 341 HIS A CB  1 
ATOM   670  C CG  . HIS A 1 91  ? -19.191 1.503   -2.808  1.00 45.85  ? 341 HIS A CG  1 
ATOM   671  N ND1 . HIS A 1 91  ? -20.175 0.756   -3.418  1.00 40.28  ? 341 HIS A ND1 1 
ATOM   672  C CD2 . HIS A 1 91  ? -19.195 2.709   -3.426  1.00 51.91  ? 341 HIS A CD2 1 
ATOM   673  C CE1 . HIS A 1 91  ? -20.755 1.481   -4.358  1.00 45.51  ? 341 HIS A CE1 1 
ATOM   674  N NE2 . HIS A 1 91  ? -20.180 2.670   -4.383  1.00 67.99  ? 341 HIS A NE2 1 
ATOM   675  N N   . ALA A 1 92  ? -14.905 -0.458  -1.351  1.00 33.52  ? 342 ALA A N   1 
ATOM   676  C CA  . ALA A 1 92  ? -13.885 -0.724  -0.349  1.00 34.84  ? 342 ALA A CA  1 
ATOM   677  C C   . ALA A 1 92  ? -13.434 0.573   0.310   1.00 32.71  ? 342 ALA A C   1 
ATOM   678  O O   . ALA A 1 92  ? -13.361 1.624   -0.333  1.00 28.13  ? 342 ALA A O   1 
ATOM   679  C CB  . ALA A 1 92  ? -12.695 -1.435  -0.994  1.00 28.41  ? 342 ALA A CB  1 
ATOM   680  N N   . TYR A 1 93  ? -13.134 0.498   1.603   1.00 25.77  ? 343 TYR A N   1 
ATOM   681  C CA  . TYR A 1 93  ? -12.715 1.681   2.338   1.00 39.82  ? 343 TYR A CA  1 
ATOM   682  C C   . TYR A 1 93  ? -11.224 1.914   2.150   1.00 37.14  ? 343 TYR A C   1 
ATOM   683  O O   . TYR A 1 93  ? -10.427 0.972   2.120   1.00 33.44  ? 343 TYR A O   1 
ATOM   684  C CB  . TYR A 1 93  ? -13.057 1.548   3.823   1.00 29.82  ? 343 TYR A CB  1 
ATOM   685  C CG  . TYR A 1 93  ? -12.265 0.509   4.587   1.00 23.66  ? 343 TYR A CG  1 
ATOM   686  C CD1 . TYR A 1 93  ? -11.128 0.863   5.303   1.00 24.73  ? 343 TYR A CD1 1 
ATOM   687  C CD2 . TYR A 1 93  ? -12.668 -0.821  4.616   1.00 21.21  ? 343 TYR A CD2 1 
ATOM   688  C CE1 . TYR A 1 93  ? -10.407 -0.079  6.016   1.00 26.35  ? 343 TYR A CE1 1 
ATOM   689  C CE2 . TYR A 1 93  ? -11.954 -1.769  5.326   1.00 20.19  ? 343 TYR A CE2 1 
ATOM   690  C CZ  . TYR A 1 93  ? -10.827 -1.392  6.024   1.00 27.69  ? 343 TYR A CZ  1 
ATOM   691  O OH  . TYR A 1 93  ? -10.113 -2.332  6.731   1.00 35.17  ? 343 TYR A OH  1 
ATOM   692  N N   . VAL A 1 94  ? -10.855 3.180   2.013   1.00 31.30  ? 344 VAL A N   1 
ATOM   693  C CA  . VAL A 1 94  ? -9.488  3.573   1.700   1.00 24.11  ? 344 VAL A CA  1 
ATOM   694  C C   . VAL A 1 94  ? -8.716  3.796   2.991   1.00 28.47  ? 344 VAL A C   1 
ATOM   695  O O   . VAL A 1 94  ? -9.242  4.345   3.966   1.00 47.25  ? 344 VAL A O   1 
ATOM   696  C CB  . VAL A 1 94  ? -9.480  4.838   0.821   1.00 32.62  ? 344 VAL A CB  1 
ATOM   697  C CG1 . VAL A 1 94  ? -8.062  5.331   0.604   1.00 33.79  ? 344 VAL A CG1 1 
ATOM   698  C CG2 . VAL A 1 94  ? -10.161 4.563   -0.517  1.00 24.05  ? 344 VAL A CG2 1 
ATOM   699  N N   . VAL A 1 95  ? -7.457  3.374   2.992   1.00 36.26  ? 345 VAL A N   1 
ATOM   700  C CA  . VAL A 1 95  ? -6.526  3.646   4.079   1.00 22.72  ? 345 VAL A CA  1 
ATOM   701  C C   . VAL A 1 95  ? -5.505  4.639   3.543   1.00 39.28  ? 345 VAL A C   1 
ATOM   702  O O   . VAL A 1 95  ? -4.623  4.269   2.756   1.00 48.80  ? 345 VAL A O   1 
ATOM   703  C CB  . VAL A 1 95  ? -5.841  2.369   4.584   1.00 23.42  ? 345 VAL A CB  1 
ATOM   704  C CG1 . VAL A 1 95  ? -5.207  2.623   5.929   1.00 29.83  ? 345 VAL A CG1 1 
ATOM   705  C CG2 . VAL A 1 95  ? -6.828  1.218   4.662   1.00 38.72  ? 345 VAL A CG2 1 
ATOM   706  N N   . ALA A 1 96  ? -5.616  5.898   3.960   1.00 49.92  ? 346 ALA A N   1 
ATOM   707  C CA  . ALA A 1 96  ? -4.800  6.969   3.409   1.00 50.45  ? 346 ALA A CA  1 
ATOM   708  C C   . ALA A 1 96  ? -4.137  7.752   4.529   1.00 47.76  ? 346 ALA A C   1 
ATOM   709  O O   . ALA A 1 96  ? -4.695  7.906   5.618   1.00 46.70  ? 346 ALA A O   1 
ATOM   710  C CB  . ALA A 1 96  ? -5.636  7.917   2.538   1.00 51.71  ? 346 ALA A CB  1 
ATOM   711  N N   . ASP A 1 97  ? -2.930  8.245   4.244   1.00 53.74  ? 347 ASP A N   1 
ATOM   712  C CA  . ASP A 1 97  ? -2.207  9.108   5.175   1.00 51.52  ? 347 ASP A CA  1 
ATOM   713  C C   . ASP A 1 97  ? -2.779  10.517  5.058   1.00 54.34  ? 347 ASP A C   1 
ATOM   714  O O   . ASP A 1 97  ? -2.196  11.423  4.458   1.00 65.32  ? 347 ASP A O   1 
ATOM   715  C CB  . ASP A 1 97  ? -0.710  9.072   4.895   1.00 55.30  ? 347 ASP A CB  1 
ATOM   716  C CG  . ASP A 1 97  ? 0.066   10.056  5.746   1.00 59.59  ? 347 ASP A CG  1 
ATOM   717  O OD1 . ASP A 1 97  ? -0.498  10.557  6.742   1.00 65.21  ? 347 ASP A OD1 1 
ATOM   718  O OD2 . ASP A 1 97  ? 1.243   10.322  5.424   1.00 53.89  ? 347 ASP A OD2 1 
ATOM   719  N N   . THR A 1 98  ? -3.963  10.692  5.642   1.00 74.31  ? 348 THR A N   1 
ATOM   720  C CA  . THR A 1 98  ? -4.639  11.981  5.681   1.00 80.73  ? 348 THR A CA  1 
ATOM   721  C C   . THR A 1 98  ? -4.186  12.846  6.848   1.00 85.30  ? 348 THR A C   1 
ATOM   722  O O   . THR A 1 98  ? -4.697  13.960  7.003   1.00 85.32  ? 348 THR A O   1 
ATOM   723  C CB  . THR A 1 98  ? -6.155  11.784  5.790   1.00 58.23  ? 348 THR A CB  1 
ATOM   724  O OG1 . THR A 1 98  ? -6.482  11.335  7.112   1.00 60.66  ? 348 THR A OG1 1 
ATOM   725  C CG2 . THR A 1 98  ? -6.653  10.758  4.783   1.00 74.39  ? 348 THR A CG2 1 
ATOM   726  N N   . TRP A 1 99  ? -3.243  12.367  7.652   1.00 77.69  ? 349 TRP A N   1 
ATOM   727  C CA  . TRP A 1 99  ? -3.024  12.890  8.998   1.00 88.87  ? 349 TRP A CA  1 
ATOM   728  C C   . TRP A 1 99  ? -4.303  12.731  9.813   1.00 93.40  ? 349 TRP A C   1 
ATOM   729  O O   . TRP A 1 99  ? -5.100  11.824  9.562   1.00 77.87  ? 349 TRP A O   1 
ATOM   730  C CB  . TRP A 1 99  ? -2.591  14.358  8.982   1.00 79.66  ? 349 TRP A CB  1 
ATOM   731  C CG  . TRP A 1 99  ? -1.135  14.546  8.709   1.00 83.61  ? 349 TRP A CG  1 
ATOM   732  C CD1 . TRP A 1 99  ? -0.525  14.592  7.488   1.00 77.83  ? 349 TRP A CD1 1 
ATOM   733  C CD2 . TRP A 1 99  ? -0.100  14.714  9.685   1.00 88.22  ? 349 TRP A CD2 1 
ATOM   734  N NE1 . TRP A 1 99  ? 0.829   14.776  7.646   1.00 84.97  ? 349 TRP A NE1 1 
ATOM   735  C CE2 . TRP A 1 99  ? 1.114   14.855  8.985   1.00 97.78  ? 349 TRP A CE2 1 
ATOM   736  C CE3 . TRP A 1 99  ? -0.082  14.760  11.083  1.00 69.55  ? 349 TRP A CE3 1 
ATOM   737  C CZ2 . TRP A 1 99  ? 2.334   15.037  9.635   1.00 81.68  ? 349 TRP A CZ2 1 
ATOM   738  C CZ3 . TRP A 1 99  ? 1.130   14.941  11.726  1.00 66.03  ? 349 TRP A CZ3 1 
ATOM   739  C CH2 . TRP A 1 99  ? 2.320   15.078  11.001  1.00 62.28  ? 349 TRP A CH2 1 
ATOM   740  N N   . ASP A 1 103 ? -6.009  16.656  9.417   1.00 71.61  ? 353 ASP A N   1 
ATOM   741  C CA  . ASP A 1 103 ? -7.364  16.170  9.166   1.00 95.27  ? 353 ASP A CA  1 
ATOM   742  C C   . ASP A 1 103 ? -8.132  17.064  8.185   1.00 85.98  ? 353 ASP A C   1 
ATOM   743  O O   . ASP A 1 103 ? -9.326  17.299  8.380   1.00 70.09  ? 353 ASP A O   1 
ATOM   744  C CB  . ASP A 1 103 ? -8.163  16.085  10.477  1.00 100.74 ? 353 ASP A CB  1 
ATOM   745  C CG  . ASP A 1 103 ? -7.615  15.052  11.448  1.00 95.18  ? 353 ASP A CG  1 
ATOM   746  O OD1 . ASP A 1 103 ? -6.885  14.131  11.015  1.00 102.90 ? 353 ASP A OD1 1 
ATOM   747  O OD2 . ASP A 1 103 ? -7.932  15.157  12.656  1.00 70.09  ? 353 ASP A OD2 1 
ATOM   748  N N   . ALA A 1 104 ? -7.474  17.552  7.124   1.00 102.96 ? 354 ALA A N   1 
ATOM   749  C CA  . ALA A 1 104 ? -8.034  18.654  6.342   1.00 102.25 ? 354 ALA A CA  1 
ATOM   750  C C   . ALA A 1 104 ? -8.040  18.382  4.842   1.00 101.44 ? 354 ALA A C   1 
ATOM   751  O O   . ALA A 1 104 ? -9.071  18.589  4.195   1.00 108.08 ? 354 ALA A O   1 
ATOM   752  C CB  . ALA A 1 104 ? -7.253  19.971  6.651   1.00 62.58  ? 354 ALA A CB  1 
ATOM   753  N N   . ILE A 1 105 ? -6.936  17.882  4.277   1.00 79.46  ? 355 ILE A N   1 
ATOM   754  C CA  . ILE A 1 105 ? -6.754  17.914  2.824   1.00 87.90  ? 355 ILE A CA  1 
ATOM   755  C C   . ILE A 1 105 ? -7.466  16.744  2.149   1.00 90.93  ? 355 ILE A C   1 
ATOM   756  O O   . ILE A 1 105 ? -8.423  16.946  1.395   1.00 80.95  ? 355 ILE A O   1 
ATOM   757  C CB  . ILE A 1 105 ? -5.262  17.935  2.434   1.00 92.18  ? 355 ILE A CB  1 
ATOM   758  C CG1 . ILE A 1 105 ? -4.563  19.121  3.099   1.00 74.84  ? 355 ILE A CG1 1 
ATOM   759  C CG2 . ILE A 1 105 ? -5.114  18.033  0.895   1.00 88.17  ? 355 ILE A CG2 1 
ATOM   760  C CD1 . ILE A 1 105 ? -3.073  19.065  3.024   1.00 44.21  ? 355 ILE A CD1 1 
ATOM   761  N N   . ALA A 1 106 ? -7.014  15.515  2.408   1.00 86.44  ? 356 ALA A N   1 
ATOM   762  C CA  . ALA A 1 106 ? -7.588  14.351  1.736   1.00 67.70  ? 356 ALA A CA  1 
ATOM   763  C C   . ALA A 1 106 ? -9.060  14.132  2.064   1.00 75.55  ? 356 ALA A C   1 
ATOM   764  O O   . ALA A 1 106 ? -9.647  13.172  1.550   1.00 52.84  ? 356 ALA A O   1 
ATOM   765  C CB  . ALA A 1 106 ? -6.789  13.097  2.085   1.00 65.64  ? 356 ALA A CB  1 
ATOM   766  N N   . GLU A 1 107 ? -9.669  14.979  2.898   1.00 78.53  ? 357 GLU A N   1 
ATOM   767  C CA  . GLU A 1 107 ? -11.114 14.958  3.088   1.00 68.64  ? 357 GLU A CA  1 
ATOM   768  C C   . GLU A 1 107 ? -11.875 15.338  1.825   1.00 73.06  ? 357 GLU A C   1 
ATOM   769  O O   . GLU A 1 107 ? -13.111 15.387  1.851   1.00 58.10  ? 357 GLU A O   1 
ATOM   770  C CB  . GLU A 1 107 ? -11.490 15.883  4.245   1.00 87.63  ? 357 GLU A CB  1 
ATOM   771  C CG  . GLU A 1 107 ? -10.835 15.484  5.556   1.00 106.26 ? 357 GLU A CG  1 
ATOM   772  C CD  . GLU A 1 107 ? -11.101 14.039  5.906   1.00 113.92 ? 357 GLU A CD  1 
ATOM   773  O OE1 . GLU A 1 107 ? -12.208 13.549  5.597   1.00 117.08 ? 357 GLU A OE1 1 
ATOM   774  O OE2 . GLU A 1 107 ? -10.198 13.384  6.469   1.00 101.69 ? 357 GLU A OE2 1 
ATOM   775  N N   . GLU A 1 108 ? -11.161 15.638  0.736   1.00 60.83  ? 358 GLU A N   1 
ATOM   776  C CA  . GLU A 1 108 ? -11.723 15.495  -0.601  1.00 59.11  ? 358 GLU A CA  1 
ATOM   777  C C   . GLU A 1 108 ? -12.402 14.141  -0.772  1.00 60.33  ? 358 GLU A C   1 
ATOM   778  O O   . GLU A 1 108 ? -13.302 14.002  -1.609  1.00 63.05  ? 358 GLU A O   1 
ATOM   779  C CB  . GLU A 1 108 ? -10.603 15.679  -1.636  1.00 60.79  ? 358 GLU A CB  1 
ATOM   780  C CG  . GLU A 1 108 ? -10.909 15.240  -3.067  1.00 42.18  ? 358 GLU A CG  1 
ATOM   781  C CD  . GLU A 1 108 ? -11.918 16.137  -3.755  1.00 61.29  ? 358 GLU A CD  1 
ATOM   782  O OE1 . GLU A 1 108 ? -13.041 15.670  -4.045  1.00 63.35  ? 358 GLU A OE1 1 
ATOM   783  O OE2 . GLU A 1 108 ? -11.584 17.315  -4.005  1.00 64.89  ? 358 GLU A OE2 1 
ATOM   784  N N   . LEU A 1 109 ? -11.984 13.139  0.006   1.00 42.16  ? 359 LEU A N   1 
ATOM   785  C CA  . LEU A 1 109 ? -12.669 11.852  0.009   1.00 52.80  ? 359 LEU A CA  1 
ATOM   786  C C   . LEU A 1 109 ? -14.117 11.996  0.466   1.00 57.47  ? 359 LEU A C   1 
ATOM   787  O O   . LEU A 1 109 ? -15.019 11.368  -0.102  1.00 49.04  ? 359 LEU A O   1 
ATOM   788  C CB  . LEU A 1 109 ? -11.913 10.871  0.906   1.00 53.57  ? 359 LEU A CB  1 
ATOM   789  C CG  . LEU A 1 109 ? -10.608 10.309  0.336   1.00 45.67  ? 359 LEU A CG  1 
ATOM   790  C CD1 . LEU A 1 109 ? -9.692  9.806   1.439   1.00 42.55  ? 359 LEU A CD1 1 
ATOM   791  C CD2 . LEU A 1 109 ? -10.906 9.190   -0.641  1.00 52.44  ? 359 LEU A CD2 1 
ATOM   792  N N   . ASP A 1 110 ? -14.360 12.814  1.496   1.00 66.27  ? 360 ASP A N   1 
ATOM   793  C CA  . ASP A 1 110 ? -15.730 13.047  1.947   1.00 55.06  ? 360 ASP A CA  1 
ATOM   794  C C   . ASP A 1 110 ? -16.584 13.628  0.829   1.00 60.19  ? 360 ASP A C   1 
ATOM   795  O O   . ASP A 1 110 ? -17.734 13.214  0.635   1.00 48.77  ? 360 ASP A O   1 
ATOM   796  C CB  . ASP A 1 110 ? -15.745 13.984  3.156   1.00 60.76  ? 360 ASP A CB  1 
ATOM   797  C CG  . ASP A 1 110 ? -15.218 13.327  4.415   1.00 86.25  ? 360 ASP A CG  1 
ATOM   798  O OD1 . ASP A 1 110 ? -15.249 12.081  4.497   1.00 94.92  ? 360 ASP A OD1 1 
ATOM   799  O OD2 . ASP A 1 110 ? -14.783 14.059  5.329   1.00 86.47  ? 360 ASP A OD2 1 
ATOM   800  N N   . ALA A 1 111 ? -16.045 14.598  0.090   1.00 50.04  ? 361 ALA A N   1 
ATOM   801  C CA  . ALA A 1 111 ? -16.785 15.177  -1.026  1.00 51.12  ? 361 ALA A CA  1 
ATOM   802  C C   . ALA A 1 111 ? -17.184 14.104  -2.030  1.00 67.01  ? 361 ALA A C   1 
ATOM   803  O O   . ALA A 1 111 ? -18.355 13.996  -2.410  1.00 64.27  ? 361 ALA A O   1 
ATOM   804  C CB  . ALA A 1 111 ? -15.944 16.260  -1.701  1.00 54.23  ? 361 ALA A CB  1 
ATOM   805  N N   . GLN A 1 112 ? -16.218 13.295  -2.465  1.00 70.16  ? 362 GLN A N   1 
ATOM   806  C CA  . GLN A 1 112 ? -16.486 12.245  -3.438  1.00 59.54  ? 362 GLN A CA  1 
ATOM   807  C C   . GLN A 1 112 ? -17.278 11.085  -2.851  1.00 60.53  ? 362 GLN A C   1 
ATOM   808  O O   . GLN A 1 112 ? -17.683 10.195  -3.605  1.00 53.04  ? 362 GLN A O   1 
ATOM   809  C CB  . GLN A 1 112 ? -15.168 11.727  -4.011  1.00 66.33  ? 362 GLN A CB  1 
ATOM   810  C CG  . GLN A 1 112 ? -14.289 12.808  -4.616  1.00 61.52  ? 362 GLN A CG  1 
ATOM   811  C CD  . GLN A 1 112 ? -14.839 13.356  -5.916  1.00 66.08  ? 362 GLN A CD  1 
ATOM   812  O OE1 . GLN A 1 112 ? -15.716 12.752  -6.536  1.00 70.83  ? 362 GLN A OE1 1 
ATOM   813  N NE2 . GLN A 1 112 ? -14.326 14.507  -6.338  1.00 63.04  ? 362 GLN A NE2 1 
ATOM   814  N N   . GLY A 1 113 ? -17.501 11.068  -1.541  1.00 53.63  ? 363 GLY A N   1 
ATOM   815  C CA  . GLY A 1 113 ? -18.253 9.992   -0.921  1.00 54.03  ? 363 GLY A CA  1 
ATOM   816  C C   . GLY A 1 113 ? -17.505 8.679   -0.867  1.00 62.97  ? 363 GLY A C   1 
ATOM   817  O O   . GLY A 1 113 ? -18.113 7.614   -1.039  1.00 48.31  ? 363 GLY A O   1 
ATOM   818  N N   . ILE A 1 114 ? -16.200 8.727   -0.627  1.00 50.83  ? 364 ILE A N   1 
ATOM   819  C CA  . ILE A 1 114 ? -15.359 7.539   -0.581  1.00 44.34  ? 364 ILE A CA  1 
ATOM   820  C C   . ILE A 1 114 ? -15.154 7.164   0.880   1.00 50.97  ? 364 ILE A C   1 
ATOM   821  O O   . ILE A 1 114 ? -14.607 7.952   1.660   1.00 58.52  ? 364 ILE A O   1 
ATOM   822  C CB  . ILE A 1 114 ? -14.013 7.784   -1.283  1.00 57.44  ? 364 ILE A CB  1 
ATOM   823  C CG1 . ILE A 1 114 ? -14.230 8.137   -2.757  1.00 58.21  ? 364 ILE A CG1 1 
ATOM   824  C CG2 . ILE A 1 114 ? -13.120 6.559   -1.175  1.00 58.45  ? 364 ILE A CG2 1 
ATOM   825  C CD1 . ILE A 1 114 ? -13.100 8.941   -3.356  1.00 50.00  ? 364 ILE A CD1 1 
ATOM   826  N N   . ASN A 1 115 ? -15.595 5.966   1.253   1.00 43.90  ? 365 ASN A N   1 
ATOM   827  C CA  . ASN A 1 115 ? -15.329 5.466   2.593   1.00 46.68  ? 365 ASN A CA  1 
ATOM   828  C C   . ASN A 1 115 ? -13.825 5.358   2.806   1.00 43.72  ? 365 ASN A C   1 
ATOM   829  O O   . ASN A 1 115 ? -13.083 4.957   1.904   1.00 53.85  ? 365 ASN A O   1 
ATOM   830  C CB  . ASN A 1 115 ? -15.993 4.103   2.795   1.00 59.65  ? 365 ASN A CB  1 
ATOM   831  C CG  . ASN A 1 115 ? -17.447 4.095   2.367   1.00 69.30  ? 365 ASN A CG  1 
ATOM   832  O OD1 . ASN A 1 115 ? -18.206 5.010   2.689   1.00 61.94  ? 365 ASN A OD1 1 
ATOM   833  N ND2 . ASN A 1 115 ? -17.839 3.067   1.622   1.00 59.90  ? 365 ASN A ND2 1 
ATOM   834  N N   . TYR A 1 116 ? -13.369 5.726   3.999   1.00 41.38  ? 366 TYR A N   1 
ATOM   835  C CA  . TYR A 1 116 ? -11.939 5.713   4.270   1.00 44.59  ? 366 TYR A CA  1 
ATOM   836  C C   . TYR A 1 116 ? -11.698 5.616   5.769   1.00 40.32  ? 366 TYR A C   1 
ATOM   837  O O   . TYR A 1 116 ? -12.510 6.074   6.577   1.00 46.28  ? 366 TYR A O   1 
ATOM   838  C CB  . TYR A 1 116 ? -11.250 6.966   3.711   1.00 49.21  ? 366 TYR A CB  1 
ATOM   839  C CG  . TYR A 1 116 ? -11.451 8.193   4.567   1.00 46.02  ? 366 TYR A CG  1 
ATOM   840  C CD1 . TYR A 1 116 ? -10.572 8.494   5.600   1.00 53.91  ? 366 TYR A CD1 1 
ATOM   841  C CD2 . TYR A 1 116 ? -12.520 9.048   4.346   1.00 53.14  ? 366 TYR A CD2 1 
ATOM   842  C CE1 . TYR A 1 116 ? -10.754 9.608   6.388   1.00 62.88  ? 366 TYR A CE1 1 
ATOM   843  C CE2 . TYR A 1 116 ? -12.710 10.167  5.129   1.00 70.59  ? 366 TYR A CE2 1 
ATOM   844  C CZ  . TYR A 1 116 ? -11.823 10.442  6.148   1.00 74.07  ? 366 TYR A CZ  1 
ATOM   845  O OH  . TYR A 1 116 ? -12.006 11.555  6.935   1.00 92.66  ? 366 TYR A OH  1 
ATOM   846  N N   . THR A 1 117 ? -10.563 5.016   6.122   1.00 47.00  ? 367 THR A N   1 
ATOM   847  C CA  . THR A 1 117 ? -10.050 4.987   7.480   1.00 40.18  ? 367 THR A CA  1 
ATOM   848  C C   . THR A 1 117 ? -8.819  5.871   7.571   1.00 47.01  ? 367 THR A C   1 
ATOM   849  O O   . THR A 1 117 ? -7.876  5.679   6.794   1.00 49.86  ? 367 THR A O   1 
ATOM   850  C CB  . THR A 1 117 ? -9.687  3.553   7.887   1.00 46.20  ? 367 THR A CB  1 
ATOM   851  O OG1 . THR A 1 117 ? -10.878 2.769   8.007   1.00 52.24  ? 367 THR A OG1 1 
ATOM   852  C CG2 . THR A 1 117 ? -8.932  3.528   9.215   1.00 44.87  ? 367 THR A CG2 1 
ATOM   853  N N   . PRO A 1 118 ? -8.776  6.840   8.489   1.00 62.72  ? 368 PRO A N   1 
ATOM   854  C CA  . PRO A 1 118 ? -7.620  7.745   8.552   1.00 62.51  ? 368 PRO A CA  1 
ATOM   855  C C   . PRO A 1 118 ? -6.445  7.073   9.249   1.00 56.41  ? 368 PRO A C   1 
ATOM   856  O O   . PRO A 1 118 ? -6.607  6.457   10.306  1.00 53.49  ? 368 PRO A O   1 
ATOM   857  C CB  . PRO A 1 118 ? -8.150  8.934   9.361   1.00 53.55  ? 368 PRO A CB  1 
ATOM   858  C CG  . PRO A 1 118 ? -9.170  8.327   10.263  1.00 40.23  ? 368 PRO A CG  1 
ATOM   859  C CD  . PRO A 1 118 ? -9.794  7.184   9.498   1.00 59.90  ? 368 PRO A CD  1 
ATOM   860  N N   . LEU A 1 119 ? -5.259  7.193   8.652   1.00 52.63  ? 369 LEU A N   1 
ATOM   861  C CA  . LEU A 1 119 ? -4.026  6.660   9.234   1.00 50.46  ? 369 LEU A CA  1 
ATOM   862  C C   . LEU A 1 119 ? -2.993  7.777   9.229   1.00 66.48  ? 369 LEU A C   1 
ATOM   863  O O   . LEU A 1 119 ? -2.283  7.977   8.233   1.00 57.25  ? 369 LEU A O   1 
ATOM   864  C CB  . LEU A 1 119 ? -3.517  5.435   8.478   1.00 58.76  ? 369 LEU A CB  1 
ATOM   865  C CG  . LEU A 1 119 ? -3.696  4.059   9.132   1.00 33.44  ? 369 LEU A CG  1 
ATOM   866  C CD1 . LEU A 1 119 ? -2.866  3.039   8.374   1.00 61.44  ? 369 LEU A CD1 1 
ATOM   867  C CD2 . LEU A 1 119 ? -3.297  4.025   10.604  1.00 54.07  ? 369 LEU A CD2 1 
ATOM   868  N N   . PRO A 1 120 ? -2.884  8.535   10.318  1.00 75.32  ? 370 PRO A N   1 
ATOM   869  C CA  . PRO A 1 120 ? -1.916  9.642   10.343  1.00 58.11  ? 370 PRO A CA  1 
ATOM   870  C C   . PRO A 1 120 ? -0.499  9.120   10.526  1.00 60.31  ? 370 PRO A C   1 
ATOM   871  O O   . PRO A 1 120 ? -0.177  8.525   11.556  1.00 61.15  ? 370 PRO A O   1 
ATOM   872  C CB  . PRO A 1 120 ? -2.364  10.481  11.548  1.00 70.51  ? 370 PRO A CB  1 
ATOM   873  C CG  . PRO A 1 120 ? -3.709  9.937   11.958  1.00 64.52  ? 370 PRO A CG  1 
ATOM   874  C CD  . PRO A 1 120 ? -3.691  8.508   11.552  1.00 63.89  ? 370 PRO A CD  1 
ATOM   875  N N   . VAL A 1 121 ? 0.354   9.349   9.532   1.00 50.80  ? 371 VAL A N   1 
ATOM   876  C CA  . VAL A 1 121 ? 1.785   9.022   9.657   1.00 63.02  ? 371 VAL A CA  1 
ATOM   877  C C   . VAL A 1 121 ? 2.451   10.258  10.246  1.00 69.02  ? 371 VAL A C   1 
ATOM   878  O O   . VAL A 1 121 ? 3.123   11.041  9.568   1.00 71.78  ? 371 VAL A O   1 
ATOM   879  C CB  . VAL A 1 121 ? 2.399   8.590   8.322   1.00 57.75  ? 371 VAL A CB  1 
ATOM   880  C CG1 . VAL A 1 121 ? 3.864   8.242   8.515   1.00 44.07  ? 371 VAL A CG1 1 
ATOM   881  C CG2 . VAL A 1 121 ? 1.633   7.400   7.744   1.00 37.70  ? 371 VAL A CG2 1 
ATOM   882  N N   . LYS A 1 122 ? 2.280   10.430  11.560  1.00 69.86  ? 372 LYS A N   1 
ATOM   883  C CA  . LYS A 1 122 ? 2.739   11.641  12.231  1.00 66.82  ? 372 LYS A CA  1 
ATOM   884  C C   . LYS A 1 122 ? 4.246   11.611  12.452  1.00 48.77  ? 372 LYS A C   1 
ATOM   885  O O   . LYS A 1 122 ? 4.956   12.549  12.072  1.00 60.66  ? 372 LYS A O   1 
ATOM   886  C CB  . LYS A 1 122 ? 2.000   11.815  13.561  1.00 61.10  ? 372 LYS A CB  1 
ATOM   887  C CG  . LYS A 1 122 ? 0.494   11.766  13.428  1.00 59.04  ? 372 LYS A CG  1 
ATOM   888  C CD  . LYS A 1 122 ? -0.200  11.887  14.772  1.00 73.35  ? 372 LYS A CD  1 
ATOM   889  C CE  . LYS A 1 122 ? -1.647  12.320  14.605  1.00 73.04  ? 372 LYS A CE  1 
ATOM   890  N NZ  . LYS A 1 122 ? -2.498  11.888  15.743  1.00 63.58  ? 372 LYS A NZ  1 
ATOM   891  N N   . SER A 1 123 ? 4.750   10.543  13.059  1.00 39.57  ? 373 SER A N   1 
ATOM   892  C CA  . SER A 1 123 ? 6.158   10.418  13.402  1.00 53.35  ? 373 SER A CA  1 
ATOM   893  C C   . SER A 1 123 ? 6.826   9.374   12.517  1.00 52.35  ? 373 SER A C   1 
ATOM   894  O O   . SER A 1 123 ? 6.169   8.576   11.841  1.00 46.67  ? 373 SER A O   1 
ATOM   895  C CB  . SER A 1 123 ? 6.321   10.043  14.880  1.00 48.86  ? 373 SER A CB  1 
ATOM   896  O OG  . SER A 1 123 ? 5.938   8.700   15.112  1.00 45.91  ? 373 SER A OG  1 
ATOM   897  N N   . SER A 1 124 ? 8.161   9.389   12.532  1.00 52.78  ? 374 SER A N   1 
ATOM   898  C CA  . SER A 1 124 ? 8.918   8.390   11.789  1.00 43.29  ? 374 SER A CA  1 
ATOM   899  C C   . SER A 1 124 ? 8.630   6.988   12.303  1.00 52.04  ? 374 SER A C   1 
ATOM   900  O O   . SER A 1 124 ? 8.721   6.018   11.543  1.00 50.88  ? 374 SER A O   1 
ATOM   901  C CB  . SER A 1 124 ? 10.415  8.690   11.879  1.00 38.59  ? 374 SER A CB  1 
ATOM   902  O OG  . SER A 1 124 ? 10.853  8.674   13.225  1.00 52.01  ? 374 SER A OG  1 
ATOM   903  N N   . SER A 1 125 ? 8.275   6.860   13.586  1.00 37.23  ? 375 SER A N   1 
ATOM   904  C CA  . SER A 1 125 ? 8.021   5.544   14.163  1.00 58.12  ? 375 SER A CA  1 
ATOM   905  C C   . SER A 1 125 ? 6.688   4.965   13.707  1.00 55.43  ? 375 SER A C   1 
ATOM   906  O O   . SER A 1 125 ? 6.554   3.740   13.614  1.00 48.51  ? 375 SER A O   1 
ATOM   907  C CB  . SER A 1 125 ? 8.071   5.613   15.692  1.00 54.60  ? 375 SER A CB  1 
ATOM   908  O OG  . SER A 1 125 ? 7.112   6.512   16.213  1.00 70.18  ? 375 SER A OG  1 
ATOM   909  N N   . VAL A 1 126 ? 5.696   5.811   13.419  1.00 43.70  ? 376 VAL A N   1 
ATOM   910  C CA  . VAL A 1 126 ? 4.460   5.317   12.816  1.00 45.99  ? 376 VAL A CA  1 
ATOM   911  C C   . VAL A 1 126 ? 4.766   4.668   11.474  1.00 49.21  ? 376 VAL A C   1 
ATOM   912  O O   . VAL A 1 126 ? 4.372   3.526   11.209  1.00 53.23  ? 376 VAL A O   1 
ATOM   913  C CB  . VAL A 1 126 ? 3.438   6.459   12.661  1.00 49.40  ? 376 VAL A CB  1 
ATOM   914  C CG1 . VAL A 1 126 ? 2.118   5.911   12.147  1.00 40.69  ? 376 VAL A CG1 1 
ATOM   915  C CG2 . VAL A 1 126 ? 3.233   7.191   13.979  1.00 55.49  ? 376 VAL A CG2 1 
ATOM   916  N N   . LYS A 1 127 ? 5.471   5.397   10.607  1.00 41.03  ? 377 LYS A N   1 
ATOM   917  C CA  . LYS A 1 127 ? 5.924   4.837   9.340   1.00 35.68  ? 377 LYS A CA  1 
ATOM   918  C C   . LYS A 1 127 ? 6.723   3.560   9.561   1.00 38.83  ? 377 LYS A C   1 
ATOM   919  O O   . LYS A 1 127 ? 6.529   2.563   8.857   1.00 37.14  ? 377 LYS A O   1 
ATOM   920  C CB  . LYS A 1 127 ? 6.769   5.874   8.600   1.00 45.96  ? 377 LYS A CB  1 
ATOM   921  C CG  . LYS A 1 127 ? 7.010   5.574   7.134   1.00 43.68  ? 377 LYS A CG  1 
ATOM   922  C CD  . LYS A 1 127 ? 8.147   6.427   6.585   1.00 43.98  ? 377 LYS A CD  1 
ATOM   923  C CE  . LYS A 1 127 ? 7.991   6.693   5.095   1.00 43.63  ? 377 LYS A CE  1 
ATOM   924  N NZ  . LYS A 1 127 ? 6.820   7.570   4.802   1.00 52.42  ? 377 LYS A NZ  1 
ATOM   925  N N   . GLU A 1 128 ? 7.622   3.568   10.547  1.00 27.28  ? 378 GLU A N   1 
ATOM   926  C CA  . GLU A 1 128 ? 8.456   2.397   10.788  1.00 45.00  ? 378 GLU A CA  1 
ATOM   927  C C   . GLU A 1 128 ? 7.633   1.241   11.342  1.00 39.00  ? 378 GLU A C   1 
ATOM   928  O O   . GLU A 1 128 ? 7.900   0.077   11.027  1.00 41.24  ? 378 GLU A O   1 
ATOM   929  C CB  . GLU A 1 128 ? 9.603   2.751   11.734  1.00 44.83  ? 378 GLU A CB  1 
ATOM   930  C CG  . GLU A 1 128 ? 10.712  3.550   11.071  1.00 51.25  ? 378 GLU A CG  1 
ATOM   931  C CD  . GLU A 1 128 ? 11.870  3.836   12.004  1.00 66.10  ? 378 GLU A CD  1 
ATOM   932  O OE1 . GLU A 1 128 ? 11.730  3.580   13.219  1.00 85.83  ? 378 GLU A OE1 1 
ATOM   933  O OE2 . GLU A 1 128 ? 12.922  4.311   11.522  1.00 48.30  1 378 GLU A OE2 1 
ATOM   934  N N   . GLN A 1 129 ? 6.627   1.540   12.165  1.00 34.93  ? 379 GLN A N   1 
ATOM   935  C CA  . GLN A 1 129 ? 5.750   0.489   12.667  1.00 44.28  ? 379 GLN A CA  1 
ATOM   936  C C   . GLN A 1 129 ? 4.944   -0.136  11.534  1.00 39.12  ? 379 GLN A C   1 
ATOM   937  O O   . GLN A 1 129 ? 4.959   -1.359  11.349  1.00 38.75  ? 379 GLN A O   1 
ATOM   938  C CB  . GLN A 1 129 ? 4.819   1.044   13.743  1.00 43.99  ? 379 GLN A CB  1 
ATOM   939  C CG  . GLN A 1 129 ? 5.450   1.200   15.118  1.00 46.13  ? 379 GLN A CG  1 
ATOM   940  C CD  . GLN A 1 129 ? 4.445   1.658   16.157  1.00 56.23  ? 379 GLN A CD  1 
ATOM   941  O OE1 . GLN A 1 129 ? 3.252   1.757   15.874  1.00 66.24  ? 379 GLN A OE1 1 
ATOM   942  N NE2 . GLN A 1 129 ? 4.922   1.942   17.364  1.00 69.01  ? 379 GLN A NE2 1 
ATOM   943  N N   . LEU A 1 130 ? 4.230   0.694   10.768  1.00 34.10  ? 380 LEU A N   1 
ATOM   944  C CA  . LEU A 1 130 ? 3.433   0.194   9.651   1.00 31.76  ? 380 LEU A CA  1 
ATOM   945  C C   . LEU A 1 130 ? 4.252   -0.725  8.755   1.00 29.78  ? 380 LEU A C   1 
ATOM   946  O O   . LEU A 1 130 ? 3.820   -1.831  8.415   1.00 25.98  ? 380 LEU A O   1 
ATOM   947  C CB  . LEU A 1 130 ? 2.882   1.367   8.840   1.00 29.30  ? 380 LEU A CB  1 
ATOM   948  C CG  . LEU A 1 130 ? 1.607   2.044   9.339   1.00 35.12  ? 380 LEU A CG  1 
ATOM   949  C CD1 . LEU A 1 130 ? 1.359   3.315   8.545   1.00 41.10  ? 380 LEU A CD1 1 
ATOM   950  C CD2 . LEU A 1 130 ? 0.420   1.107   9.219   1.00 34.29  ? 380 LEU A CD2 1 
ATOM   951  N N   . ILE A 1 131 ? 5.443   -0.275  8.359   1.00 28.55  ? 381 ILE A N   1 
ATOM   952  C CA  . ILE A 1 131 ? 6.261   -1.048  7.431   1.00 26.86  ? 381 ILE A CA  1 
ATOM   953  C C   . ILE A 1 131 ? 6.773   -2.318  8.098   1.00 22.95  ? 381 ILE A C   1 
ATOM   954  O O   . ILE A 1 131 ? 6.745   -3.400  7.501   1.00 32.99  ? 381 ILE A O   1 
ATOM   955  C CB  . ILE A 1 131 ? 7.409   -0.173  6.897   1.00 26.73  ? 381 ILE A CB  1 
ATOM   956  C CG1 . ILE A 1 131 ? 6.848   0.932   5.996   1.00 18.00  ? 381 ILE A CG1 1 
ATOM   957  C CG2 . ILE A 1 131 ? 8.429   -1.008  6.133   1.00 26.87  ? 381 ILE A CG2 1 
ATOM   958  C CD1 . ILE A 1 131 ? 7.799   2.081   5.775   1.00 30.92  ? 381 ILE A CD1 1 
ATOM   959  N N   . SER A 1 132 ? 7.248   -2.213  9.342   1.00 28.16  ? 382 SER A N   1 
ATOM   960  C CA  . SER A 1 132 ? 7.703   -3.400  10.057  1.00 30.44  ? 382 SER A CA  1 
ATOM   961  C C   . SER A 1 132 ? 6.587   -4.426  10.201  1.00 32.50  ? 382 SER A C   1 
ATOM   962  O O   . SER A 1 132 ? 6.849   -5.634  10.191  1.00 24.58  ? 382 SER A O   1 
ATOM   963  C CB  . SER A 1 132 ? 8.252   -3.010  11.429  1.00 34.30  ? 382 SER A CB  1 
ATOM   964  O OG  . SER A 1 132 ? 7.365   -2.136  12.102  1.00 48.15  ? 382 SER A OG  1 
ATOM   965  N N   . ASN A 1 133 ? 5.340   -3.972  10.340  1.00 27.01  ? 383 ASN A N   1 
ATOM   966  C CA  . ASN A 1 133 ? 4.213   -4.897  10.298  1.00 27.49  ? 383 ASN A CA  1 
ATOM   967  C C   . ASN A 1 133 ? 4.139   -5.590  8.944   1.00 35.33  ? 383 ASN A C   1 
ATOM   968  O O   . ASN A 1 133 ? 4.016   -6.817  8.865   1.00 29.77  ? 383 ASN A O   1 
ATOM   969  C CB  . ASN A 1 133 ? 2.911   -4.155  10.594  1.00 28.48  ? 383 ASN A CB  1 
ATOM   970  C CG  . ASN A 1 133 ? 1.699   -5.067  10.553  1.00 25.60  ? 383 ASN A CG  1 
ATOM   971  O OD1 . ASN A 1 133 ? 1.716   -6.168  11.103  1.00 33.93  ? 383 ASN A OD1 1 
ATOM   972  N ND2 . ASN A 1 133 ? 0.643   -4.618  9.888   1.00 23.94  ? 383 ASN A ND2 1 
ATOM   973  N N   . LEU A 1 134 ? 4.210   -4.809  7.862   1.00 40.67  ? 384 LEU A N   1 
ATOM   974  C CA  . LEU A 1 134 ? 4.210   -5.389  6.524   1.00 29.18  ? 384 LEU A CA  1 
ATOM   975  C C   . LEU A 1 134 ? 5.345   -6.389  6.361   1.00 27.19  ? 384 LEU A C   1 
ATOM   976  O O   . LEU A 1 134 ? 5.154   -7.470  5.791   1.00 30.01  ? 384 LEU A O   1 
ATOM   977  C CB  . LEU A 1 134 ? 4.319   -4.277  5.478   1.00 34.63  ? 384 LEU A CB  1 
ATOM   978  C CG  . LEU A 1 134 ? 4.526   -4.710  4.024   1.00 22.60  ? 384 LEU A CG  1 
ATOM   979  C CD1 . LEU A 1 134 ? 3.341   -5.514  3.530   1.00 21.59  ? 384 LEU A CD1 1 
ATOM   980  C CD2 . LEU A 1 134 ? 4.761   -3.498  3.139   1.00 35.40  ? 384 LEU A CD2 1 
ATOM   981  N N   . ALA A 1 135 ? 6.537   -6.048  6.854   1.00 30.06  ? 385 ALA A N   1 
ATOM   982  C CA  . ALA A 1 135 ? 7.674   -6.951  6.720   1.00 33.70  ? 385 ALA A CA  1 
ATOM   983  C C   . ALA A 1 135 ? 7.470   -8.222  7.531   1.00 25.01  ? 385 ALA A C   1 
ATOM   984  O O   . ALA A 1 135 ? 7.920   -9.297  7.119   1.00 29.61  ? 385 ALA A O   1 
ATOM   985  C CB  . ALA A 1 135 ? 8.959   -6.247  7.153   1.00 25.48  ? 385 ALA A CB  1 
ATOM   986  N N   . LEU A 1 136 ? 6.799   -8.125  8.678   1.00 39.84  ? 386 LEU A N   1 
ATOM   987  C CA  . LEU A 1 136 ? 6.562   -9.308  9.497   1.00 34.57  ? 386 LEU A CA  1 
ATOM   988  C C   . LEU A 1 136 ? 5.587   -10.258 8.810   1.00 32.14  ? 386 LEU A C   1 
ATOM   989  O O   . LEU A 1 136 ? 5.848   -11.462 8.709   1.00 36.57  ? 386 LEU A O   1 
ATOM   990  C CB  . LEU A 1 136 ? 6.038   -8.895  10.873  1.00 35.39  ? 386 LEU A CB  1 
ATOM   991  C CG  . LEU A 1 136 ? 5.678   -10.039 11.823  1.00 49.96  ? 386 LEU A CG  1 
ATOM   992  C CD1 . LEU A 1 136 ? 6.885   -10.944 12.078  1.00 50.32  ? 386 LEU A CD1 1 
ATOM   993  C CD2 . LEU A 1 136 ? 5.128   -9.488  13.131  1.00 32.24  ? 386 LEU A CD2 1 
ATOM   994  N N   . LEU A 1 137 ? 4.453   -9.733  8.337   1.00 27.69  ? 387 LEU A N   1 
ATOM   995  C CA  . LEU A 1 137 ? 3.515   -10.557 7.584   1.00 28.27  ? 387 LEU A CA  1 
ATOM   996  C C   . LEU A 1 137 ? 4.191   -11.187 6.375   1.00 34.58  ? 387 LEU A C   1 
ATOM   997  O O   . LEU A 1 137 ? 3.972   -12.366 6.072   1.00 38.62  ? 387 LEU A O   1 
ATOM   998  C CB  . LEU A 1 137 ? 2.318   -9.718  7.142   1.00 23.97  ? 387 LEU A CB  1 
ATOM   999  C CG  . LEU A 1 137 ? 1.491   -9.073  8.253   1.00 32.10  ? 387 LEU A CG  1 
ATOM   1000 C CD1 . LEU A 1 137 ? 0.467   -8.122  7.655   1.00 25.19  ? 387 LEU A CD1 1 
ATOM   1001 C CD2 . LEU A 1 137 ? 0.808   -10.134 9.098   1.00 32.23  ? 387 LEU A CD2 1 
ATOM   1002 N N   . MET A 1 138 ? 5.021   -10.415 5.671   1.00 28.21  ? 388 MET A N   1 
ATOM   1003 C CA  . MET A 1 138 ? 5.724   -10.949 4.512   1.00 28.41  ? 388 MET A CA  1 
ATOM   1004 C C   . MET A 1 138 ? 6.601   -12.131 4.902   1.00 28.83  ? 388 MET A C   1 
ATOM   1005 O O   . MET A 1 138 ? 6.622   -13.153 4.209   1.00 39.14  ? 388 MET A O   1 
ATOM   1006 C CB  . MET A 1 138 ? 6.560   -9.849  3.864   1.00 30.68  ? 388 MET A CB  1 
ATOM   1007 C CG  . MET A 1 138 ? 7.214   -10.255 2.561   1.00 31.34  ? 388 MET A CG  1 
ATOM   1008 S SD  . MET A 1 138 ? 8.293   -8.965  1.922   1.00 35.20  ? 388 MET A SD  1 
ATOM   1009 C CE  . MET A 1 138 ? 7.123   -7.638  1.624   1.00 26.25  ? 388 MET A CE  1 
ATOM   1010 N N   . GLU A 1 139 ? 7.329   -12.011 6.014   1.00 33.37  ? 389 GLU A N   1 
ATOM   1011 C CA  . GLU A 1 139 ? 8.177   -13.106 6.468   1.00 48.35  ? 389 GLU A CA  1 
ATOM   1012 C C   . GLU A 1 139 ? 7.362   -14.294 6.959   1.00 48.15  ? 389 GLU A C   1 
ATOM   1013 O O   . GLU A 1 139 ? 7.899   -15.403 7.055   1.00 44.23  ? 389 GLU A O   1 
ATOM   1014 C CB  . GLU A 1 139 ? 9.110   -12.615 7.574   1.00 45.88  ? 389 GLU A CB  1 
ATOM   1015 C CG  . GLU A 1 139 ? 10.216  -13.593 7.919   1.00 55.78  ? 389 GLU A CG  1 
ATOM   1016 C CD  . GLU A 1 139 ? 10.021  -14.232 9.278   1.00 75.66  ? 389 GLU A CD  1 
ATOM   1017 O OE1 . GLU A 1 139 ? 9.869   -13.485 10.267  1.00 85.88  ? 389 GLU A OE1 1 
ATOM   1018 O OE2 . GLU A 1 139 ? 10.009  -15.478 9.353   1.00 69.38  ? 389 GLU A OE2 1 
ATOM   1019 N N   . LYS A 1 140 ? 6.081   -14.090 7.256   1.00 37.52  ? 390 LYS A N   1 
ATOM   1020 C CA  . LYS A 1 140 ? 5.193   -15.156 7.695   1.00 31.38  ? 390 LYS A CA  1 
ATOM   1021 C C   . LYS A 1 140 ? 4.430   -15.801 6.546   1.00 32.35  ? 390 LYS A C   1 
ATOM   1022 O O   . LYS A 1 140 ? 3.579   -16.661 6.791   1.00 45.70  ? 390 LYS A O   1 
ATOM   1023 C CB  . LYS A 1 140 ? 4.206   -14.611 8.737   1.00 33.42  ? 390 LYS A CB  1 
ATOM   1024 C CG  . LYS A 1 140 ? 4.763   -14.602 10.152  1.00 55.36  ? 390 LYS A CG  1 
ATOM   1025 C CD  . LYS A 1 140 ? 3.898   -13.808 11.117  1.00 68.10  ? 390 LYS A CD  1 
ATOM   1026 C CE  . LYS A 1 140 ? 4.495   -13.824 12.517  1.00 83.26  ? 390 LYS A CE  1 
ATOM   1027 N NZ  . LYS A 1 140 ? 3.656   -13.093 13.510  1.00 76.90  ? 390 LYS A NZ  1 
ATOM   1028 N N   . GLY A 1 141 ? 4.712   -15.415 5.303   1.00 36.92  ? 391 GLY A N   1 
ATOM   1029 C CA  . GLY A 1 141 ? 4.040   -16.010 4.167   1.00 27.08  ? 391 GLY A CA  1 
ATOM   1030 C C   . GLY A 1 141 ? 2.637   -15.498 3.938   1.00 27.96  ? 391 GLY A C   1 
ATOM   1031 O O   . GLY A 1 141 ? 1.821   -16.200 3.334   1.00 31.51  ? 391 GLY A O   1 
ATOM   1032 N N   . GLN A 1 142 ? 2.332   -14.284 4.401   1.00 28.70  ? 392 GLN A N   1 
ATOM   1033 C CA  . GLN A 1 142 ? 0.983   -13.743 4.337   1.00 27.30  ? 392 GLN A CA  1 
ATOM   1034 C C   . GLN A 1 142 ? 0.798   -12.687 3.258   1.00 27.67  ? 392 GLN A C   1 
ATOM   1035 O O   . GLN A 1 142 ? -0.346  -12.322 2.967   1.00 23.15  ? 392 GLN A O   1 
ATOM   1036 C CB  . GLN A 1 142 ? 0.596   -13.129 5.691   1.00 39.51  ? 392 GLN A CB  1 
ATOM   1037 C CG  . GLN A 1 142 ? 0.803   -14.047 6.892   1.00 57.70  ? 392 GLN A CG  1 
ATOM   1038 C CD  . GLN A 1 142 ? -0.427  -14.864 7.224   1.00 56.15  ? 392 GLN A CD  1 
ATOM   1039 O OE1 . GLN A 1 142 ? -1.042  -14.678 8.273   1.00 61.11  ? 392 GLN A OE1 1 
ATOM   1040 N NE2 . GLN A 1 142 ? -0.788  -15.782 6.334   1.00 48.68  ? 392 GLN A NE2 1 
ATOM   1041 N N   . VAL A 1 143 ? 1.878   -12.183 2.670   1.00 21.42  ? 393 VAL A N   1 
ATOM   1042 C CA  . VAL A 1 143 ? 1.808   -11.118 1.678   1.00 27.01  ? 393 VAL A CA  1 
ATOM   1043 C C   . VAL A 1 143 ? 1.923   -11.738 0.294   1.00 24.17  ? 393 VAL A C   1 
ATOM   1044 O O   . VAL A 1 143 ? 2.812   -12.562 0.044   1.00 21.42  ? 393 VAL A O   1 
ATOM   1045 C CB  . VAL A 1 143 ? 2.911   -10.073 1.913   1.00 23.51  ? 393 VAL A CB  1 
ATOM   1046 C CG1 . VAL A 1 143 ? 2.828   -8.969  0.881   1.00 21.02  ? 393 VAL A CG1 1 
ATOM   1047 C CG2 . VAL A 1 143 ? 2.797   -9.493  3.312   1.00 23.79  ? 393 VAL A CG2 1 
ATOM   1048 N N   . ALA A 1 144 ? 1.023   -11.343 -0.606  1.00 20.14  ? 394 ALA A N   1 
ATOM   1049 C CA  . ALA A 1 144 ? 1.007   -11.848 -1.974  1.00 23.25  ? 394 ALA A CA  1 
ATOM   1050 C C   . ALA A 1 144 ? 0.647   -10.696 -2.896  1.00 17.17  ? 394 ALA A C   1 
ATOM   1051 O O   . ALA A 1 144 ? -0.389  -10.049 -2.706  1.00 21.02  ? 394 ALA A O   1 
ATOM   1052 C CB  . ALA A 1 144 ? 0.012   -13.002 -2.129  1.00 26.22  ? 394 ALA A CB  1 
ATOM   1053 N N   . VAL A 1 145 ? 1.496   -10.438 -3.887  1.00 17.53  ? 395 VAL A N   1 
ATOM   1054 C CA  . VAL A 1 145 ? 1.350   -9.258  -4.737  1.00 17.82  ? 395 VAL A CA  1 
ATOM   1055 C C   . VAL A 1 145 ? 1.442   -9.689  -6.194  1.00 10.93  ? 395 VAL A C   1 
ATOM   1056 O O   . VAL A 1 145 ? 1.929   -10.786 -6.506  1.00 13.92  ? 395 VAL A O   1 
ATOM   1057 C CB  . VAL A 1 145 ? 2.422   -8.190  -4.416  1.00 20.58  ? 395 VAL A CB  1 
ATOM   1058 C CG1 . VAL A 1 145 ? 2.330   -7.769  -2.961  1.00 18.44  ? 395 VAL A CG1 1 
ATOM   1059 C CG2 . VAL A 1 145 ? 3.817   -8.722  -4.725  1.00 21.86  ? 395 VAL A CG2 1 
ATOM   1060 N N   . PRO A 1 146 ? 0.983   -8.842  -7.116  1.00 14.53  ? 396 PRO A N   1 
ATOM   1061 C CA  . PRO A 1 146 ? 1.189   -9.136  -8.538  1.00 19.15  ? 396 PRO A CA  1 
ATOM   1062 C C   . PRO A 1 146 ? 2.664   -9.337  -8.846  1.00 18.45  ? 396 PRO A C   1 
ATOM   1063 O O   . PRO A 1 146 ? 3.534   -8.683  -8.265  1.00 20.21  ? 396 PRO A O   1 
ATOM   1064 C CB  . PRO A 1 146 ? 0.633   -7.894  -9.241  1.00 15.78  ? 396 PRO A CB  1 
ATOM   1065 C CG  . PRO A 1 146 ? -0.347  -7.325  -8.286  1.00 15.92  ? 396 PRO A CG  1 
ATOM   1066 C CD  . PRO A 1 146 ? 0.197   -7.613  -6.916  1.00 15.74  ? 396 PRO A CD  1 
ATOM   1067 N N   . ASN A 1 147 ? 2.944   -10.249 -9.778  1.00 23.06  ? 397 ASN A N   1 
ATOM   1068 C CA  . ASN A 1 147 ? 4.321   -10.587 -10.144 1.00 25.20  ? 397 ASN A CA  1 
ATOM   1069 C C   . ASN A 1 147 ? 4.888   -9.515  -11.081 1.00 16.84  ? 397 ASN A C   1 
ATOM   1070 O O   . ASN A 1 147 ? 5.180   -9.754  -12.255 1.00 28.52  ? 397 ASN A O   1 
ATOM   1071 C CB  . ASN A 1 147 ? 4.372   -11.968 -10.786 1.00 25.57  ? 397 ASN A CB  1 
ATOM   1072 C CG  . ASN A 1 147 ? 5.785   -12.514 -10.880 1.00 26.87  ? 397 ASN A CG  1 
ATOM   1073 O OD1 . ASN A 1 147 ? 6.758   -11.794 -10.648 1.00 26.30  ? 397 ASN A OD1 1 
ATOM   1074 N ND2 . ASN A 1 147 ? 5.907   -13.791 -11.226 1.00 39.84  ? 397 ASN A ND2 1 
ATOM   1075 N N   . ASP A 1 148 ? 5.039   -8.309  -10.537 1.00 17.43  ? 398 ASP A N   1 
ATOM   1076 C CA  . ASP A 1 148 ? 5.581   -7.168  -11.266 1.00 24.72  ? 398 ASP A CA  1 
ATOM   1077 C C   . ASP A 1 148 ? 6.953   -6.831  -10.698 1.00 32.44  ? 398 ASP A C   1 
ATOM   1078 O O   . ASP A 1 148 ? 7.125   -6.758  -9.476  1.00 30.02  ? 398 ASP A O   1 
ATOM   1079 C CB  . ASP A 1 148 ? 4.642   -5.962  -11.167 1.00 25.59  ? 398 ASP A CB  1 
ATOM   1080 C CG  . ASP A 1 148 ? 5.154   -4.751  -11.929 1.00 35.44  ? 398 ASP A CG  1 
ATOM   1081 O OD1 . ASP A 1 148 ? 5.114   -4.764  -13.178 1.00 47.49  ? 398 ASP A OD1 1 
ATOM   1082 O OD2 . ASP A 1 148 ? 5.571   -3.775  -11.275 1.00 43.88  1 398 ASP A OD2 1 
ATOM   1083 N N   . LYS A 1 149 ? 7.933   -6.635  -11.583 1.00 26.45  ? 399 LYS A N   1 
ATOM   1084 C CA  . LYS A 1 149 ? 9.297   -6.404  -11.121 1.00 34.61  ? 399 LYS A CA  1 
ATOM   1085 C C   . LYS A 1 149 ? 9.438   -5.055  -10.427 1.00 22.51  ? 399 LYS A C   1 
ATOM   1086 O O   . LYS A 1 149 ? 10.259  -4.916  -9.514  1.00 25.87  ? 399 LYS A O   1 
ATOM   1087 C CB  . LYS A 1 149 ? 10.273  -6.515  -12.293 1.00 40.19  ? 399 LYS A CB  1 
ATOM   1088 C CG  . LYS A 1 149 ? 11.740  -6.426  -11.899 1.00 43.54  ? 399 LYS A CG  1 
ATOM   1089 C CD  . LYS A 1 149 ? 12.643  -6.709  -13.088 1.00 52.74  ? 399 LYS A CD  1 
ATOM   1090 C CE  . LYS A 1 149 ? 14.062  -6.212  -12.848 1.00 64.56  ? 399 LYS A CE  1 
ATOM   1091 N NZ  . LYS A 1 149 ? 14.680  -6.807  -11.630 1.00 82.62  1 399 LYS A NZ  1 
ATOM   1092 N N   . THR A 1 150 ? 8.653   -4.056  -10.836 1.00 18.62  ? 400 THR A N   1 
ATOM   1093 C CA  . THR A 1 150 ? 8.699   -2.764  -10.159 1.00 20.54  ? 400 THR A CA  1 
ATOM   1094 C C   . THR A 1 150 ? 8.377   -2.913  -8.679  1.00 27.85  ? 400 THR A C   1 
ATOM   1095 O O   . THR A 1 150 ? 9.025   -2.293  -7.827  1.00 31.29  ? 400 THR A O   1 
ATOM   1096 C CB  . THR A 1 150 ? 7.725   -1.791  -10.819 1.00 21.19  ? 400 THR A CB  1 
ATOM   1097 O OG1 . THR A 1 150 ? 7.922   -1.807  -12.238 1.00 23.37  ? 400 THR A OG1 1 
ATOM   1098 C CG2 . THR A 1 150 ? 7.945   -0.381  -10.297 1.00 26.96  ? 400 THR A CG2 1 
ATOM   1099 N N   . ILE A 1 151 ? 7.370   -3.726  -8.353  1.00 33.48  ? 401 ILE A N   1 
ATOM   1100 C CA  . ILE A 1 151 ? 7.049   -3.996  -6.956  1.00 29.86  ? 401 ILE A CA  1 
ATOM   1101 C C   . ILE A 1 151 ? 8.241   -4.636  -6.263  1.00 15.44  ? 401 ILE A C   1 
ATOM   1102 O O   . ILE A 1 151 ? 8.674   -4.194  -5.192  1.00 22.82  ? 401 ILE A O   1 
ATOM   1103 C CB  . ILE A 1 151 ? 5.798   -4.888  -6.858  1.00 27.21  ? 401 ILE A CB  1 
ATOM   1104 C CG1 . ILE A 1 151 ? 4.579   -4.178  -7.455  1.00 19.48  ? 401 ILE A CG1 1 
ATOM   1105 C CG2 . ILE A 1 151 ? 5.529   -5.266  -5.412  1.00 15.36  ? 401 ILE A CG2 1 
ATOM   1106 C CD1 . ILE A 1 151 ? 3.369   -5.076  -7.611  1.00 22.89  ? 401 ILE A CD1 1 
ATOM   1107 N N   . LEU A 1 152 ? 8.789   -5.694  -6.863  1.00 22.98  ? 402 LEU A N   1 
ATOM   1108 C CA  . LEU A 1 152 ? 9.902   -6.405  -6.247  1.00 20.70  ? 402 LEU A CA  1 
ATOM   1109 C C   . LEU A 1 152 ? 11.096  -5.486  -6.029  1.00 23.02  ? 402 LEU A C   1 
ATOM   1110 O O   . LEU A 1 152 ? 11.734  -5.526  -4.971  1.00 34.22  ? 402 LEU A O   1 
ATOM   1111 C CB  . LEU A 1 152 ? 10.291  -7.604  -7.111  1.00 33.04  ? 402 LEU A CB  1 
ATOM   1112 C CG  . LEU A 1 152 ? 9.550   -8.914  -6.827  1.00 34.45  ? 402 LEU A CG  1 
ATOM   1113 C CD1 . LEU A 1 152 ? 10.070  -9.540  -5.545  1.00 47.51  ? 402 LEU A CD1 1 
ATOM   1114 C CD2 . LEU A 1 152 ? 8.045   -8.696  -6.745  1.00 36.78  ? 402 LEU A CD2 1 
ATOM   1115 N N   . ASP A 1 153 ? 11.409  -4.638  -7.012  1.00 23.37  ? 403 ASP A N   1 
ATOM   1116 C CA  . ASP A 1 153 ? 12.589  -3.787  -6.901  1.00 23.44  ? 403 ASP A CA  1 
ATOM   1117 C C   . ASP A 1 153 ? 12.478  -2.830  -5.720  1.00 24.43  ? 403 ASP A C   1 
ATOM   1118 O O   . ASP A 1 153 ? 13.439  -2.659  -4.960  1.00 26.17  ? 403 ASP A O   1 
ATOM   1119 C CB  . ASP A 1 153 ? 12.805  -3.012  -8.201  1.00 22.65  ? 403 ASP A CB  1 
ATOM   1120 C CG  . ASP A 1 153 ? 13.298  -3.897  -9.337  1.00 32.12  ? 403 ASP A CG  1 
ATOM   1121 O OD1 . ASP A 1 153 ? 13.844  -4.987  -9.060  1.00 23.05  ? 403 ASP A OD1 1 
ATOM   1122 O OD2 . ASP A 1 153 ? 13.147  -3.496  -10.511 1.00 48.99  1 403 ASP A OD2 1 
ATOM   1123 N N   . GLU A 1 154 ? 11.317  -2.195  -5.543  1.00 22.66  ? 404 GLU A N   1 
ATOM   1124 C CA  . GLU A 1 154 ? 11.169  -1.251  -4.441  1.00 28.87  ? 404 GLU A CA  1 
ATOM   1125 C C   . GLU A 1 154 ? 11.348  -1.943  -3.097  1.00 25.29  ? 404 GLU A C   1 
ATOM   1126 O O   . GLU A 1 154 ? 12.012  -1.411  -2.200  1.00 34.60  ? 404 GLU A O   1 
ATOM   1127 C CB  . GLU A 1 154 ? 9.808   -0.562  -4.506  1.00 21.36  ? 404 GLU A CB  1 
ATOM   1128 C CG  . GLU A 1 154 ? 9.738   0.580   -5.508  1.00 27.93  ? 404 GLU A CG  1 
ATOM   1129 C CD  . GLU A 1 154 ? 8.656   1.588   -5.168  1.00 38.83  ? 404 GLU A CD  1 
ATOM   1130 O OE1 . GLU A 1 154 ? 8.189   1.598   -4.007  1.00 24.29  ? 404 GLU A OE1 1 
ATOM   1131 O OE2 . GLU A 1 154 ? 8.270   2.373   -6.061  1.00 31.44  1 404 GLU A OE2 1 
ATOM   1132 N N   . LEU A 1 155 ? 10.765  -3.132  -2.936  1.00 22.08  ? 405 LEU A N   1 
ATOM   1133 C CA  . LEU A 1 155 ? 10.918  -3.867  -1.685  1.00 27.26  ? 405 LEU A CA  1 
ATOM   1134 C C   . LEU A 1 155 ? 12.384  -4.183  -1.416  1.00 27.18  ? 405 LEU A C   1 
ATOM   1135 O O   . LEU A 1 155 ? 12.880  -3.979  -0.302  1.00 29.19  ? 405 LEU A O   1 
ATOM   1136 C CB  . LEU A 1 155 ? 10.083  -5.146  -1.732  1.00 22.31  ? 405 LEU A CB  1 
ATOM   1137 C CG  . LEU A 1 155 ? 8.574   -4.931  -1.870  1.00 28.82  ? 405 LEU A CG  1 
ATOM   1138 C CD1 . LEU A 1 155 ? 7.867   -6.244  -2.146  1.00 24.23  ? 405 LEU A CD1 1 
ATOM   1139 C CD2 . LEU A 1 155 ? 8.006   -4.276  -0.623  1.00 18.89  ? 405 LEU A CD2 1 
ATOM   1140 N N   . ARG A 1 156 ? 13.095  -4.685  -2.430  1.00 28.82  ? 406 ARG A N   1 
ATOM   1141 C CA  . ARG A 1 156 ? 14.516  -4.975  -2.267  1.00 19.88  ? 406 ARG A CA  1 
ATOM   1142 C C   . ARG A 1 156 ? 15.306  -3.712  -1.950  1.00 24.54  ? 406 ARG A C   1 
ATOM   1143 O O   . ARG A 1 156 ? 16.219  -3.733  -1.118  1.00 40.39  ? 406 ARG A O   1 
ATOM   1144 C CB  . ARG A 1 156 ? 15.068  -5.633  -3.532  1.00 33.01  ? 406 ARG A CB  1 
ATOM   1145 C CG  . ARG A 1 156 ? 14.734  -7.105  -3.683  1.00 48.13  ? 406 ARG A CG  1 
ATOM   1146 C CD  . ARG A 1 156 ? 15.482  -7.725  -4.858  1.00 38.88  ? 406 ARG A CD  1 
ATOM   1147 N NE  . ARG A 1 156 ? 14.842  -8.952  -5.330  1.00 42.86  ? 406 ARG A NE  1 
ATOM   1148 C CZ  . ARG A 1 156 ? 14.152  -9.066  -6.464  1.00 67.14  ? 406 ARG A CZ  1 
ATOM   1149 N NH1 . ARG A 1 156 ? 14.005  -8.030  -7.283  1.00 54.62  1 406 ARG A NH1 1 
ATOM   1150 N NH2 . ARG A 1 156 ? 13.610  -10.230 -6.790  1.00 59.80  ? 406 ARG A NH2 1 
ATOM   1151 N N   . ASN A 1 157 ? 14.967  -2.604  -2.603  1.00 24.35  ? 407 ASN A N   1 
ATOM   1152 C CA  . ASN A 1 157 ? 15.747  -1.378  -2.491  1.00 28.03  ? 407 ASN A CA  1 
ATOM   1153 C C   . ASN A 1 157 ? 15.482  -0.611  -1.201  1.00 25.72  ? 407 ASN A C   1 
ATOM   1154 O O   . ASN A 1 157 ? 16.217  0.336   -0.902  1.00 25.81  ? 407 ASN A O   1 
ATOM   1155 C CB  . ASN A 1 157 ? 15.455  -0.487  -3.702  1.00 26.33  ? 407 ASN A CB  1 
ATOM   1156 C CG  . ASN A 1 157 ? 16.367  0.714   -3.775  1.00 37.31  ? 407 ASN A CG  1 
ATOM   1157 O OD1 . ASN A 1 157 ? 17.566  0.586   -4.026  1.00 43.29  ? 407 ASN A OD1 1 
ATOM   1158 N ND2 . ASN A 1 157 ? 15.801  1.897   -3.572  1.00 29.29  ? 407 ASN A ND2 1 
ATOM   1159 N N   . PHE A 1 158 ? 14.470  -0.996  -0.430  1.00 26.54  ? 408 PHE A N   1 
ATOM   1160 C CA  . PHE A 1 158 ? 14.131  -0.314  0.811   1.00 22.51  ? 408 PHE A CA  1 
ATOM   1161 C C   . PHE A 1 158 ? 14.998  -0.881  1.930   1.00 30.95  ? 408 PHE A C   1 
ATOM   1162 O O   . PHE A 1 158 ? 14.892  -2.067  2.258   1.00 26.07  ? 408 PHE A O   1 
ATOM   1163 C CB  . PHE A 1 158 ? 12.645  -0.493  1.111   1.00 23.45  ? 408 PHE A CB  1 
ATOM   1164 C CG  . PHE A 1 158 ? 12.081  0.546   2.023   1.00 23.32  ? 408 PHE A CG  1 
ATOM   1165 C CD1 . PHE A 1 158 ? 11.882  1.844   1.582   1.00 24.33  ? 408 PHE A CD1 1 
ATOM   1166 C CD2 . PHE A 1 158 ? 11.731  0.222   3.317   1.00 32.53  ? 408 PHE A CD2 1 
ATOM   1167 C CE1 . PHE A 1 158 ? 11.355  2.802   2.424   1.00 25.33  ? 408 PHE A CE1 1 
ATOM   1168 C CE2 . PHE A 1 158 ? 11.205  1.170   4.159   1.00 30.15  ? 408 PHE A CE2 1 
ATOM   1169 C CZ  . PHE A 1 158 ? 11.015  2.464   3.717   1.00 20.79  ? 408 PHE A CZ  1 
ATOM   1170 N N   . ARG A 1 159 ? 15.854  -0.040  2.513   1.00 27.11  ? 409 ARG A N   1 
ATOM   1171 C CA  . ARG A 1 159 ? 16.934  -0.522  3.364   1.00 24.82  ? 409 ARG A CA  1 
ATOM   1172 C C   . ARG A 1 159 ? 17.041  0.304   4.637   1.00 24.20  ? 409 ARG A C   1 
ATOM   1173 O O   . ARG A 1 159 ? 16.536  1.426   4.728   1.00 19.87  ? 409 ARG A O   1 
ATOM   1174 C CB  . ARG A 1 159 ? 18.276  -0.485  2.626   1.00 27.70  ? 409 ARG A CB  1 
ATOM   1175 C CG  . ARG A 1 159 ? 18.270  -1.270  1.339   1.00 42.30  ? 409 ARG A CG  1 
ATOM   1176 C CD  . ARG A 1 159 ? 19.591  -1.156  0.613   1.00 37.86  ? 409 ARG A CD  1 
ATOM   1177 N NE  . ARG A 1 159 ? 19.557  -1.861  -0.664  1.00 45.63  ? 409 ARG A NE  1 
ATOM   1178 C CZ  . ARG A 1 159 ? 19.590  -3.185  -0.787  1.00 48.52  ? 409 ARG A CZ  1 
ATOM   1179 N NH1 . ARG A 1 159 ? 19.655  -3.955  0.291   1.00 57.46  1 409 ARG A NH1 1 
ATOM   1180 N NH2 . ARG A 1 159 ? 19.553  -3.741  -1.990  1.00 48.20  ? 409 ARG A NH2 1 
ATOM   1181 N N   . TYR A 1 160 ? 17.720  -0.279  5.622   1.00 30.57  ? 410 TYR A N   1 
ATOM   1182 C CA  . TYR A 1 160 ? 18.106  0.429   6.833   1.00 23.86  ? 410 TYR A CA  1 
ATOM   1183 C C   . TYR A 1 160 ? 19.412  1.174   6.604   1.00 25.82  ? 410 TYR A C   1 
ATOM   1184 O O   . TYR A 1 160 ? 20.313  0.678   5.920   1.00 25.17  ? 410 TYR A O   1 
ATOM   1185 C CB  . TYR A 1 160 ? 18.278  -0.539  8.006   1.00 27.95  ? 410 TYR A CB  1 
ATOM   1186 C CG  . TYR A 1 160 ? 16.991  -1.042  8.612   1.00 25.13  ? 410 TYR A CG  1 
ATOM   1187 C CD1 . TYR A 1 160 ? 16.154  -0.189  9.317   1.00 27.92  ? 410 TYR A CD1 1 
ATOM   1188 C CD2 . TYR A 1 160 ? 16.625  -2.378  8.504   1.00 19.11  ? 410 TYR A CD2 1 
ATOM   1189 C CE1 . TYR A 1 160 ? 14.980  -0.646  9.883   1.00 31.79  ? 410 TYR A CE1 1 
ATOM   1190 C CE2 . TYR A 1 160 ? 15.452  -2.846  9.067   1.00 23.81  ? 410 TYR A CE2 1 
ATOM   1191 C CZ  . TYR A 1 160 ? 14.634  -1.975  9.755   1.00 34.55  ? 410 TYR A CZ  1 
ATOM   1192 O OH  . TYR A 1 160 ? 13.465  -2.431  10.320  1.00 27.64  ? 410 TYR A OH  1 
ATOM   1193 N N   . TYR A 1 161 ? 19.511  2.363   7.187   1.00 27.35  ? 411 TYR A N   1 
ATOM   1194 C CA  . TYR A 1 161 ? 20.730  3.153   7.151   1.00 25.89  ? 411 TYR A CA  1 
ATOM   1195 C C   . TYR A 1 161 ? 21.017  3.682   8.547   1.00 31.70  ? 411 TYR A C   1 
ATOM   1196 O O   . TYR A 1 161 ? 20.108  4.148   9.242   1.00 21.80  ? 411 TYR A O   1 
ATOM   1197 C CB  . TYR A 1 161 ? 20.617  4.312   6.151   1.00 26.07  ? 411 TYR A CB  1 
ATOM   1198 C CG  . TYR A 1 161 ? 20.494  3.848   4.719   1.00 19.07  ? 411 TYR A CG  1 
ATOM   1199 C CD1 . TYR A 1 161 ? 21.620  3.678   3.924   1.00 27.35  ? 411 TYR A CD1 1 
ATOM   1200 C CD2 . TYR A 1 161 ? 19.254  3.566   4.165   1.00 23.13  ? 411 TYR A CD2 1 
ATOM   1201 C CE1 . TYR A 1 161 ? 21.511  3.245   2.615   1.00 20.67  ? 411 TYR A CE1 1 
ATOM   1202 C CE2 . TYR A 1 161 ? 19.135  3.133   2.859   1.00 19.99  ? 411 TYR A CE2 1 
ATOM   1203 C CZ  . TYR A 1 161 ? 20.266  2.974   2.089   1.00 20.63  ? 411 TYR A CZ  1 
ATOM   1204 O OH  . TYR A 1 161 ? 20.151  2.542   0.787   1.00 29.65  ? 411 TYR A OH  1 
ATOM   1205 N N   . ARG A 1 162 ? 22.279  3.595   8.956   1.00 20.31  ? 412 ARG A N   1 
ATOM   1206 C CA  . ARG A 1 162 ? 22.674  4.094   10.264  1.00 29.60  ? 412 ARG A CA  1 
ATOM   1207 C C   . ARG A 1 162 ? 22.747  5.616   10.255  1.00 21.24  ? 412 ARG A C   1 
ATOM   1208 O O   . ARG A 1 162 ? 22.997  6.245   9.224   1.00 29.87  ? 412 ARG A O   1 
ATOM   1209 C CB  . ARG A 1 162 ? 24.030  3.517   10.673  1.00 32.00  ? 412 ARG A CB  1 
ATOM   1210 C CG  . ARG A 1 162 ? 24.015  2.025   10.954  1.00 40.28  ? 412 ARG A CG  1 
ATOM   1211 C CD  . ARG A 1 162 ? 23.370  1.712   12.294  1.00 51.69  ? 412 ARG A CD  1 
ATOM   1212 N NE  . ARG A 1 162 ? 23.241  0.274   12.510  1.00 65.37  ? 412 ARG A NE  1 
ATOM   1213 C CZ  . ARG A 1 162 ? 22.835  -0.284  13.647  1.00 67.28  ? 412 ARG A CZ  1 
ATOM   1214 N NH1 . ARG A 1 162 ? 22.517  0.472   14.691  1.00 53.75  1 412 ARG A NH1 1 
ATOM   1215 N NH2 . ARG A 1 162 ? 22.750  -1.604  13.743  1.00 55.09  ? 412 ARG A NH2 1 
ATOM   1216 N N   . THR A 1 163 ? 22.515  6.203   11.422  1.00 30.47  ? 413 THR A N   1 
ATOM   1217 C CA  . THR A 1 163 ? 22.725  7.625   11.640  1.00 30.82  ? 413 THR A CA  1 
ATOM   1218 C C   . THR A 1 163 ? 23.995  7.831   12.457  1.00 25.11  ? 413 THR A C   1 
ATOM   1219 O O   . THR A 1 163 ? 24.569  6.889   13.010  1.00 23.17  ? 413 THR A O   1 
ATOM   1220 C CB  . THR A 1 163 ? 21.523  8.255   12.351  1.00 34.01  ? 413 THR A CB  1 
ATOM   1221 O OG1 . THR A 1 163 ? 21.412  7.722   13.676  1.00 41.31  ? 413 THR A OG1 1 
ATOM   1222 C CG2 . THR A 1 163 ? 20.238  7.972   11.591  1.00 26.66  ? 413 THR A CG2 1 
ATOM   1223 N N   . ALA A 1 164 ? 24.440  9.087   12.526  1.00 30.49  ? 414 ALA A N   1 
ATOM   1224 C CA  . ALA A 1 164 ? 25.635  9.390   13.306  1.00 33.29  ? 414 ALA A CA  1 
ATOM   1225 C C   . ALA A 1 164 ? 25.429  9.089   14.783  1.00 30.44  ? 414 ALA A C   1 
ATOM   1226 O O   . ALA A 1 164 ? 26.388  8.758   15.489  1.00 34.71  ? 414 ALA A O   1 
ATOM   1227 C CB  . ALA A 1 164 ? 26.038  10.851  13.114  1.00 24.08  ? 414 ALA A CB  1 
ATOM   1228 N N   . SER A 1 165 ? 24.191  9.199   15.271  1.00 23.02  ? 415 SER A N   1 
ATOM   1229 C CA  . SER A 1 165 ? 23.907  8.827   16.653  1.00 29.84  ? 415 SER A CA  1 
ATOM   1230 C C   . SER A 1 165 ? 24.153  7.341   16.882  1.00 39.05  ? 415 SER A C   1 
ATOM   1231 O O   . SER A 1 165 ? 24.619  6.939   17.954  1.00 48.65  ? 415 SER A O   1 
ATOM   1232 C CB  . SER A 1 165 ? 22.466  9.184   17.000  1.00 27.96  ? 415 SER A CB  1 
ATOM   1233 O OG  . SER A 1 165 ? 21.564  8.490   16.154  1.00 62.22  ? 415 SER A OG  1 
ATOM   1234 N N   . GLY A 1 166 ? 23.841  6.514   15.887  1.00 35.00  ? 416 GLY A N   1 
ATOM   1235 C CA  . GLY A 1 166 ? 24.024  5.080   15.996  1.00 24.28  ? 416 GLY A CA  1 
ATOM   1236 C C   . GLY A 1 166 ? 22.763  4.306   15.674  1.00 26.89  ? 416 GLY A C   1 
ATOM   1237 O O   . GLY A 1 166 ? 22.822  3.113   15.365  1.00 27.05  ? 416 GLY A O   1 
ATOM   1238 N N   . ASN A 1 167 ? 21.615  4.975   15.734  1.00 27.87  ? 417 ASN A N   1 
ATOM   1239 C CA  . ASN A 1 167 ? 20.356  4.310   15.455  1.00 35.27  ? 417 ASN A CA  1 
ATOM   1240 C C   . ASN A 1 167 ? 20.090  4.278   13.950  1.00 42.70  ? 417 ASN A C   1 
ATOM   1241 O O   . ASN A 1 167 ? 20.753  4.947   13.154  1.00 35.27  ? 417 ASN A O   1 
ATOM   1242 C CB  . ASN A 1 167 ? 19.213  5.007   16.188  1.00 28.68  ? 417 ASN A CB  1 
ATOM   1243 C CG  . ASN A 1 167 ? 18.862  6.340   15.576  1.00 29.66  ? 417 ASN A CG  1 
ATOM   1244 O OD1 . ASN A 1 167 ? 19.513  7.351   15.839  1.00 49.60  ? 417 ASN A OD1 1 
ATOM   1245 N ND2 . ASN A 1 167 ? 17.823  6.351   14.750  1.00 43.37  ? 417 ASN A ND2 1 
ATOM   1246 N N   . GLN A 1 168 ? 19.087  3.493   13.567  1.00 39.44  ? 418 GLN A N   1 
ATOM   1247 C CA  . GLN A 1 168 ? 18.796  3.203   12.173  1.00 36.42  ? 418 GLN A CA  1 
ATOM   1248 C C   . GLN A 1 168 ? 17.537  3.928   11.716  1.00 33.15  ? 418 GLN A C   1 
ATOM   1249 O O   . GLN A 1 168 ? 16.620  4.178   12.502  1.00 39.44  ? 418 GLN A O   1 
ATOM   1250 C CB  . GLN A 1 168 ? 18.608  1.701   11.952  1.00 44.47  ? 418 GLN A CB  1 
ATOM   1251 C CG  . GLN A 1 168 ? 19.849  0.875   12.209  1.00 52.11  ? 418 GLN A CG  1 
ATOM   1252 C CD  . GLN A 1 168 ? 19.598  -0.609  12.043  1.00 62.83  ? 418 GLN A CD  1 
ATOM   1253 O OE1 . GLN A 1 168 ? 18.524  -1.112  12.372  1.00 66.10  ? 418 GLN A OE1 1 
ATOM   1254 N NE2 . GLN A 1 168 ? 20.590  -1.318  11.522  1.00 77.38  ? 418 GLN A NE2 1 
ATOM   1255 N N   . VAL A 1 169 ? 17.508  4.253   10.424  1.00 27.45  ? 419 VAL A N   1 
ATOM   1256 C CA  . VAL A 1 169 ? 16.329  4.801   9.773   1.00 29.68  ? 419 VAL A CA  1 
ATOM   1257 C C   . VAL A 1 169 ? 16.089  4.017   8.490   1.00 32.94  ? 419 VAL A C   1 
ATOM   1258 O O   . VAL A 1 169 ? 16.990  3.383   7.938   1.00 22.67  ? 419 VAL A O   1 
ATOM   1259 C CB  . VAL A 1 169 ? 16.465  6.308   9.464   1.00 23.63  ? 419 VAL A CB  1 
ATOM   1260 C CG1 . VAL A 1 169 ? 16.407  7.120   10.746  1.00 27.12  ? 419 VAL A CG1 1 
ATOM   1261 C CG2 . VAL A 1 169 ? 17.754  6.585   8.706   1.00 25.92  ? 419 VAL A CG2 1 
ATOM   1262 N N   . MET A 1 170 ? 14.846  4.068   8.024   1.00 27.16  ? 420 MET A N   1 
ATOM   1263 C CA  . MET A 1 170 ? 14.435  3.403   6.797   1.00 29.69  ? 420 MET A CA  1 
ATOM   1264 C C   . MET A 1 170 ? 14.409  4.417   5.664   1.00 29.54  ? 420 MET A C   1 
ATOM   1265 O O   . MET A 1 170 ? 13.858  5.512   5.817   1.00 24.41  ? 420 MET A O   1 
ATOM   1266 C CB  . MET A 1 170 ? 13.060  2.760   6.973   1.00 37.76  ? 420 MET A CB  1 
ATOM   1267 C CG  . MET A 1 170 ? 13.110  1.357   7.559   1.00 42.92  ? 420 MET A CG  1 
ATOM   1268 S SD  . MET A 1 170 ? 11.731  0.967   8.646   1.00 67.85  ? 420 MET A SD  1 
ATOM   1269 C CE  . MET A 1 170 ? 10.364  1.589   7.683   1.00 26.93  ? 420 MET A CE  1 
ATOM   1270 N N   . ARG A 1 171 ? 15.010  4.056   4.534   1.00 24.45  ? 421 ARG A N   1 
ATOM   1271 C CA  . ARG A 1 171 ? 15.108  4.977   3.414   1.00 21.89  ? 421 ARG A CA  1 
ATOM   1272 C C   . ARG A 1 171 ? 15.088  4.200   2.109   1.00 28.25  ? 421 ARG A C   1 
ATOM   1273 O O   . ARG A 1 171 ? 15.586  3.074   2.025   1.00 21.47  ? 421 ARG A O   1 
ATOM   1274 C CB  . ARG A 1 171 ? 16.385  5.827   3.484   1.00 30.96  ? 421 ARG A CB  1 
ATOM   1275 C CG  . ARG A 1 171 ? 16.370  6.911   4.544   1.00 24.83  ? 421 ARG A CG  1 
ATOM   1276 C CD  . ARG A 1 171 ? 15.292  7.945   4.266   1.00 14.63  ? 421 ARG A CD  1 
ATOM   1277 N NE  . ARG A 1 171 ? 15.351  9.060   5.205   1.00 23.66  ? 421 ARG A NE  1 
ATOM   1278 C CZ  . ARG A 1 171 ? 14.894  9.016   6.452   1.00 22.97  ? 421 ARG A CZ  1 
ATOM   1279 N NH1 . ARG A 1 171 ? 14.345  7.905   6.925   1.00 23.74  1 421 ARG A NH1 1 
ATOM   1280 N NH2 . ARG A 1 171 ? 14.992  10.082  7.231   1.00 23.51  ? 421 ARG A NH2 1 
ATOM   1281 N N   . ALA A 1 172 ? 14.495  4.820   1.095   1.00 29.36  ? 422 ALA A N   1 
ATOM   1282 C CA  . ALA A 1 172 ? 14.591  4.358   -0.282  1.00 26.53  ? 422 ALA A CA  1 
ATOM   1283 C C   . ALA A 1 172 ? 15.511  5.326   -1.010  1.00 24.91  ? 422 ALA A C   1 
ATOM   1284 O O   . ALA A 1 172 ? 15.140  6.479   -1.253  1.00 34.56  ? 422 ALA A O   1 
ATOM   1285 C CB  . ALA A 1 172 ? 13.219  4.288   -0.947  1.00 28.88  ? 422 ALA A CB  1 
ATOM   1286 N N   . TYR A 1 173 ? 16.723  4.873   -1.314  1.00 24.00  ? 423 TYR A N   1 
ATOM   1287 C CA  . TYR A 1 173 ? 17.633  5.598   -2.176  1.00 31.57  ? 423 TYR A CA  1 
ATOM   1288 C C   . TYR A 1 173 ? 17.680  4.878   -3.525  1.00 34.54  ? 423 TYR A C   1 
ATOM   1289 O O   . TYR A 1 173 ? 16.748  4.142   -3.878  1.00 41.94  ? 423 TYR A O   1 
ATOM   1290 C CB  . TYR A 1 173 ? 18.995  5.730   -1.485  1.00 33.86  ? 423 TYR A CB  1 
ATOM   1291 C CG  . TYR A 1 173 ? 18.963  6.666   -0.294  1.00 21.34  ? 423 TYR A CG  1 
ATOM   1292 C CD1 . TYR A 1 173 ? 18.577  7.992   -0.445  1.00 21.87  ? 423 TYR A CD1 1 
ATOM   1293 C CD2 . TYR A 1 173 ? 19.320  6.230   0.974   1.00 28.04  ? 423 TYR A CD2 1 
ATOM   1294 C CE1 . TYR A 1 173 ? 18.538  8.855   0.633   1.00 20.18  ? 423 TYR A CE1 1 
ATOM   1295 C CE2 . TYR A 1 173 ? 19.289  7.089   2.061   1.00 21.09  ? 423 TYR A CE2 1 
ATOM   1296 C CZ  . TYR A 1 173 ? 18.896  8.400   1.882   1.00 16.90  ? 423 TYR A CZ  1 
ATOM   1297 O OH  . TYR A 1 173 ? 18.860  9.260   2.955   1.00 27.41  ? 423 TYR A OH  1 
ATOM   1298 N N   . GLY A 1 174 ? 18.751  5.088   -4.281  1.00 28.79  ? 424 GLY A N   1 
ATOM   1299 C CA  . GLY A 1 174 ? 18.760  4.615   -5.650  1.00 36.11  ? 424 GLY A CA  1 
ATOM   1300 C C   . GLY A 1 174 ? 17.697  5.345   -6.443  1.00 40.56  ? 424 GLY A C   1 
ATOM   1301 O O   . GLY A 1 174 ? 17.779  6.567   -6.601  1.00 33.11  ? 424 GLY A O   1 
ATOM   1302 N N   . ARG A 1 175 ? 16.686  4.623   -6.935  1.00 32.70  ? 425 ARG A N   1 
ATOM   1303 C CA  . ARG A 1 175 ? 15.558  5.294   -7.575  1.00 32.33  ? 425 ARG A CA  1 
ATOM   1304 C C   . ARG A 1 175 ? 14.868  6.244   -6.610  1.00 31.83  ? 425 ARG A C   1 
ATOM   1305 O O   . ARG A 1 175 ? 14.358  7.293   -7.024  1.00 35.60  ? 425 ARG A O   1 
ATOM   1306 C CB  . ARG A 1 175 ? 14.551  4.274   -8.105  1.00 47.23  ? 425 ARG A CB  1 
ATOM   1307 C CG  . ARG A 1 175 ? 15.074  3.367   -9.196  1.00 48.50  ? 425 ARG A CG  1 
ATOM   1308 C CD  . ARG A 1 175 ? 13.924  2.641   -9.877  1.00 39.02  ? 425 ARG A CD  1 
ATOM   1309 N NE  . ARG A 1 175 ? 14.248  1.246   -10.157 1.00 52.80  ? 425 ARG A NE  1 
ATOM   1310 C CZ  . ARG A 1 175 ? 14.888  0.826   -11.245 1.00 55.62  ? 425 ARG A CZ  1 
ATOM   1311 N NH1 . ARG A 1 175 ? 15.283  1.690   -12.169 1.00 62.83  1 425 ARG A NH1 1 
ATOM   1312 N NH2 . ARG A 1 175 ? 15.136  -0.467  -11.405 1.00 68.98  ? 425 ARG A NH2 1 
ATOM   1313 N N   . GLY A 1 176 ? 14.827  5.893   -5.328  1.00 26.03  ? 426 GLY A N   1 
ATOM   1314 C CA  . GLY A 1 176 ? 14.246  6.766   -4.330  1.00 31.57  ? 426 GLY A CA  1 
ATOM   1315 C C   . GLY A 1 176 ? 12.738  6.753   -4.271  1.00 23.72  ? 426 GLY A C   1 
ATOM   1316 O O   . GLY A 1 176 ? 12.132  7.782   -3.956  1.00 27.42  ? 426 GLY A O   1 
ATOM   1317 N N   . HIS A 1 177 ? 12.111  5.618   -4.566  1.00 30.46  ? 427 HIS A N   1 
ATOM   1318 C CA  . HIS A 1 177 ? 10.661  5.488   -4.536  1.00 34.83  ? 427 HIS A CA  1 
ATOM   1319 C C   . HIS A 1 177 ? 10.256  4.552   -3.406  1.00 29.28  ? 427 HIS A C   1 
ATOM   1320 O O   . HIS A 1 177 ? 10.786  3.442   -3.291  1.00 24.24  ? 427 HIS A O   1 
ATOM   1321 C CB  . HIS A 1 177 ? 10.130  4.962   -5.872  1.00 34.75  ? 427 HIS A CB  1 
ATOM   1322 C CG  . HIS A 1 177 ? 10.427  5.854   -7.036  1.00 49.42  ? 427 HIS A CG  1 
ATOM   1323 N ND1 . HIS A 1 177 ? 10.143  7.204   -7.033  1.00 45.67  ? 427 HIS A ND1 1 
ATOM   1324 C CD2 . HIS A 1 177 ? 10.978  5.588   -8.245  1.00 37.16  ? 427 HIS A CD2 1 
ATOM   1325 C CE1 . HIS A 1 177 ? 10.512  7.731   -8.186  1.00 45.12  ? 427 HIS A CE1 1 
ATOM   1326 N NE2 . HIS A 1 177 ? 11.021  6.773   -8.939  1.00 49.32  ? 427 HIS A NE2 1 
ATOM   1327 N N   . ASP A 1 178 ? 9.321   5.012   -2.568  1.00 23.00  ? 428 ASP A N   1 
ATOM   1328 C CA  . ASP A 1 178 ? 8.740   4.188   -1.514  1.00 25.08  ? 428 ASP A CA  1 
ATOM   1329 C C   . ASP A 1 178 ? 7.216   4.200   -1.574  1.00 27.74  ? 428 ASP A C   1 
ATOM   1330 O O   . ASP A 1 178 ? 6.557   3.859   -0.587  1.00 29.18  ? 428 ASP A O   1 
ATOM   1331 C CB  . ASP A 1 178 ? 9.216   4.654   -0.134  1.00 26.67  ? 428 ASP A CB  1 
ATOM   1332 C CG  . ASP A 1 178 ? 8.576   5.962   0.301   1.00 29.43  ? 428 ASP A CG  1 
ATOM   1333 O OD1 . ASP A 1 178 ? 8.042   6.691   -0.562  1.00 36.89  ? 428 ASP A OD1 1 
ATOM   1334 O OD2 . ASP A 1 178 ? 8.613   6.264   1.513   1.00 40.25  1 428 ASP A OD2 1 
ATOM   1335 N N   . ASP A 1 179 ? 6.642   4.582   -2.718  1.00 24.71  ? 429 ASP A N   1 
ATOM   1336 C CA  . ASP A 1 179 ? 5.196   4.748   -2.805  1.00 26.83  ? 429 ASP A CA  1 
ATOM   1337 C C   . ASP A 1 179 ? 4.474   3.407   -2.846  1.00 30.53  ? 429 ASP A C   1 
ATOM   1338 O O   . ASP A 1 179 ? 3.362   3.292   -2.317  1.00 24.13  ? 429 ASP A O   1 
ATOM   1339 C CB  . ASP A 1 179 ? 4.847   5.589   -4.033  1.00 30.35  ? 429 ASP A CB  1 
ATOM   1340 C CG  . ASP A 1 179 ? 5.603   6.907   -4.067  1.00 50.63  ? 429 ASP A CG  1 
ATOM   1341 O OD1 . ASP A 1 179 ? 5.095   7.903   -3.508  1.00 43.37  ? 429 ASP A OD1 1 
ATOM   1342 O OD2 . ASP A 1 179 ? 6.710   6.943   -4.647  1.00 51.22  1 429 ASP A OD2 1 
ATOM   1343 N N   . ILE A 1 180 ? 5.075   2.389   -3.462  1.00 19.54  ? 430 ILE A N   1 
ATOM   1344 C CA  . ILE A 1 180 ? 4.490   1.053   -3.407  1.00 20.28  ? 430 ILE A CA  1 
ATOM   1345 C C   . ILE A 1 180 ? 4.590   0.495   -1.994  1.00 17.86  ? 430 ILE A C   1 
ATOM   1346 O O   . ILE A 1 180 ? 3.636   -0.096  -1.475  1.00 24.08  ? 430 ILE A O   1 
ATOM   1347 C CB  . ILE A 1 180 ? 5.172   0.122   -4.428  1.00 26.09  ? 430 ILE A CB  1 
ATOM   1348 C CG1 . ILE A 1 180 ? 5.046   0.688   -5.846  1.00 18.75  ? 430 ILE A CG1 1 
ATOM   1349 C CG2 . ILE A 1 180 ? 4.556   -1.269  -4.361  1.00 24.90  ? 430 ILE A CG2 1 
ATOM   1350 C CD1 . ILE A 1 180 ? 5.827   -0.093  -6.896  1.00 22.61  ? 430 ILE A CD1 1 
ATOM   1351 N N   . VAL A 1 181 ? 5.747   0.667   -1.354  1.00 23.37  ? 431 VAL A N   1 
ATOM   1352 C CA  . VAL A 1 181 ? 5.950   0.147   -0.004  1.00 15.62  ? 431 VAL A CA  1 
ATOM   1353 C C   . VAL A 1 181 ? 4.880   0.682   0.939   1.00 22.90  ? 431 VAL A C   1 
ATOM   1354 O O   . VAL A 1 181 ? 4.244   -0.076  1.680   1.00 23.40  ? 431 VAL A O   1 
ATOM   1355 C CB  . VAL A 1 181 ? 7.365   0.495   0.491   1.00 19.84  ? 431 VAL A CB  1 
ATOM   1356 C CG1 . VAL A 1 181 ? 7.529   0.134   1.953   1.00 25.96  ? 431 VAL A CG1 1 
ATOM   1357 C CG2 . VAL A 1 181 ? 8.411   -0.225  -0.353  1.00 19.63  ? 431 VAL A CG2 1 
ATOM   1358 N N   . MET A 1 182 ? 4.668   1.998   0.930   1.00 23.70  ? 432 MET A N   1 
ATOM   1359 C CA  . MET A 1 182 ? 3.690   2.591   1.835   1.00 21.54  ? 432 MET A CA  1 
ATOM   1360 C C   . MET A 1 182 ? 2.271   2.183   1.461   1.00 21.41  ? 432 MET A C   1 
ATOM   1361 O O   . MET A 1 182 ? 1.429   1.971   2.341   1.00 32.22  ? 432 MET A O   1 
ATOM   1362 C CB  . MET A 1 182 ? 3.830   4.112   1.831   1.00 29.96  ? 432 MET A CB  1 
ATOM   1363 C CG  . MET A 1 182 ? 4.991   4.631   2.665   1.00 24.83  ? 432 MET A CG  1 
ATOM   1364 S SD  . MET A 1 182 ? 4.897   4.166   4.409   1.00 39.01  ? 432 MET A SD  1 
ATOM   1365 C CE  . MET A 1 182 ? 3.281   4.798   4.853   1.00 37.36  ? 432 MET A CE  1 
ATOM   1366 N N   . SER A 1 183 ? 1.982   2.075   0.164   1.00 24.44  ? 433 SER A N   1 
ATOM   1367 C CA  . SER A 1 183 ? 0.659   1.627   -0.255  1.00 21.53  ? 433 SER A CA  1 
ATOM   1368 C C   . SER A 1 183 ? 0.348   0.247   0.308   1.00 25.33  ? 433 SER A C   1 
ATOM   1369 O O   . SER A 1 183 ? -0.766  -0.003  0.785   1.00 24.91  ? 433 SER A O   1 
ATOM   1370 C CB  . SER A 1 183 ? 0.564   1.614   -1.779  1.00 24.65  ? 433 SER A CB  1 
ATOM   1371 O OG  . SER A 1 183 ? -0.743  1.269   -2.203  1.00 27.83  ? 433 SER A OG  1 
ATOM   1372 N N   . LEU A 1 184 ? 1.325   -0.661  0.270   1.00 18.80  ? 434 LEU A N   1 
ATOM   1373 C CA  . LEU A 1 184 ? 1.110   -2.003  0.798   1.00 20.00  ? 434 LEU A CA  1 
ATOM   1374 C C   . LEU A 1 184 ? 1.017   -1.985  2.317   1.00 25.31  ? 434 LEU A C   1 
ATOM   1375 O O   . LEU A 1 184 ? 0.224   -2.731  2.905   1.00 27.25  ? 434 LEU A O   1 
ATOM   1376 C CB  . LEU A 1 184 ? 2.237   -2.930  0.340   1.00 22.87  ? 434 LEU A CB  1 
ATOM   1377 C CG  . LEU A 1 184 ? 2.386   -3.102  -1.173  1.00 18.95  ? 434 LEU A CG  1 
ATOM   1378 C CD1 . LEU A 1 184 ? 3.627   -3.916  -1.493  1.00 15.94  ? 434 LEU A CD1 1 
ATOM   1379 C CD2 . LEU A 1 184 ? 1.151   -3.759  -1.767  1.00 20.63  ? 434 LEU A CD2 1 
ATOM   1380 N N   . ALA A 1 185 ? 1.814   -1.138  2.971   1.00 28.47  ? 435 ALA A N   1 
ATOM   1381 C CA  . ALA A 1 185 ? 1.796   -1.082  4.428   1.00 14.44  ? 435 ALA A CA  1 
ATOM   1382 C C   . ALA A 1 185 ? 0.446   -0.601  4.942   1.00 19.11  ? 435 ALA A C   1 
ATOM   1383 O O   . ALA A 1 185 ? -0.101  -1.164  5.897   1.00 26.64  ? 435 ALA A O   1 
ATOM   1384 C CB  . ALA A 1 185 ? 2.915   -0.173  4.929   1.00 21.02  ? 435 ALA A CB  1 
ATOM   1385 N N   . LEU A 1 186 ? -0.110  0.441   4.321   1.00 18.46  ? 436 LEU A N   1 
ATOM   1386 C CA  . LEU A 1 186 ? -1.408  0.947   4.750   1.00 24.94  ? 436 LEU A CA  1 
ATOM   1387 C C   . LEU A 1 186 ? -2.497  -0.103  4.577   1.00 24.30  ? 436 LEU A C   1 
ATOM   1388 O O   . LEU A 1 186 ? -3.444  -0.154  5.371   1.00 34.58  ? 436 LEU A O   1 
ATOM   1389 C CB  . LEU A 1 186 ? -1.763  2.212   3.969   1.00 21.94  ? 436 LEU A CB  1 
ATOM   1390 C CG  . LEU A 1 186 ? -0.829  3.411   4.155   1.00 28.73  ? 436 LEU A CG  1 
ATOM   1391 C CD1 . LEU A 1 186 ? -1.149  4.497   3.138   1.00 25.96  ? 436 LEU A CD1 1 
ATOM   1392 C CD2 . LEU A 1 186 ? -0.927  3.960   5.569   1.00 35.93  ? 436 LEU A CD2 1 
ATOM   1393 N N   . ALA A 1 187 ? -2.380  -0.948  3.556   1.00 21.45  ? 437 ALA A N   1 
ATOM   1394 C CA  . ALA A 1 187 ? -3.406  -1.951  3.295   1.00 25.80  ? 437 ALA A CA  1 
ATOM   1395 C C   . ALA A 1 187 ? -3.299  -3.118  4.268   1.00 34.41  ? 437 ALA A C   1 
ATOM   1396 O O   . ALA A 1 187 ? -4.294  -3.510  4.889   1.00 30.05  ? 437 ALA A O   1 
ATOM   1397 C CB  . ALA A 1 187 ? -3.298  -2.444  1.852   1.00 23.73  ? 437 ALA A CB  1 
ATOM   1398 N N   . TYR A 1 188 ? -2.101  -3.688  4.414   1.00 18.72  ? 438 TYR A N   1 
ATOM   1399 C CA  . TYR A 1 188 ? -1.911  -4.817  5.314   1.00 26.87  ? 438 TYR A CA  1 
ATOM   1400 C C   . TYR A 1 188 ? -1.990  -4.422  6.783   1.00 38.19  ? 438 TYR A C   1 
ATOM   1401 O O   . TYR A 1 188 ? -1.938  -5.303  7.647   1.00 34.58  ? 438 TYR A O   1 
ATOM   1402 C CB  . TYR A 1 188 ? -0.573  -5.498  5.025   1.00 22.17  ? 438 TYR A CB  1 
ATOM   1403 C CG  . TYR A 1 188 ? -0.645  -6.471  3.871   1.00 22.45  ? 438 TYR A CG  1 
ATOM   1404 C CD1 . TYR A 1 188 ? -0.284  -6.085  2.587   1.00 29.12  ? 438 TYR A CD1 1 
ATOM   1405 C CD2 . TYR A 1 188 ? -1.088  -7.771  4.065   1.00 20.79  ? 438 TYR A CD2 1 
ATOM   1406 C CE1 . TYR A 1 188 ? -0.355  -6.972  1.530   1.00 20.63  ? 438 TYR A CE1 1 
ATOM   1407 C CE2 . TYR A 1 188 ? -1.164  -8.665  3.015   1.00 28.21  ? 438 TYR A CE2 1 
ATOM   1408 C CZ  . TYR A 1 188 ? -0.797  -8.260  1.749   1.00 22.87  ? 438 TYR A CZ  1 
ATOM   1409 O OH  . TYR A 1 188 ? -0.870  -9.148  0.699   1.00 25.90  ? 438 TYR A OH  1 
ATOM   1410 N N   . SER A 1 189 ? -2.108  -3.128  7.089   1.00 39.52  ? 439 SER A N   1 
ATOM   1411 C CA  . SER A 1 189 ? -2.392  -2.728  8.462   1.00 38.88  ? 439 SER A CA  1 
ATOM   1412 C C   . SER A 1 189 ? -3.782  -3.182  8.889   1.00 39.62  ? 439 SER A C   1 
ATOM   1413 O O   . SER A 1 189 ? -4.015  -3.440  10.075  1.00 46.20  ? 439 SER A O   1 
ATOM   1414 C CB  . SER A 1 189 ? -2.266  -1.211  8.608   1.00 32.48  ? 439 SER A CB  1 
ATOM   1415 O OG  . SER A 1 189 ? -3.367  -0.551  8.005   1.00 25.89  ? 439 SER A OG  1 
ATOM   1416 N N   . GLN A 1 190 ? -4.710  -3.289  7.942   1.00 30.89  ? 440 GLN A N   1 
ATOM   1417 C CA  . GLN A 1 190 ? -6.073  -3.718  8.220   1.00 38.84  ? 440 GLN A CA  1 
ATOM   1418 C C   . GLN A 1 190 ? -6.236  -5.233  8.233   1.00 32.18  ? 440 GLN A C   1 
ATOM   1419 O O   . GLN A 1 190 ? -7.360  -5.713  8.409   1.00 35.31  ? 440 GLN A O   1 
ATOM   1420 C CB  . GLN A 1 190 ? -7.024  -3.133  7.172   1.00 35.19  ? 440 GLN A CB  1 
ATOM   1421 C CG  . GLN A 1 190 ? -6.878  -1.637  6.951   1.00 38.58  ? 440 GLN A CG  1 
ATOM   1422 C CD  . GLN A 1 190 ? -7.293  -0.832  8.159   1.00 34.31  ? 440 GLN A CD  1 
ATOM   1423 O OE1 . GLN A 1 190 ? -8.457  -0.850  8.559   1.00 42.46  ? 440 GLN A OE1 1 
ATOM   1424 N NE2 . GLN A 1 190 ? -6.341  -0.121  8.754   1.00 36.22  ? 440 GLN A NE2 1 
ATOM   1425 N N   . TYR A 1 191 ? -5.159  -5.994  8.060   1.00 33.24  ? 441 TYR A N   1 
ATOM   1426 C CA  . TYR A 1 191 ? -5.264  -7.421  7.785   1.00 43.55  ? 441 TYR A CA  1 
ATOM   1427 C C   . TYR A 1 191 ? -5.176  -8.221  9.080   1.00 43.45  ? 441 TYR A C   1 
ATOM   1428 O O   . TYR A 1 191 ? -4.188  -8.119  9.817   1.00 31.31  ? 441 TYR A O   1 
ATOM   1429 C CB  . TYR A 1 191 ? -4.171  -7.863  6.816   1.00 32.97  ? 441 TYR A CB  1 
ATOM   1430 C CG  . TYR A 1 191 ? -4.164  -9.350  6.570   1.00 26.07  ? 441 TYR A CG  1 
ATOM   1431 C CD1 . TYR A 1 191 ? -5.153  -9.948  5.803   1.00 36.09  ? 441 TYR A CD1 1 
ATOM   1432 C CD2 . TYR A 1 191 ? -3.174  -10.157 7.109   1.00 31.70  ? 441 TYR A CD2 1 
ATOM   1433 C CE1 . TYR A 1 191 ? -5.154  -11.310 5.577   1.00 29.22  ? 441 TYR A CE1 1 
ATOM   1434 C CE2 . TYR A 1 191 ? -3.165  -11.520 6.887   1.00 30.29  ? 441 TYR A CE2 1 
ATOM   1435 C CZ  . TYR A 1 191 ? -4.158  -12.091 6.121   1.00 44.22  ? 441 TYR A CZ  1 
ATOM   1436 O OH  . TYR A 1 191 ? -4.155  -13.448 5.897   1.00 48.18  ? 441 TYR A OH  1 
ATOM   1437 N N   . GLU A 1 192 ? -6.204  -9.023  9.342   1.00 46.63  ? 442 GLU A N   1 
ATOM   1438 C CA  . GLU A 1 192 ? -6.184  -9.979  10.440  1.00 55.69  ? 442 GLU A CA  1 
ATOM   1439 C C   . GLU A 1 192 ? -5.757  -11.336 9.893   1.00 55.78  ? 442 GLU A C   1 
ATOM   1440 O O   . GLU A 1 192 ? -6.472  -11.933 9.081   1.00 59.10  ? 442 GLU A O   1 
ATOM   1441 C CB  . GLU A 1 192 ? -7.559  -10.094 11.101  1.00 71.61  ? 442 GLU A CB  1 
ATOM   1442 C CG  . GLU A 1 192 ? -8.336  -8.791  11.197  1.00 77.74  ? 442 GLU A CG  1 
ATOM   1443 C CD  . GLU A 1 192 ? -9.708  -8.986  11.811  1.00 80.24  ? 442 GLU A CD  1 
ATOM   1444 O OE1 . GLU A 1 192 ? -10.364 -9.999  11.491  1.00 63.06  ? 442 GLU A OE1 1 
ATOM   1445 O OE2 . GLU A 1 192 ? -10.128 -8.131  12.617  1.00 92.76  ? 442 GLU A OE2 1 
ATOM   1446 N N   . GLY A 1 193 ? -4.596  -11.816 10.330  1.00 54.30  ? 443 GLY A N   1 
ATOM   1447 C CA  . GLY A 1 193 ? -4.176  -13.165 10.002  1.00 69.34  ? 443 GLY A CA  1 
ATOM   1448 C C   . GLY A 1 193 ? -4.415  -14.084 11.180  1.00 73.60  ? 443 GLY A C   1 
ATOM   1449 O O   . GLY A 1 193 ? -5.389  -14.845 11.209  1.00 62.35  ? 443 GLY A O   1 
ATOM   1450 N N   . LYS A 1 194 ? -3.507  -14.019 12.151  1.00 85.79  ? 444 LYS A N   1 
ATOM   1451 C CA  . LYS A 1 194 ? -3.756  -14.485 13.508  1.00 85.10  ? 444 LYS A CA  1 
ATOM   1452 C C   . LYS A 1 194 ? -3.601  -13.343 14.506  1.00 93.15  ? 444 LYS A C   1 
ATOM   1453 O O   . LYS A 1 194 ? -3.557  -13.584 15.718  1.00 87.91  ? 444 LYS A O   1 
ATOM   1454 C CB  . LYS A 1 194 ? -2.819  -15.646 13.858  1.00 61.90  ? 444 LYS A CB  1 
ATOM   1455 C CG  . LYS A 1 194 ? -3.012  -16.886 12.990  1.00 66.20  ? 444 LYS A CG  1 
ATOM   1456 C CD  . LYS A 1 194 ? -4.448  -17.382 13.038  1.00 73.63  ? 444 LYS A CD  1 
ATOM   1457 C CE  . LYS A 1 194 ? -4.622  -18.690 12.302  1.00 64.53  ? 444 LYS A CE  1 
ATOM   1458 N NZ  . LYS A 1 194 ? -4.104  -18.625 10.908  1.00 57.72  ? 444 LYS A NZ  1 
ATOM   1459 N N   . ASP A 1 195 ? -3.527  -12.104 14.021  1.00 100.92 ? 445 ASP A N   1 
ATOM   1460 C CA  . ASP A 1 195 ? -3.406  -10.916 14.856  1.00 93.91  ? 445 ASP A CA  1 
ATOM   1461 C C   . ASP A 1 195 ? -3.871  -9.712  14.047  1.00 72.22  ? 445 ASP A C   1 
ATOM   1462 O O   . ASP A 1 195 ? -3.668  -9.651  12.833  1.00 84.78  ? 445 ASP A O   1 
ATOM   1463 C CB  . ASP A 1 195 ? -1.968  -10.687 15.344  1.00 92.26  ? 445 ASP A CB  1 
ATOM   1464 C CG  . ASP A 1 195 ? -1.837  -9.421  16.171  1.00 95.41  ? 445 ASP A CG  1 
ATOM   1465 O OD1 . ASP A 1 195 ? -2.391  -9.387  17.291  1.00 91.30  ? 445 ASP A OD1 1 
ATOM   1466 O OD2 . ASP A 1 195 ? -1.183  -8.466  15.701  1.00 83.12  ? 445 ASP A OD2 1 
ATOM   1467 N N   . GLY A 1 196 ? -4.508  -8.768  14.733  1.00 75.36  ? 446 GLY A N   1 
ATOM   1468 C CA  . GLY A 1 196 ? -4.869  -7.492  14.145  1.00 45.86  ? 446 GLY A CA  1 
ATOM   1469 C C   . GLY A 1 196 ? -3.792  -6.475  14.461  1.00 66.18  ? 446 GLY A C   1 
ATOM   1470 O O   . GLY A 1 196 ? -3.148  -6.544  15.504  1.00 77.08  ? 446 GLY A O   1 
ATOM   1471 N N   . TYR A 1 197 ? -3.591  -5.519  13.560  1.00 64.47  ? 447 TYR A N   1 
ATOM   1472 C CA  . TYR A 1 197 ? -2.507  -4.567  13.753  1.00 65.81  ? 447 TYR A CA  1 
ATOM   1473 C C   . TYR A 1 197 ? -2.951  -3.460  14.705  1.00 58.65  ? 447 TYR A C   1 
ATOM   1474 O O   . TYR A 1 197 ? -3.976  -2.810  14.479  1.00 62.12  ? 447 TYR A O   1 
ATOM   1475 C CB  . TYR A 1 197 ? -2.051  -3.982  12.420  1.00 65.33  ? 447 TYR A CB  1 
ATOM   1476 C CG  . TYR A 1 197 ? -0.984  -2.934  12.598  1.00 55.55  ? 447 TYR A CG  1 
ATOM   1477 C CD1 . TYR A 1 197 ? 0.259   -3.259  13.131  1.00 56.04  ? 447 TYR A CD1 1 
ATOM   1478 C CD2 . TYR A 1 197 ? -1.227  -1.617  12.259  1.00 42.47  ? 447 TYR A CD2 1 
ATOM   1479 C CE1 . TYR A 1 197 ? 1.230   -2.297  13.308  1.00 51.50  ? 447 TYR A CE1 1 
ATOM   1480 C CE2 . TYR A 1 197 ? -0.267  -0.648  12.431  1.00 32.83  ? 447 TYR A CE2 1 
ATOM   1481 C CZ  . TYR A 1 197 ? 0.960   -0.991  12.955  1.00 47.26  ? 447 TYR A CZ  1 
ATOM   1482 O OH  . TYR A 1 197 ? 1.919   -0.025  13.127  1.00 61.27  ? 447 TYR A OH  1 
ATOM   1483 N N   . LYS A 1 198 ? -2.185  -3.258  15.774  1.00 65.67  ? 448 LYS A N   1 
ATOM   1484 C CA  . LYS A 1 198 ? -2.393  -2.164  16.711  1.00 66.19  ? 448 LYS A CA  1 
ATOM   1485 C C   . LYS A 1 198 ? -1.196  -1.225  16.660  1.00 68.54  ? 448 LYS A C   1 
ATOM   1486 O O   . LYS A 1 198 ? -0.099  -1.607  16.246  1.00 61.53  ? 448 LYS A O   1 
ATOM   1487 C CB  . LYS A 1 198 ? -2.598  -2.692  18.139  1.00 86.89  ? 448 LYS A CB  1 
ATOM   1488 C CG  . LYS A 1 198 ? -1.498  -3.623  18.618  1.00 93.98  ? 448 LYS A CG  1 
ATOM   1489 C CD  . LYS A 1 198 ? -1.759  -4.133  20.025  1.00 89.50  ? 448 LYS A CD  1 
ATOM   1490 C CE  . LYS A 1 198 ? -2.862  -5.182  20.044  1.00 78.36  ? 448 LYS A CE  1 
ATOM   1491 N NZ  . LYS A 1 198 ? -2.338  -6.534  20.382  1.00 69.13  ? 448 LYS A NZ  1 
ATOM   1492 N N   . PHE A 1 199 ? -1.418  0.018   17.078  1.00 71.39  ? 449 PHE A N   1 
ATOM   1493 C CA  . PHE A 1 199 ? -0.376  1.045   17.051  1.00 65.17  ? 449 PHE A CA  1 
ATOM   1494 C C   . PHE A 1 199 ? 0.031   1.363   15.620  1.00 73.12  ? 449 PHE A C   1 
ATOM   1495 O O   . PHE A 1 199 ? 0.249   2.524   15.272  1.00 64.29  ? 449 PHE A O   1 
ATOM   1496 C CB  . PHE A 1 199 ? 0.857   0.606   17.856  1.00 68.42  ? 449 PHE A CB  1 
ATOM   1497 C CG  . PHE A 1 199 ? 0.904   1.154   19.252  1.00 69.88  ? 449 PHE A CG  1 
ATOM   1498 C CD1 . PHE A 1 199 ? 0.729   2.508   19.490  1.00 82.75  ? 449 PHE A CD1 1 
ATOM   1499 C CD2 . PHE A 1 199 ? 1.135   0.313   20.327  1.00 76.73  ? 449 PHE A CD2 1 
ATOM   1500 C CE1 . PHE A 1 199 ? 0.772   3.011   20.771  1.00 72.55  ? 449 PHE A CE1 1 
ATOM   1501 C CE2 . PHE A 1 199 ? 1.181   0.811   21.614  1.00 99.84  ? 449 PHE A CE2 1 
ATOM   1502 C CZ  . PHE A 1 199 ? 1.000   2.161   21.837  1.00 86.31  ? 449 PHE A CZ  1 
HETATM 1503 O O   . HOH B 2 .   ? 4.646   11.912  8.569   1.00 81.27  ? 501 HOH A O   1 
HETATM 1504 O O   . HOH B 2 .   ? -8.605  11.907  -16.516 1.00 28.05  ? 502 HOH A O   1 
HETATM 1505 O O   . HOH B 2 .   ? -0.638  0.491   -12.603 1.00 29.93  ? 503 HOH A O   1 
HETATM 1506 O O   . HOH B 2 .   ? 6.724   3.982   -6.234  1.00 29.03  ? 504 HOH A O   1 
HETATM 1507 O O   . HOH B 2 .   ? -10.384 -12.584 -3.953  1.00 42.91  ? 505 HOH A O   1 
HETATM 1508 O O   . HOH B 2 .   ? 1.259   10.763  0.206   1.00 44.52  ? 506 HOH A O   1 
HETATM 1509 O O   . HOH B 2 .   ? 22.136  -7.123  5.841   1.00 43.90  ? 507 HOH A O   1 
HETATM 1510 O O   . HOH B 2 .   ? 13.017  5.634   9.578   1.00 35.66  ? 508 HOH A O   1 
HETATM 1511 O O   . HOH B 2 .   ? 26.398  7.613   19.432  1.00 47.79  ? 509 HOH A O   1 
HETATM 1512 O O   . HOH B 2 .   ? -11.195 -10.662 -5.545  1.00 20.75  ? 510 HOH A O   1 
HETATM 1513 O O   . HOH B 2 .   ? 3.272   -6.250  -17.420 1.00 40.35  ? 511 HOH A O   1 
HETATM 1514 O O   . HOH B 2 .   ? -8.082  -9.476  7.642   1.00 38.21  ? 512 HOH A O   1 
HETATM 1515 O O   . HOH B 2 .   ? -7.853  -13.606 -3.182  1.00 27.61  ? 513 HOH A O   1 
HETATM 1516 O O   . HOH B 2 .   ? 2.749   11.939  6.759   1.00 38.20  ? 514 HOH A O   1 
HETATM 1517 O O   . HOH B 2 .   ? -14.855 -18.669 -8.647  1.00 38.08  ? 515 HOH A O   1 
HETATM 1518 O O   . HOH B 2 .   ? -19.529 4.356   -10.669 1.00 44.82  ? 516 HOH A O   1 
HETATM 1519 O O   . HOH B 2 .   ? -4.951  -13.805 -11.895 1.00 31.66  ? 517 HOH A O   1 
HETATM 1520 O O   . HOH B 2 .   ? 19.204  2.152   -2.729  1.00 33.17  ? 518 HOH A O   1 
HETATM 1521 O O   . HOH B 2 .   ? 9.987   2.188   -8.046  1.00 38.18  ? 519 HOH A O   1 
HETATM 1522 O O   . HOH B 2 .   ? 8.190   8.116   -2.770  1.00 33.99  ? 520 HOH A O   1 
HETATM 1523 O O   . HOH B 2 .   ? 1.457   -2.583  7.507   1.00 27.81  ? 521 HOH A O   1 
HETATM 1524 O O   . HOH B 2 .   ? 17.903  2.425   -0.597  1.00 26.92  ? 522 HOH A O   1 
HETATM 1525 O O   . HOH B 2 .   ? 4.297   -13.162 2.240   1.00 26.52  ? 523 HOH A O   1 
HETATM 1526 O O   . HOH B 2 .   ? 0.863   10.130  -9.992  1.00 28.68  ? 524 HOH A O   1 
HETATM 1527 O O   . HOH B 2 .   ? 14.594  -4.841  1.607   1.00 29.38  ? 525 HOH A O   1 
HETATM 1528 O O   . HOH B 2 .   ? -10.872 18.295  -8.717  1.00 47.48  ? 526 HOH A O   1 
HETATM 1529 O O   . HOH B 2 .   ? 14.960  10.791  9.854   1.00 23.19  ? 527 HOH A O   1 
HETATM 1530 O O   . HOH B 2 .   ? 13.118  8.516   9.292   1.00 38.70  ? 528 HOH A O   1 
HETATM 1531 O O   . HOH B 2 .   ? -1.658  7.022   -14.817 1.00 37.38  ? 529 HOH A O   1 
HETATM 1532 O O   . HOH B 2 .   ? 18.257  -2.649  -4.164  1.00 36.22  ? 530 HOH A O   1 
HETATM 1533 O O   . HOH B 2 .   ? -3.534  12.892  -15.055 1.00 37.00  ? 531 HOH A O   1 
HETATM 1534 O O   . HOH B 2 .   ? 12.584  1.323   -2.277  1.00 31.02  ? 532 HOH A O   1 
HETATM 1535 O O   . HOH B 2 .   ? 3.170   -17.414 -9.208  1.00 30.22  ? 533 HOH A O   1 
HETATM 1536 O O   . HOH B 2 .   ? 4.847   -10.646 -14.906 1.00 42.46  ? 534 HOH A O   1 
HETATM 1537 O O   . HOH B 2 .   ? 24.269  -0.914  5.564   1.00 56.66  ? 535 HOH A O   1 
HETATM 1538 O O   . HOH B 2 .   ? 10.936  8.114   -1.377  1.00 27.39  ? 536 HOH A O   1 
HETATM 1539 O O   . HOH B 2 .   ? -11.416 -13.508 -9.362  1.00 37.19  ? 537 HOH A O   1 
HETATM 1540 O O   . HOH B 2 .   ? -15.179 -4.416  -0.075  1.00 29.67  ? 538 HOH A O   1 
HETATM 1541 O O   . HOH B 2 .   ? 13.008  8.177   -10.517 1.00 31.49  ? 539 HOH A O   1 
HETATM 1542 O O   . HOH B 2 .   ? -10.494 -4.509  -11.622 1.00 35.72  ? 540 HOH A O   1 
HETATM 1543 O O   . HOH B 2 .   ? 4.854   -3.076  13.712  1.00 39.80  ? 541 HOH A O   1 
HETATM 1544 O O   . HOH B 2 .   ? -22.692 -12.489 -2.222  1.00 38.06  ? 542 HOH A O   1 
HETATM 1545 O O   . HOH B 2 .   ? 8.346   -10.590 -12.798 1.00 35.76  ? 543 HOH A O   1 
HETATM 1546 O O   . HOH B 2 .   ? -16.012 -11.637 4.486   1.00 48.81  ? 544 HOH A O   1 
HETATM 1547 O O   . HOH B 2 .   ? 9.133   9.440   -0.410  1.00 41.18  ? 545 HOH A O   1 
HETATM 1548 O O   . HOH B 2 .   ? -10.681 -16.133 5.673   1.00 44.63  ? 546 HOH A O   1 
HETATM 1549 O O   . HOH B 2 .   ? 13.773  9.824   -2.527  1.00 39.74  ? 547 HOH A O   1 
HETATM 1550 O O   . HOH B 2 .   ? -2.868  18.404  -10.019 1.00 27.60  ? 548 HOH A O   1 
HETATM 1551 O O   . HOH B 2 .   ? 1.196   6.369   -15.379 1.00 34.93  ? 549 HOH A O   1 
HETATM 1552 O O   . HOH B 2 .   ? 16.944  1.598   -6.810  1.00 40.54  ? 550 HOH A O   1 
HETATM 1553 O O   . HOH B 2 .   ? 1.243   -12.178 -14.964 1.00 29.22  ? 551 HOH A O   1 
HETATM 1554 O O   . HOH B 2 .   ? 12.527  7.119   1.432   1.00 22.61  ? 552 HOH A O   1 
HETATM 1555 O O   . HOH B 2 .   ? 13.276  9.973   -6.061  1.00 38.59  ? 553 HOH A O   1 
HETATM 1556 O O   . HOH B 2 .   ? -6.466  -4.870  12.761  1.00 43.49  ? 554 HOH A O   1 
HETATM 1557 O O   . HOH B 2 .   ? -0.114  -0.302  -16.566 1.00 55.92  ? 555 HOH A O   1 
HETATM 1558 O O   . HOH B 2 .   ? 15.420  -0.226  -7.710  1.00 34.14  ? 556 HOH A O   1 
HETATM 1559 O O   . HOH B 2 .   ? -13.634 -5.820  -9.977  1.00 30.15  ? 557 HOH A O   1 
HETATM 1560 O O   . HOH B 2 .   ? -1.198  -8.743  -19.156 1.00 28.61  ? 558 HOH A O   1 
HETATM 1561 O O   . HOH B 2 .   ? 6.742   9.873   -5.801  1.00 38.25  ? 559 HOH A O   1 
HETATM 1562 O O   . HOH B 2 .   ? 11.696  -0.831  -11.186 1.00 38.16  ? 560 HOH A O   1 
HETATM 1563 O O   . HOH B 2 .   ? -13.849 2.708   7.089   1.00 45.58  ? 561 HOH A O   1 
HETATM 1564 O O   . HOH B 2 .   ? 3.396   -15.463 -12.094 1.00 23.01  ? 562 HOH A O   1 
HETATM 1565 O O   . HOH B 2 .   ? -16.303 -15.948 -3.611  1.00 29.83  ? 563 HOH A O   1 
HETATM 1566 O O   . HOH B 2 .   ? 9.649   9.656   -5.017  1.00 42.85  ? 564 HOH A O   1 
HETATM 1567 O O   . HOH B 2 .   ? 7.476   -8.107  -14.418 1.00 26.38  ? 565 HOH A O   1 
HETATM 1568 O O   . HOH B 2 .   ? 20.064  7.721   19.012  1.00 30.53  ? 566 HOH A O   1 
HETATM 1569 O O   . HOH B 2 .   ? -16.312 -16.662 -1.301  1.00 37.02  ? 567 HOH A O   1 
HETATM 1570 O O   . HOH B 2 .   ? 20.775  -3.757  9.303   1.00 40.57  ? 568 HOH A O   1 
HETATM 1571 O O   . HOH B 2 .   ? -18.481 -13.970 -4.314  1.00 39.86  ? 569 HOH A O   1 
HETATM 1572 O O   . HOH B 2 .   ? 11.295  10.953  -3.501  1.00 45.95  ? 570 HOH A O   1 
HETATM 1573 O O   . HOH B 2 .   ? 11.740  10.675  -9.640  1.00 46.60  ? 571 HOH A O   1 
HETATM 1574 O O   . HOH B 2 .   ? 5.307   9.975   -0.672  1.00 45.10  ? 572 HOH A O   1 
HETATM 1575 O O   . HOH B 2 .   ? 2.358   -0.603  -13.330 1.00 38.90  ? 573 HOH A O   1 
HETATM 1576 O O   . HOH B 2 .   ? 8.634   -15.746 -11.576 1.00 32.79  ? 574 HOH A O   1 
HETATM 1577 O O   . HOH B 2 .   ? 15.526  -0.090  13.611  1.00 40.72  ? 575 HOH A O   1 
HETATM 1578 O O   . HOH B 2 .   ? 13.179  0.522   -6.997  1.00 18.40  ? 576 HOH A O   1 
HETATM 1579 O O   . HOH B 2 .   ? 7.005   16.257  -6.570  1.00 56.84  ? 577 HOH A O   1 
HETATM 1580 O O   . HOH B 2 .   ? -4.001  13.755  12.849  1.00 53.62  ? 578 HOH A O   1 
HETATM 1581 O O   . HOH B 2 .   ? 11.280  0.125   -8.817  1.00 31.47  ? 579 HOH A O   1 
HETATM 1582 O O   . HOH B 2 .   ? 8.072   12.570  -5.602  1.00 40.25  ? 580 HOH A O   1 
HETATM 1583 O O   . HOH B 2 .   ? 2.590   -8.745  -17.723 1.00 55.03  ? 581 HOH A O   1 
HETATM 1584 O O   . HOH B 2 .   ? 8.813   11.635  -12.307 1.00 43.17  ? 582 HOH A O   1 
HETATM 1585 O O   . HOH B 2 .   ? 10.026  3.206   -11.252 1.00 38.28  ? 583 HOH A O   1 
HETATM 1586 O O   . HOH B 2 .   ? -14.417 8.760   7.974   1.00 46.23  ? 584 HOH A O   1 
HETATM 1587 O O   . HOH B 2 .   ? 26.097  12.046  16.872  1.00 37.57  ? 585 HOH A O   1 
HETATM 1588 O O   . HOH B 2 .   ? 4.135   0.870   -12.605 1.00 40.30  ? 586 HOH A O   1 
HETATM 1589 O O   . HOH B 2 .   ? -4.272  -13.314 -14.412 1.00 32.42  ? 587 HOH A O   1 
HETATM 1590 O O   . HOH B 2 .   ? 8.839   -2.962  15.332  1.00 44.03  ? 588 HOH A O   1 
HETATM 1591 O O   . HOH B 2 .   ? 10.625  16.038  -8.613  1.00 59.69  ? 589 HOH A O   1 
HETATM 1592 O O   . HOH B 2 .   ? 2.921   -13.866 -13.574 1.00 30.42  ? 590 HOH A O   1 
HETATM 1593 O O   . HOH B 2 .   ? 0.379   17.112  -13.569 1.00 48.16  ? 591 HOH A O   1 
HETATM 1594 O O   . HOH B 2 .   ? -16.344 5.965   7.426   1.00 52.31  ? 592 HOH A O   1 
HETATM 1595 O O   . HOH B 2 .   ? -7.481  -2.887  12.616  1.00 48.91  ? 593 HOH A O   1 
HETATM 1596 O O   . HOH B 2 .   ? 0.671   7.751   2.299   1.00 34.53  ? 594 HOH A O   1 
HETATM 1597 O O   . HOH B 2 .   ? 15.398  -9.167  11.657  1.00 47.60  ? 595 HOH A O   1 
HETATM 1598 O O   . HOH B 2 .   ? 11.522  -5.057  13.695  1.00 43.83  ? 596 HOH A O   1 
HETATM 1599 O O   . HOH B 2 .   ? -7.743  -16.587 -13.464 1.00 42.60  ? 597 HOH A O   1 
# 
